data_4UOS
# 
_entry.id   4UOS 
# 
_audit_conform.dict_name       mmcif_pdbx.dic 
_audit_conform.dict_version    5.391 
_audit_conform.dict_location   http://mmcif.pdb.org/dictionaries/ascii/mmcif_pdbx.dic 
# 
loop_
_database_2.database_id 
_database_2.database_code 
_database_2.pdbx_database_accession 
_database_2.pdbx_DOI 
PDB   4UOS         pdb_00004uos 10.2210/pdb4uos/pdb 
PDBE  EBI-60904    ?            ?                   
WWPDB D_1290060904 ?            ?                   
# 
loop_
_pdbx_audit_revision_history.ordinal 
_pdbx_audit_revision_history.data_content_type 
_pdbx_audit_revision_history.major_revision 
_pdbx_audit_revision_history.minor_revision 
_pdbx_audit_revision_history.revision_date 
1 'Structure model' 1 0 2014-11-05 
2 'Structure model' 1 1 2014-11-19 
3 'Structure model' 1 2 2016-12-14 
4 'Structure model' 1 3 2024-05-08 
# 
_pdbx_audit_revision_details.ordinal             1 
_pdbx_audit_revision_details.revision_ordinal    1 
_pdbx_audit_revision_details.data_content_type   'Structure model' 
_pdbx_audit_revision_details.provider            repository 
_pdbx_audit_revision_details.type                'Initial release' 
_pdbx_audit_revision_details.description         ? 
_pdbx_audit_revision_details.details             ? 
# 
loop_
_pdbx_audit_revision_group.ordinal 
_pdbx_audit_revision_group.revision_ordinal 
_pdbx_audit_revision_group.data_content_type 
_pdbx_audit_revision_group.group 
1 2 'Structure model' 'Database references' 
2 3 'Structure model' 'Data collection'     
3 4 'Structure model' 'Data collection'     
4 4 'Structure model' 'Database references' 
5 4 'Structure model' Other                 
# 
loop_
_pdbx_audit_revision_category.ordinal 
_pdbx_audit_revision_category.revision_ordinal 
_pdbx_audit_revision_category.data_content_type 
_pdbx_audit_revision_category.category 
1 4 'Structure model' chem_comp_atom       
2 4 'Structure model' chem_comp_bond       
3 4 'Structure model' database_2           
4 4 'Structure model' pdbx_database_status 
# 
loop_
_pdbx_audit_revision_item.ordinal 
_pdbx_audit_revision_item.revision_ordinal 
_pdbx_audit_revision_item.data_content_type 
_pdbx_audit_revision_item.item 
1 4 'Structure model' '_database_2.pdbx_DOI'                 
2 4 'Structure model' '_database_2.pdbx_database_accession'  
3 4 'Structure model' '_pdbx_database_status.status_code_sf' 
# 
_pdbx_database_status.status_code                     REL 
_pdbx_database_status.entry_id                        4UOS 
_pdbx_database_status.deposit_site                    PDBE 
_pdbx_database_status.process_site                    PDBE 
_pdbx_database_status.SG_entry                        . 
_pdbx_database_status.recvd_initial_deposition_date   2014-06-09 
_pdbx_database_status.pdb_format_compatible           Y 
_pdbx_database_status.status_code_sf                  REL 
_pdbx_database_status.status_code_mr                  ? 
_pdbx_database_status.status_code_cs                  ? 
_pdbx_database_status.methods_development_category    ? 
_pdbx_database_status.status_code_nmr_data            ? 
# 
_pdbx_database_related.db_name        PDB 
_pdbx_database_related.db_id          4UOT 
_pdbx_database_related.content_type   unspecified 
_pdbx_database_related.details        'THERMODYNAMIC HYPERSTABILITY IN PARAMETRICALLY DESIGNED HELICAL BUNDLES' 
# 
loop_
_audit_author.name 
_audit_author.pdbx_ordinal 
'Oberdorfer, G.' 1  
'Huang, P.'      2  
'Pei, X.Y.'      3  
'Xu, C.'         4  
'Gonen, T.'      5  
'Nannenga, B.'   6  
'DiMaio, D.'     7  
'Rogers, J.'     8  
'Luisi, B.F.'    9  
'Baker, D.'      10 
# 
_citation.id                        primary 
_citation.title                     'High Thermodynamic Stability of Parametrically Designed Helical Bundles' 
_citation.journal_abbrev            Science 
_citation.journal_volume            346 
_citation.page_first                481 
_citation.page_last                 ? 
_citation.year                      2014 
_citation.journal_id_ASTM           SCIEAS 
_citation.country                   US 
_citation.journal_id_ISSN           0036-8075 
_citation.journal_id_CSD            0038 
_citation.book_publisher            ? 
_citation.pdbx_database_id_PubMed   25342806 
_citation.pdbx_database_id_DOI      10.1126/SCIENCE.1257481 
# 
loop_
_citation_author.citation_id 
_citation_author.name 
_citation_author.ordinal 
_citation_author.identifier_ORCID 
primary 'Huang, P.'      1  ? 
primary 'Oberdorfer, G.' 2  ? 
primary 'Xu, C.'         3  ? 
primary 'Pei, X.Y.'      4  ? 
primary 'Nannenga, B.L.' 5  ? 
primary 'Rogers, J.M.'   6  ? 
primary 'Dimaio, F.'     7  ? 
primary 'Gonen, T.'      8  ? 
primary 'Luisi, B.'      9  ? 
primary 'Baker, D.'      10 ? 
# 
loop_
_entity.id 
_entity.type 
_entity.src_method 
_entity.pdbx_description 
_entity.formula_weight 
_entity.pdbx_number_of_molecules 
_entity.pdbx_ec 
_entity.pdbx_mutation 
_entity.pdbx_fragment 
_entity.details 
1 polymer man 'DESIGNED HELICAL BUNDLE' 22439.832 1   ? ? ? ? 
2 water   nat water                     18.015    302 ? ? ? ? 
# 
_entity_poly.entity_id                      1 
_entity_poly.type                           'polypeptide(L)' 
_entity_poly.nstd_linkage                   no 
_entity_poly.nstd_monomer                   no 
_entity_poly.pdbx_seq_one_letter_code       
;MGDNEEVKKMLEKMIEEIKKMLEKAIKKVKEMLEKMIKEIKKMLENGEDSEKILKKAKEMAEKILKMVIELAEKILKKAK
EMAEKILKKVKELGVDNEEVKKMLEKMIEEIKKMLEKAIKKVKEMLEKMIKEIKKMLENGEDSEKILKKAKEMAEKILKM
VIELAEKILKKAKEMAEKILKKVKELGVGGW
;
_entity_poly.pdbx_seq_one_letter_code_can   
;MGDNEEVKKMLEKMIEEIKKMLEKAIKKVKEMLEKMIKEIKKMLENGEDSEKILKKAKEMAEKILKMVIELAEKILKKAK
EMAEKILKKVKELGVDNEEVKKMLEKMIEEIKKMLEKAIKKVKEMLEKMIKEIKKMLENGEDSEKILKKAKEMAEKILKM
VIELAEKILKKAKEMAEKILKKVKELGVGGW
;
_entity_poly.pdbx_strand_id                 A 
_entity_poly.pdbx_target_identifier         ? 
# 
_pdbx_entity_nonpoly.entity_id   2 
_pdbx_entity_nonpoly.name        water 
_pdbx_entity_nonpoly.comp_id     HOH 
# 
loop_
_entity_poly_seq.entity_id 
_entity_poly_seq.num 
_entity_poly_seq.mon_id 
_entity_poly_seq.hetero 
1 1   MET n 
1 2   GLY n 
1 3   ASP n 
1 4   ASN n 
1 5   GLU n 
1 6   GLU n 
1 7   VAL n 
1 8   LYS n 
1 9   LYS n 
1 10  MET n 
1 11  LEU n 
1 12  GLU n 
1 13  LYS n 
1 14  MET n 
1 15  ILE n 
1 16  GLU n 
1 17  GLU n 
1 18  ILE n 
1 19  LYS n 
1 20  LYS n 
1 21  MET n 
1 22  LEU n 
1 23  GLU n 
1 24  LYS n 
1 25  ALA n 
1 26  ILE n 
1 27  LYS n 
1 28  LYS n 
1 29  VAL n 
1 30  LYS n 
1 31  GLU n 
1 32  MET n 
1 33  LEU n 
1 34  GLU n 
1 35  LYS n 
1 36  MET n 
1 37  ILE n 
1 38  LYS n 
1 39  GLU n 
1 40  ILE n 
1 41  LYS n 
1 42  LYS n 
1 43  MET n 
1 44  LEU n 
1 45  GLU n 
1 46  ASN n 
1 47  GLY n 
1 48  GLU n 
1 49  ASP n 
1 50  SER n 
1 51  GLU n 
1 52  LYS n 
1 53  ILE n 
1 54  LEU n 
1 55  LYS n 
1 56  LYS n 
1 57  ALA n 
1 58  LYS n 
1 59  GLU n 
1 60  MET n 
1 61  ALA n 
1 62  GLU n 
1 63  LYS n 
1 64  ILE n 
1 65  LEU n 
1 66  LYS n 
1 67  MET n 
1 68  VAL n 
1 69  ILE n 
1 70  GLU n 
1 71  LEU n 
1 72  ALA n 
1 73  GLU n 
1 74  LYS n 
1 75  ILE n 
1 76  LEU n 
1 77  LYS n 
1 78  LYS n 
1 79  ALA n 
1 80  LYS n 
1 81  GLU n 
1 82  MET n 
1 83  ALA n 
1 84  GLU n 
1 85  LYS n 
1 86  ILE n 
1 87  LEU n 
1 88  LYS n 
1 89  LYS n 
1 90  VAL n 
1 91  LYS n 
1 92  GLU n 
1 93  LEU n 
1 94  GLY n 
1 95  VAL n 
1 96  ASP n 
1 97  ASN n 
1 98  GLU n 
1 99  GLU n 
1 100 VAL n 
1 101 LYS n 
1 102 LYS n 
1 103 MET n 
1 104 LEU n 
1 105 GLU n 
1 106 LYS n 
1 107 MET n 
1 108 ILE n 
1 109 GLU n 
1 110 GLU n 
1 111 ILE n 
1 112 LYS n 
1 113 LYS n 
1 114 MET n 
1 115 LEU n 
1 116 GLU n 
1 117 LYS n 
1 118 ALA n 
1 119 ILE n 
1 120 LYS n 
1 121 LYS n 
1 122 VAL n 
1 123 LYS n 
1 124 GLU n 
1 125 MET n 
1 126 LEU n 
1 127 GLU n 
1 128 LYS n 
1 129 MET n 
1 130 ILE n 
1 131 LYS n 
1 132 GLU n 
1 133 ILE n 
1 134 LYS n 
1 135 LYS n 
1 136 MET n 
1 137 LEU n 
1 138 GLU n 
1 139 ASN n 
1 140 GLY n 
1 141 GLU n 
1 142 ASP n 
1 143 SER n 
1 144 GLU n 
1 145 LYS n 
1 146 ILE n 
1 147 LEU n 
1 148 LYS n 
1 149 LYS n 
1 150 ALA n 
1 151 LYS n 
1 152 GLU n 
1 153 MET n 
1 154 ALA n 
1 155 GLU n 
1 156 LYS n 
1 157 ILE n 
1 158 LEU n 
1 159 LYS n 
1 160 MET n 
1 161 VAL n 
1 162 ILE n 
1 163 GLU n 
1 164 LEU n 
1 165 ALA n 
1 166 GLU n 
1 167 LYS n 
1 168 ILE n 
1 169 LEU n 
1 170 LYS n 
1 171 LYS n 
1 172 ALA n 
1 173 LYS n 
1 174 GLU n 
1 175 MET n 
1 176 ALA n 
1 177 GLU n 
1 178 LYS n 
1 179 ILE n 
1 180 LEU n 
1 181 LYS n 
1 182 LYS n 
1 183 VAL n 
1 184 LYS n 
1 185 GLU n 
1 186 LEU n 
1 187 GLY n 
1 188 VAL n 
1 189 GLY n 
1 190 GLY n 
1 191 TRP n 
# 
_entity_src_gen.entity_id                          1 
_entity_src_gen.pdbx_src_id                        1 
_entity_src_gen.pdbx_alt_source_flag               sample 
_entity_src_gen.pdbx_seq_type                      ? 
_entity_src_gen.pdbx_beg_seq_num                   ? 
_entity_src_gen.pdbx_end_seq_num                   ? 
_entity_src_gen.gene_src_common_name               ? 
_entity_src_gen.gene_src_genus                     ? 
_entity_src_gen.pdbx_gene_src_gene                 ? 
_entity_src_gen.gene_src_species                   ? 
_entity_src_gen.gene_src_strain                    ? 
_entity_src_gen.gene_src_tissue                    ? 
_entity_src_gen.gene_src_tissue_fraction           ? 
_entity_src_gen.gene_src_details                   ? 
_entity_src_gen.pdbx_gene_src_fragment             ? 
_entity_src_gen.pdbx_gene_src_scientific_name      'SYNTHETIC CONSTRUCT' 
_entity_src_gen.pdbx_gene_src_ncbi_taxonomy_id     32630 
_entity_src_gen.pdbx_gene_src_variant              ? 
_entity_src_gen.pdbx_gene_src_cell_line            ? 
_entity_src_gen.pdbx_gene_src_atcc                 ? 
_entity_src_gen.pdbx_gene_src_organ                ? 
_entity_src_gen.pdbx_gene_src_organelle            ? 
_entity_src_gen.pdbx_gene_src_cell                 ? 
_entity_src_gen.pdbx_gene_src_cellular_location    ? 
_entity_src_gen.host_org_common_name               ? 
_entity_src_gen.pdbx_host_org_scientific_name      'ESCHERICHIA COLI' 
_entity_src_gen.pdbx_host_org_ncbi_taxonomy_id     469008 
_entity_src_gen.host_org_genus                     ? 
_entity_src_gen.pdbx_host_org_gene                 ? 
_entity_src_gen.pdbx_host_org_organ                ? 
_entity_src_gen.host_org_species                   ? 
_entity_src_gen.pdbx_host_org_tissue               ? 
_entity_src_gen.pdbx_host_org_tissue_fraction      ? 
_entity_src_gen.pdbx_host_org_strain               'BL21(DE3)' 
_entity_src_gen.pdbx_host_org_variant              ROSETTA2PLYSS 
_entity_src_gen.pdbx_host_org_cell_line            ? 
_entity_src_gen.pdbx_host_org_atcc                 ? 
_entity_src_gen.pdbx_host_org_culture_collection   ? 
_entity_src_gen.pdbx_host_org_cell                 ? 
_entity_src_gen.pdbx_host_org_organelle            ? 
_entity_src_gen.pdbx_host_org_cellular_location    ? 
_entity_src_gen.pdbx_host_org_vector_type          PLASMID 
_entity_src_gen.pdbx_host_org_vector               PET15 
_entity_src_gen.host_org_details                   ? 
_entity_src_gen.expression_system_id               ? 
_entity_src_gen.plasmid_name                       ? 
_entity_src_gen.plasmid_details                    ? 
_entity_src_gen.pdbx_description                   ? 
# 
loop_
_chem_comp.id 
_chem_comp.type 
_chem_comp.mon_nstd_flag 
_chem_comp.name 
_chem_comp.pdbx_synonyms 
_chem_comp.formula 
_chem_comp.formula_weight 
ALA 'L-peptide linking' y ALANINE         ? 'C3 H7 N O2'     89.093  
ASN 'L-peptide linking' y ASPARAGINE      ? 'C4 H8 N2 O3'    132.118 
ASP 'L-peptide linking' y 'ASPARTIC ACID' ? 'C4 H7 N O4'     133.103 
GLU 'L-peptide linking' y 'GLUTAMIC ACID' ? 'C5 H9 N O4'     147.129 
GLY 'peptide linking'   y GLYCINE         ? 'C2 H5 N O2'     75.067  
HOH non-polymer         . WATER           ? 'H2 O'           18.015  
ILE 'L-peptide linking' y ISOLEUCINE      ? 'C6 H13 N O2'    131.173 
LEU 'L-peptide linking' y LEUCINE         ? 'C6 H13 N O2'    131.173 
LYS 'L-peptide linking' y LYSINE          ? 'C6 H15 N2 O2 1' 147.195 
MET 'L-peptide linking' y METHIONINE      ? 'C5 H11 N O2 S'  149.211 
SER 'L-peptide linking' y SERINE          ? 'C3 H7 N O3'     105.093 
TRP 'L-peptide linking' y TRYPTOPHAN      ? 'C11 H12 N2 O2'  204.225 
VAL 'L-peptide linking' y VALINE          ? 'C5 H11 N O2'    117.146 
# 
loop_
_pdbx_poly_seq_scheme.asym_id 
_pdbx_poly_seq_scheme.entity_id 
_pdbx_poly_seq_scheme.seq_id 
_pdbx_poly_seq_scheme.mon_id 
_pdbx_poly_seq_scheme.ndb_seq_num 
_pdbx_poly_seq_scheme.pdb_seq_num 
_pdbx_poly_seq_scheme.auth_seq_num 
_pdbx_poly_seq_scheme.pdb_mon_id 
_pdbx_poly_seq_scheme.auth_mon_id 
_pdbx_poly_seq_scheme.pdb_strand_id 
_pdbx_poly_seq_scheme.pdb_ins_code 
_pdbx_poly_seq_scheme.hetero 
A 1 1   MET 1   -1  ?   ?   ?   A . n 
A 1 2   GLY 2   0   0   GLY GLY A . n 
A 1 3   ASP 3   1   1   ASP ASP A . n 
A 1 4   ASN 4   2   2   ASN ASN A . n 
A 1 5   GLU 5   3   3   GLU GLU A . n 
A 1 6   GLU 6   4   4   GLU GLU A . n 
A 1 7   VAL 7   5   5   VAL VAL A . n 
A 1 8   LYS 8   6   6   LYS LYS A . n 
A 1 9   LYS 9   7   7   LYS LYS A . n 
A 1 10  MET 10  8   8   MET MET A . n 
A 1 11  LEU 11  9   9   LEU LEU A . n 
A 1 12  GLU 12  10  10  GLU GLU A . n 
A 1 13  LYS 13  11  11  LYS LYS A . n 
A 1 14  MET 14  12  12  MET MET A . n 
A 1 15  ILE 15  13  13  ILE ILE A . n 
A 1 16  GLU 16  14  14  GLU GLU A . n 
A 1 17  GLU 17  15  15  GLU GLU A . n 
A 1 18  ILE 18  16  16  ILE ILE A . n 
A 1 19  LYS 19  17  17  LYS LYS A . n 
A 1 20  LYS 20  18  18  LYS LYS A . n 
A 1 21  MET 21  19  19  MET MET A . n 
A 1 22  LEU 22  20  20  LEU LEU A . n 
A 1 23  GLU 23  21  21  GLU GLU A . n 
A 1 24  LYS 24  22  22  LYS LYS A . n 
A 1 25  ALA 25  23  23  ALA ALA A . n 
A 1 26  ILE 26  24  24  ILE ILE A . n 
A 1 27  LYS 27  25  25  LYS LYS A . n 
A 1 28  LYS 28  26  26  LYS LYS A . n 
A 1 29  VAL 29  27  27  VAL VAL A . n 
A 1 30  LYS 30  28  28  LYS LYS A . n 
A 1 31  GLU 31  29  29  GLU GLU A . n 
A 1 32  MET 32  30  30  MET MET A . n 
A 1 33  LEU 33  31  31  LEU LEU A . n 
A 1 34  GLU 34  32  32  GLU GLU A . n 
A 1 35  LYS 35  33  33  LYS LYS A . n 
A 1 36  MET 36  34  34  MET MET A . n 
A 1 37  ILE 37  35  35  ILE ILE A . n 
A 1 38  LYS 38  36  36  LYS LYS A . n 
A 1 39  GLU 39  37  37  GLU GLU A . n 
A 1 40  ILE 40  38  38  ILE ILE A . n 
A 1 41  LYS 41  39  39  LYS LYS A . n 
A 1 42  LYS 42  40  40  LYS LYS A . n 
A 1 43  MET 43  41  41  MET MET A . n 
A 1 44  LEU 44  42  42  LEU LEU A . n 
A 1 45  GLU 45  43  43  GLU GLU A . n 
A 1 46  ASN 46  44  44  ASN ASN A . n 
A 1 47  GLY 47  45  45  GLY GLY A . n 
A 1 48  GLU 48  46  46  GLU GLU A . n 
A 1 49  ASP 49  47  47  ASP ASP A . n 
A 1 50  SER 50  48  48  SER SER A . n 
A 1 51  GLU 51  49  49  GLU GLU A . n 
A 1 52  LYS 52  50  50  LYS LYS A . n 
A 1 53  ILE 53  51  51  ILE ILE A . n 
A 1 54  LEU 54  52  52  LEU LEU A . n 
A 1 55  LYS 55  53  53  LYS LYS A . n 
A 1 56  LYS 56  54  54  LYS LYS A . n 
A 1 57  ALA 57  55  55  ALA ALA A . n 
A 1 58  LYS 58  56  56  LYS LYS A . n 
A 1 59  GLU 59  57  57  GLU GLU A . n 
A 1 60  MET 60  58  58  MET MET A . n 
A 1 61  ALA 61  59  59  ALA ALA A . n 
A 1 62  GLU 62  60  60  GLU GLU A . n 
A 1 63  LYS 63  61  61  LYS LYS A . n 
A 1 64  ILE 64  62  62  ILE ILE A . n 
A 1 65  LEU 65  63  63  LEU LEU A . n 
A 1 66  LYS 66  64  64  LYS LYS A . n 
A 1 67  MET 67  65  65  MET MET A . n 
A 1 68  VAL 68  66  66  VAL VAL A . n 
A 1 69  ILE 69  67  67  ILE ILE A . n 
A 1 70  GLU 70  68  68  GLU GLU A . n 
A 1 71  LEU 71  69  69  LEU LEU A . n 
A 1 72  ALA 72  70  70  ALA ALA A . n 
A 1 73  GLU 73  71  71  GLU GLU A . n 
A 1 74  LYS 74  72  72  LYS LYS A . n 
A 1 75  ILE 75  73  73  ILE ILE A . n 
A 1 76  LEU 76  74  74  LEU LEU A . n 
A 1 77  LYS 77  75  75  LYS LYS A . n 
A 1 78  LYS 78  76  76  LYS LYS A . n 
A 1 79  ALA 79  77  77  ALA ALA A . n 
A 1 80  LYS 80  78  78  LYS LYS A . n 
A 1 81  GLU 81  79  79  GLU GLU A . n 
A 1 82  MET 82  80  80  MET MET A . n 
A 1 83  ALA 83  81  81  ALA ALA A . n 
A 1 84  GLU 84  82  82  GLU GLU A . n 
A 1 85  LYS 85  83  83  LYS LYS A . n 
A 1 86  ILE 86  84  84  ILE ILE A . n 
A 1 87  LEU 87  85  85  LEU LEU A . n 
A 1 88  LYS 88  86  86  LYS LYS A . n 
A 1 89  LYS 89  87  87  LYS LYS A . n 
A 1 90  VAL 90  88  88  VAL VAL A . n 
A 1 91  LYS 91  89  89  LYS LYS A . n 
A 1 92  GLU 92  90  90  GLU GLU A . n 
A 1 93  LEU 93  91  91  LEU LEU A . n 
A 1 94  GLY 94  92  92  GLY GLY A . n 
A 1 95  VAL 95  93  93  VAL VAL A . n 
A 1 96  ASP 96  94  94  ASP ASP A . n 
A 1 97  ASN 97  95  95  ASN ASN A . n 
A 1 98  GLU 98  96  96  GLU GLU A . n 
A 1 99  GLU 99  97  97  GLU GLU A . n 
A 1 100 VAL 100 98  98  VAL VAL A . n 
A 1 101 LYS 101 99  99  LYS LYS A . n 
A 1 102 LYS 102 100 100 LYS LYS A . n 
A 1 103 MET 103 101 101 MET MET A . n 
A 1 104 LEU 104 102 102 LEU LEU A . n 
A 1 105 GLU 105 103 103 GLU GLU A . n 
A 1 106 LYS 106 104 104 LYS LYS A . n 
A 1 107 MET 107 105 105 MET MET A . n 
A 1 108 ILE 108 106 106 ILE ILE A . n 
A 1 109 GLU 109 107 107 GLU GLU A . n 
A 1 110 GLU 110 108 108 GLU GLU A . n 
A 1 111 ILE 111 109 109 ILE ILE A . n 
A 1 112 LYS 112 110 110 LYS LYS A . n 
A 1 113 LYS 113 111 111 LYS LYS A . n 
A 1 114 MET 114 112 112 MET MET A . n 
A 1 115 LEU 115 113 113 LEU LEU A . n 
A 1 116 GLU 116 114 114 GLU GLU A . n 
A 1 117 LYS 117 115 115 LYS LYS A . n 
A 1 118 ALA 118 116 116 ALA ALA A . n 
A 1 119 ILE 119 117 117 ILE ILE A . n 
A 1 120 LYS 120 118 118 LYS LYS A . n 
A 1 121 LYS 121 119 119 LYS LYS A . n 
A 1 122 VAL 122 120 120 VAL VAL A . n 
A 1 123 LYS 123 121 121 LYS LYS A . n 
A 1 124 GLU 124 122 122 GLU GLU A . n 
A 1 125 MET 125 123 123 MET MET A . n 
A 1 126 LEU 126 124 124 LEU LEU A . n 
A 1 127 GLU 127 125 125 GLU GLU A . n 
A 1 128 LYS 128 126 126 LYS LYS A . n 
A 1 129 MET 129 127 127 MET MET A . n 
A 1 130 ILE 130 128 128 ILE ILE A . n 
A 1 131 LYS 131 129 129 LYS LYS A . n 
A 1 132 GLU 132 130 130 GLU GLU A . n 
A 1 133 ILE 133 131 131 ILE ILE A . n 
A 1 134 LYS 134 132 132 LYS LYS A . n 
A 1 135 LYS 135 133 133 LYS LYS A . n 
A 1 136 MET 136 134 134 MET MET A . n 
A 1 137 LEU 137 135 135 LEU LEU A . n 
A 1 138 GLU 138 136 136 GLU GLU A . n 
A 1 139 ASN 139 137 137 ASN ASN A . n 
A 1 140 GLY 140 138 138 GLY GLY A . n 
A 1 141 GLU 141 139 139 GLU GLU A . n 
A 1 142 ASP 142 140 140 ASP ASP A . n 
A 1 143 SER 143 141 141 SER SER A . n 
A 1 144 GLU 144 142 142 GLU GLU A . n 
A 1 145 LYS 145 143 143 LYS LYS A . n 
A 1 146 ILE 146 144 144 ILE ILE A . n 
A 1 147 LEU 147 145 145 LEU LEU A . n 
A 1 148 LYS 148 146 146 LYS LYS A . n 
A 1 149 LYS 149 147 147 LYS LYS A . n 
A 1 150 ALA 150 148 148 ALA ALA A . n 
A 1 151 LYS 151 149 149 LYS LYS A . n 
A 1 152 GLU 152 150 150 GLU GLU A . n 
A 1 153 MET 153 151 151 MET MET A . n 
A 1 154 ALA 154 152 152 ALA ALA A . n 
A 1 155 GLU 155 153 153 GLU GLU A . n 
A 1 156 LYS 156 154 154 LYS LYS A . n 
A 1 157 ILE 157 155 155 ILE ILE A . n 
A 1 158 LEU 158 156 156 LEU LEU A . n 
A 1 159 LYS 159 157 157 LYS LYS A . n 
A 1 160 MET 160 158 158 MET MET A . n 
A 1 161 VAL 161 159 159 VAL VAL A . n 
A 1 162 ILE 162 160 160 ILE ILE A . n 
A 1 163 GLU 163 161 161 GLU GLU A . n 
A 1 164 LEU 164 162 162 LEU LEU A . n 
A 1 165 ALA 165 163 163 ALA ALA A . n 
A 1 166 GLU 166 164 164 GLU GLU A . n 
A 1 167 LYS 167 165 165 LYS LYS A . n 
A 1 168 ILE 168 166 166 ILE ILE A . n 
A 1 169 LEU 169 167 167 LEU LEU A . n 
A 1 170 LYS 170 168 168 LYS LYS A . n 
A 1 171 LYS 171 169 169 LYS LYS A . n 
A 1 172 ALA 172 170 170 ALA ALA A . n 
A 1 173 LYS 173 171 171 LYS LYS A . n 
A 1 174 GLU 174 172 172 GLU GLU A . n 
A 1 175 MET 175 173 173 MET MET A . n 
A 1 176 ALA 176 174 174 ALA ALA A . n 
A 1 177 GLU 177 175 175 GLU GLU A . n 
A 1 178 LYS 178 176 176 LYS LYS A . n 
A 1 179 ILE 179 177 177 ILE ILE A . n 
A 1 180 LEU 180 178 178 LEU LEU A . n 
A 1 181 LYS 181 179 179 LYS LYS A . n 
A 1 182 LYS 182 180 180 LYS LYS A . n 
A 1 183 VAL 183 181 181 VAL VAL A . n 
A 1 184 LYS 184 182 182 LYS LYS A . n 
A 1 185 GLU 185 183 183 GLU GLU A . n 
A 1 186 LEU 186 184 184 LEU LEU A . n 
A 1 187 GLY 187 185 185 GLY GLY A . n 
A 1 188 VAL 188 186 186 VAL VAL A . n 
A 1 189 GLY 189 187 187 GLY GLY A . n 
A 1 190 GLY 190 188 ?   ?   ?   A . n 
A 1 191 TRP 191 189 ?   ?   ?   A . n 
# 
loop_
_pdbx_nonpoly_scheme.asym_id 
_pdbx_nonpoly_scheme.entity_id 
_pdbx_nonpoly_scheme.mon_id 
_pdbx_nonpoly_scheme.ndb_seq_num 
_pdbx_nonpoly_scheme.pdb_seq_num 
_pdbx_nonpoly_scheme.auth_seq_num 
_pdbx_nonpoly_scheme.pdb_mon_id 
_pdbx_nonpoly_scheme.auth_mon_id 
_pdbx_nonpoly_scheme.pdb_strand_id 
_pdbx_nonpoly_scheme.pdb_ins_code 
B 2 HOH 1   2001 2001 HOH HOH A . 
B 2 HOH 2   2002 2002 HOH HOH A . 
B 2 HOH 3   2003 2003 HOH HOH A . 
B 2 HOH 4   2004 2004 HOH HOH A . 
B 2 HOH 5   2005 2005 HOH HOH A . 
B 2 HOH 6   2006 2006 HOH HOH A . 
B 2 HOH 7   2007 2007 HOH HOH A . 
B 2 HOH 8   2008 2008 HOH HOH A . 
B 2 HOH 9   2009 2009 HOH HOH A . 
B 2 HOH 10  2010 2010 HOH HOH A . 
B 2 HOH 11  2011 2011 HOH HOH A . 
B 2 HOH 12  2012 2012 HOH HOH A . 
B 2 HOH 13  2013 2013 HOH HOH A . 
B 2 HOH 14  2014 2014 HOH HOH A . 
B 2 HOH 15  2015 2015 HOH HOH A . 
B 2 HOH 16  2016 2016 HOH HOH A . 
B 2 HOH 17  2017 2017 HOH HOH A . 
B 2 HOH 18  2018 2018 HOH HOH A . 
B 2 HOH 19  2019 2019 HOH HOH A . 
B 2 HOH 20  2020 2020 HOH HOH A . 
B 2 HOH 21  2021 2021 HOH HOH A . 
B 2 HOH 22  2022 2022 HOH HOH A . 
B 2 HOH 23  2023 2023 HOH HOH A . 
B 2 HOH 24  2024 2024 HOH HOH A . 
B 2 HOH 25  2025 2025 HOH HOH A . 
B 2 HOH 26  2026 2026 HOH HOH A . 
B 2 HOH 27  2027 2027 HOH HOH A . 
B 2 HOH 28  2028 2028 HOH HOH A . 
B 2 HOH 29  2029 2029 HOH HOH A . 
B 2 HOH 30  2030 2030 HOH HOH A . 
B 2 HOH 31  2031 2031 HOH HOH A . 
B 2 HOH 32  2032 2032 HOH HOH A . 
B 2 HOH 33  2033 2033 HOH HOH A . 
B 2 HOH 34  2034 2034 HOH HOH A . 
B 2 HOH 35  2035 2035 HOH HOH A . 
B 2 HOH 36  2036 2036 HOH HOH A . 
B 2 HOH 37  2037 2037 HOH HOH A . 
B 2 HOH 38  2038 2038 HOH HOH A . 
B 2 HOH 39  2039 2039 HOH HOH A . 
B 2 HOH 40  2040 2040 HOH HOH A . 
B 2 HOH 41  2041 2041 HOH HOH A . 
B 2 HOH 42  2042 2042 HOH HOH A . 
B 2 HOH 43  2043 2043 HOH HOH A . 
B 2 HOH 44  2044 2044 HOH HOH A . 
B 2 HOH 45  2045 2045 HOH HOH A . 
B 2 HOH 46  2046 2046 HOH HOH A . 
B 2 HOH 47  2047 2047 HOH HOH A . 
B 2 HOH 48  2048 2048 HOH HOH A . 
B 2 HOH 49  2049 2049 HOH HOH A . 
B 2 HOH 50  2050 2050 HOH HOH A . 
B 2 HOH 51  2051 2051 HOH HOH A . 
B 2 HOH 52  2052 2052 HOH HOH A . 
B 2 HOH 53  2053 2053 HOH HOH A . 
B 2 HOH 54  2054 2054 HOH HOH A . 
B 2 HOH 55  2055 2055 HOH HOH A . 
B 2 HOH 56  2056 2056 HOH HOH A . 
B 2 HOH 57  2057 2057 HOH HOH A . 
B 2 HOH 58  2058 2058 HOH HOH A . 
B 2 HOH 59  2059 2059 HOH HOH A . 
B 2 HOH 60  2060 2060 HOH HOH A . 
B 2 HOH 61  2061 2061 HOH HOH A . 
B 2 HOH 62  2062 2062 HOH HOH A . 
B 2 HOH 63  2063 2063 HOH HOH A . 
B 2 HOH 64  2064 2064 HOH HOH A . 
B 2 HOH 65  2065 2065 HOH HOH A . 
B 2 HOH 66  2066 2066 HOH HOH A . 
B 2 HOH 67  2067 2067 HOH HOH A . 
B 2 HOH 68  2068 2068 HOH HOH A . 
B 2 HOH 69  2069 2069 HOH HOH A . 
B 2 HOH 70  2070 2070 HOH HOH A . 
B 2 HOH 71  2071 2071 HOH HOH A . 
B 2 HOH 72  2072 2072 HOH HOH A . 
B 2 HOH 73  2073 2073 HOH HOH A . 
B 2 HOH 74  2074 2074 HOH HOH A . 
B 2 HOH 75  2075 2075 HOH HOH A . 
B 2 HOH 76  2076 2076 HOH HOH A . 
B 2 HOH 77  2077 2077 HOH HOH A . 
B 2 HOH 78  2078 2078 HOH HOH A . 
B 2 HOH 79  2079 2079 HOH HOH A . 
B 2 HOH 80  2080 2080 HOH HOH A . 
B 2 HOH 81  2081 2081 HOH HOH A . 
B 2 HOH 82  2082 2082 HOH HOH A . 
B 2 HOH 83  2083 2083 HOH HOH A . 
B 2 HOH 84  2084 2084 HOH HOH A . 
B 2 HOH 85  2085 2085 HOH HOH A . 
B 2 HOH 86  2086 2086 HOH HOH A . 
B 2 HOH 87  2087 2087 HOH HOH A . 
B 2 HOH 88  2088 2088 HOH HOH A . 
B 2 HOH 89  2089 2089 HOH HOH A . 
B 2 HOH 90  2090 2090 HOH HOH A . 
B 2 HOH 91  2091 2091 HOH HOH A . 
B 2 HOH 92  2092 2092 HOH HOH A . 
B 2 HOH 93  2093 2093 HOH HOH A . 
B 2 HOH 94  2094 2094 HOH HOH A . 
B 2 HOH 95  2095 2095 HOH HOH A . 
B 2 HOH 96  2096 2096 HOH HOH A . 
B 2 HOH 97  2097 2097 HOH HOH A . 
B 2 HOH 98  2098 2098 HOH HOH A . 
B 2 HOH 99  2099 2099 HOH HOH A . 
B 2 HOH 100 2100 2100 HOH HOH A . 
B 2 HOH 101 2101 2101 HOH HOH A . 
B 2 HOH 102 2102 2102 HOH HOH A . 
B 2 HOH 103 2103 2103 HOH HOH A . 
B 2 HOH 104 2104 2104 HOH HOH A . 
B 2 HOH 105 2105 2105 HOH HOH A . 
B 2 HOH 106 2106 2106 HOH HOH A . 
B 2 HOH 107 2107 2107 HOH HOH A . 
B 2 HOH 108 2108 2108 HOH HOH A . 
B 2 HOH 109 2109 2109 HOH HOH A . 
B 2 HOH 110 2110 2110 HOH HOH A . 
B 2 HOH 111 2111 2111 HOH HOH A . 
B 2 HOH 112 2112 2112 HOH HOH A . 
B 2 HOH 113 2113 2113 HOH HOH A . 
B 2 HOH 114 2114 2114 HOH HOH A . 
B 2 HOH 115 2115 2115 HOH HOH A . 
B 2 HOH 116 2116 2116 HOH HOH A . 
B 2 HOH 117 2117 2117 HOH HOH A . 
B 2 HOH 118 2118 2118 HOH HOH A . 
B 2 HOH 119 2119 2119 HOH HOH A . 
B 2 HOH 120 2120 2120 HOH HOH A . 
B 2 HOH 121 2121 2121 HOH HOH A . 
B 2 HOH 122 2122 2122 HOH HOH A . 
B 2 HOH 123 2123 2123 HOH HOH A . 
B 2 HOH 124 2124 2124 HOH HOH A . 
B 2 HOH 125 2125 2125 HOH HOH A . 
B 2 HOH 126 2126 2126 HOH HOH A . 
B 2 HOH 127 2127 2127 HOH HOH A . 
B 2 HOH 128 2128 2128 HOH HOH A . 
B 2 HOH 129 2129 2129 HOH HOH A . 
B 2 HOH 130 2130 2130 HOH HOH A . 
B 2 HOH 131 2131 2131 HOH HOH A . 
B 2 HOH 132 2132 2132 HOH HOH A . 
B 2 HOH 133 2133 2133 HOH HOH A . 
B 2 HOH 134 2134 2134 HOH HOH A . 
B 2 HOH 135 2135 2135 HOH HOH A . 
B 2 HOH 136 2136 2136 HOH HOH A . 
B 2 HOH 137 2137 2137 HOH HOH A . 
B 2 HOH 138 2138 2138 HOH HOH A . 
B 2 HOH 139 2139 2139 HOH HOH A . 
B 2 HOH 140 2140 2140 HOH HOH A . 
B 2 HOH 141 2141 2141 HOH HOH A . 
B 2 HOH 142 2142 2142 HOH HOH A . 
B 2 HOH 143 2143 2143 HOH HOH A . 
B 2 HOH 144 2144 2144 HOH HOH A . 
B 2 HOH 145 2145 2145 HOH HOH A . 
B 2 HOH 146 2146 2146 HOH HOH A . 
B 2 HOH 147 2147 2147 HOH HOH A . 
B 2 HOH 148 2148 2148 HOH HOH A . 
B 2 HOH 149 2149 2149 HOH HOH A . 
B 2 HOH 150 2150 2150 HOH HOH A . 
B 2 HOH 151 2151 2151 HOH HOH A . 
B 2 HOH 152 2152 2152 HOH HOH A . 
B 2 HOH 153 2153 2153 HOH HOH A . 
B 2 HOH 154 2154 2154 HOH HOH A . 
B 2 HOH 155 2155 2155 HOH HOH A . 
B 2 HOH 156 2156 2156 HOH HOH A . 
B 2 HOH 157 2157 2157 HOH HOH A . 
B 2 HOH 158 2158 2158 HOH HOH A . 
B 2 HOH 159 2159 2159 HOH HOH A . 
B 2 HOH 160 2160 2160 HOH HOH A . 
B 2 HOH 161 2161 2161 HOH HOH A . 
B 2 HOH 162 2162 2162 HOH HOH A . 
B 2 HOH 163 2163 2163 HOH HOH A . 
B 2 HOH 164 2164 2164 HOH HOH A . 
B 2 HOH 165 2165 2165 HOH HOH A . 
B 2 HOH 166 2166 2166 HOH HOH A . 
B 2 HOH 167 2167 2167 HOH HOH A . 
B 2 HOH 168 2168 2168 HOH HOH A . 
B 2 HOH 169 2169 2169 HOH HOH A . 
B 2 HOH 170 2170 2170 HOH HOH A . 
B 2 HOH 171 2171 2171 HOH HOH A . 
B 2 HOH 172 2172 2172 HOH HOH A . 
B 2 HOH 173 2173 2173 HOH HOH A . 
B 2 HOH 174 2174 2174 HOH HOH A . 
B 2 HOH 175 2175 2175 HOH HOH A . 
B 2 HOH 176 2176 2176 HOH HOH A . 
B 2 HOH 177 2177 2177 HOH HOH A . 
B 2 HOH 178 2178 2178 HOH HOH A . 
B 2 HOH 179 2179 2179 HOH HOH A . 
B 2 HOH 180 2180 2180 HOH HOH A . 
B 2 HOH 181 2181 2181 HOH HOH A . 
B 2 HOH 182 2182 2182 HOH HOH A . 
B 2 HOH 183 2183 2183 HOH HOH A . 
B 2 HOH 184 2184 2184 HOH HOH A . 
B 2 HOH 185 2185 2185 HOH HOH A . 
B 2 HOH 186 2186 2186 HOH HOH A . 
B 2 HOH 187 2187 2187 HOH HOH A . 
B 2 HOH 188 2188 2188 HOH HOH A . 
B 2 HOH 189 2189 2189 HOH HOH A . 
B 2 HOH 190 2190 2190 HOH HOH A . 
B 2 HOH 191 2191 2191 HOH HOH A . 
B 2 HOH 192 2192 2192 HOH HOH A . 
B 2 HOH 193 2193 2193 HOH HOH A . 
B 2 HOH 194 2194 2194 HOH HOH A . 
B 2 HOH 195 2195 2195 HOH HOH A . 
B 2 HOH 196 2196 2196 HOH HOH A . 
B 2 HOH 197 2197 2197 HOH HOH A . 
B 2 HOH 198 2198 2198 HOH HOH A . 
B 2 HOH 199 2199 2199 HOH HOH A . 
B 2 HOH 200 2200 2200 HOH HOH A . 
B 2 HOH 201 2201 2201 HOH HOH A . 
B 2 HOH 202 2202 2202 HOH HOH A . 
B 2 HOH 203 2203 2203 HOH HOH A . 
B 2 HOH 204 2204 2204 HOH HOH A . 
B 2 HOH 205 2205 2205 HOH HOH A . 
B 2 HOH 206 2206 2206 HOH HOH A . 
B 2 HOH 207 2207 2207 HOH HOH A . 
B 2 HOH 208 2208 2208 HOH HOH A . 
B 2 HOH 209 2209 2209 HOH HOH A . 
B 2 HOH 210 2210 2210 HOH HOH A . 
B 2 HOH 211 2211 2211 HOH HOH A . 
B 2 HOH 212 2212 2212 HOH HOH A . 
B 2 HOH 213 2213 2213 HOH HOH A . 
B 2 HOH 214 2214 2214 HOH HOH A . 
B 2 HOH 215 2215 2215 HOH HOH A . 
B 2 HOH 216 2216 2216 HOH HOH A . 
B 2 HOH 217 2217 2217 HOH HOH A . 
B 2 HOH 218 2218 2218 HOH HOH A . 
B 2 HOH 219 2219 2219 HOH HOH A . 
B 2 HOH 220 2220 2220 HOH HOH A . 
B 2 HOH 221 2221 2221 HOH HOH A . 
B 2 HOH 222 2222 2222 HOH HOH A . 
B 2 HOH 223 2223 2223 HOH HOH A . 
B 2 HOH 224 2224 2224 HOH HOH A . 
B 2 HOH 225 2225 2225 HOH HOH A . 
B 2 HOH 226 2226 2226 HOH HOH A . 
B 2 HOH 227 2227 2227 HOH HOH A . 
B 2 HOH 228 2228 2228 HOH HOH A . 
B 2 HOH 229 2229 2229 HOH HOH A . 
B 2 HOH 230 2230 2230 HOH HOH A . 
B 2 HOH 231 2231 2231 HOH HOH A . 
B 2 HOH 232 2232 2232 HOH HOH A . 
B 2 HOH 233 2233 2233 HOH HOH A . 
B 2 HOH 234 2234 2234 HOH HOH A . 
B 2 HOH 235 2235 2235 HOH HOH A . 
B 2 HOH 236 2236 2236 HOH HOH A . 
B 2 HOH 237 2237 2237 HOH HOH A . 
B 2 HOH 238 2238 2238 HOH HOH A . 
B 2 HOH 239 2239 2239 HOH HOH A . 
B 2 HOH 240 2240 2240 HOH HOH A . 
B 2 HOH 241 2241 2241 HOH HOH A . 
B 2 HOH 242 2242 2242 HOH HOH A . 
B 2 HOH 243 2243 2243 HOH HOH A . 
B 2 HOH 244 2244 2244 HOH HOH A . 
B 2 HOH 245 2245 2245 HOH HOH A . 
B 2 HOH 246 2246 2246 HOH HOH A . 
B 2 HOH 247 2247 2247 HOH HOH A . 
B 2 HOH 248 2248 2248 HOH HOH A . 
B 2 HOH 249 2249 2249 HOH HOH A . 
B 2 HOH 250 2250 2250 HOH HOH A . 
B 2 HOH 251 2251 2251 HOH HOH A . 
B 2 HOH 252 2252 2252 HOH HOH A . 
B 2 HOH 253 2253 2253 HOH HOH A . 
B 2 HOH 254 2254 2254 HOH HOH A . 
B 2 HOH 255 2255 2255 HOH HOH A . 
B 2 HOH 256 2256 2256 HOH HOH A . 
B 2 HOH 257 2257 2257 HOH HOH A . 
B 2 HOH 258 2258 2258 HOH HOH A . 
B 2 HOH 259 2259 2259 HOH HOH A . 
B 2 HOH 260 2260 2260 HOH HOH A . 
B 2 HOH 261 2261 2261 HOH HOH A . 
B 2 HOH 262 2262 2262 HOH HOH A . 
B 2 HOH 263 2263 2263 HOH HOH A . 
B 2 HOH 264 2264 2264 HOH HOH A . 
B 2 HOH 265 2265 2265 HOH HOH A . 
B 2 HOH 266 2266 2266 HOH HOH A . 
B 2 HOH 267 2267 2267 HOH HOH A . 
B 2 HOH 268 2268 2268 HOH HOH A . 
B 2 HOH 269 2269 2269 HOH HOH A . 
B 2 HOH 270 2270 2270 HOH HOH A . 
B 2 HOH 271 2271 2271 HOH HOH A . 
B 2 HOH 272 2272 2272 HOH HOH A . 
B 2 HOH 273 2273 2273 HOH HOH A . 
B 2 HOH 274 2274 2274 HOH HOH A . 
B 2 HOH 275 2275 2275 HOH HOH A . 
B 2 HOH 276 2276 2276 HOH HOH A . 
B 2 HOH 277 2277 2277 HOH HOH A . 
B 2 HOH 278 2278 2278 HOH HOH A . 
B 2 HOH 279 2279 2279 HOH HOH A . 
B 2 HOH 280 2280 2280 HOH HOH A . 
B 2 HOH 281 2281 2281 HOH HOH A . 
B 2 HOH 282 2282 2282 HOH HOH A . 
B 2 HOH 283 2283 2283 HOH HOH A . 
B 2 HOH 284 2284 2284 HOH HOH A . 
B 2 HOH 285 2285 2285 HOH HOH A . 
B 2 HOH 286 2286 2286 HOH HOH A . 
B 2 HOH 287 2287 2287 HOH HOH A . 
B 2 HOH 288 2288 2288 HOH HOH A . 
B 2 HOH 289 2289 2289 HOH HOH A . 
B 2 HOH 290 2290 2290 HOH HOH A . 
B 2 HOH 291 2291 2291 HOH HOH A . 
B 2 HOH 292 2292 2292 HOH HOH A . 
B 2 HOH 293 2293 2293 HOH HOH A . 
B 2 HOH 294 2294 2294 HOH HOH A . 
B 2 HOH 295 2295 2295 HOH HOH A . 
B 2 HOH 296 2296 2296 HOH HOH A . 
B 2 HOH 297 2297 2297 HOH HOH A . 
B 2 HOH 298 2298 2298 HOH HOH A . 
B 2 HOH 299 2299 2299 HOH HOH A . 
B 2 HOH 300 2300 2300 HOH HOH A . 
B 2 HOH 301 2301 2301 HOH HOH A . 
B 2 HOH 302 2302 2302 HOH HOH A . 
# 
loop_
_software.name 
_software.classification 
_software.version 
_software.citation_id 
_software.pdbx_ordinal 
PHENIX  refinement       '(PHENIX.REFINE: 1.8_1069)' ? 1 
iMOSFLM 'data reduction' .                           ? 2 
Aimless 'data scaling'   .                           ? 3 
ACORN   phasing          .                           ? 4 
# 
_cell.entry_id           4UOS 
_cell.length_a           29.460 
_cell.length_b           72.150 
_cell.length_c           51.260 
_cell.angle_alpha        90.00 
_cell.angle_beta         92.90 
_cell.angle_gamma        90.00 
_cell.Z_PDB              2 
_cell.pdbx_unique_axis   ? 
# 
_symmetry.entry_id                         4UOS 
_symmetry.space_group_name_H-M             'P 1 21 1' 
_symmetry.pdbx_full_space_group_name_H-M   ? 
_symmetry.cell_setting                     ? 
_symmetry.Int_Tables_number                4 
# 
_exptl.entry_id          4UOS 
_exptl.method            'X-RAY DIFFRACTION' 
_exptl.crystals_number   1 
# 
_exptl_crystal.id                    1 
_exptl_crystal.density_meas          ? 
_exptl_crystal.density_Matthews      2.7 
_exptl_crystal.density_percent_sol   52.72 
_exptl_crystal.description           NONE 
# 
_exptl_crystal_grow.crystal_id      1 
_exptl_crystal_grow.method          ? 
_exptl_crystal_grow.temp            ? 
_exptl_crystal_grow.temp_details    ? 
_exptl_crystal_grow.pH              7.4 
_exptl_crystal_grow.pdbx_pH_range   ? 
_exptl_crystal_grow.pdbx_details    '0.2 M AMMONIUM SULFATE, 10% W/V PEG 4000, pH 7.4' 
# 
_diffrn.id                     1 
_diffrn.ambient_temp           100 
_diffrn.ambient_temp_details   ? 
_diffrn.crystal_id             1 
# 
_diffrn_detector.diffrn_id              1 
_diffrn_detector.detector               PIXEL 
_diffrn_detector.type                   'DECTRIS PILATUS 6M' 
_diffrn_detector.pdbx_collection_date   2014-05-26 
_diffrn_detector.details                ? 
# 
_diffrn_radiation.diffrn_id                        1 
_diffrn_radiation.wavelength_id                    1 
_diffrn_radiation.pdbx_monochromatic_or_laue_m_l   M 
_diffrn_radiation.monochromator                    ? 
_diffrn_radiation.pdbx_diffrn_protocol             'SINGLE WAVELENGTH' 
_diffrn_radiation.pdbx_scattering_type             x-ray 
# 
_diffrn_radiation_wavelength.id           1 
_diffrn_radiation_wavelength.wavelength   1.03978 
_diffrn_radiation_wavelength.wt           1.0 
# 
_diffrn_source.diffrn_id                   1 
_diffrn_source.source                      SYNCHROTRON 
_diffrn_source.type                        'DIAMOND BEAMLINE I24' 
_diffrn_source.pdbx_synchrotron_site       Diamond 
_diffrn_source.pdbx_synchrotron_beamline   I24 
_diffrn_source.pdbx_wavelength             1.03978 
_diffrn_source.pdbx_wavelength_list        ? 
# 
_reflns.pdbx_diffrn_id               1 
_reflns.pdbx_ordinal                 1 
_reflns.entry_id                     4UOS 
_reflns.observed_criterion_sigma_I   3.0 
_reflns.observed_criterion_sigma_F   ? 
_reflns.d_resolution_low             50.70 
_reflns.d_resolution_high            1.63 
_reflns.number_obs                   28658 
_reflns.number_all                   ? 
_reflns.percent_possible_obs         97.8 
_reflns.pdbx_Rmerge_I_obs            0.05 
_reflns.pdbx_Rsym_value              ? 
_reflns.pdbx_netI_over_sigmaI        9.60 
_reflns.B_iso_Wilson_estimate        ? 
_reflns.pdbx_redundancy              3.5 
# 
_reflns_shell.pdbx_diffrn_id         1 
_reflns_shell.pdbx_ordinal           1 
_reflns_shell.d_res_high             1.63 
_reflns_shell.d_res_low              1.68 
_reflns_shell.percent_possible_all   99.6 
_reflns_shell.Rmerge_I_obs           0.26 
_reflns_shell.pdbx_Rsym_value        ? 
_reflns_shell.meanI_over_sigI_obs    2.80 
_reflns_shell.pdbx_redundancy        3.7 
# 
_refine.pdbx_refine_id                           'X-RAY DIFFRACTION' 
_refine.entry_id                                 4UOS 
_refine.pdbx_diffrn_id                           1 
_refine.pdbx_TLS_residual_ADP_flag               ? 
_refine.ls_number_reflns_obs                     26048 
_refine.ls_number_reflns_all                     ? 
_refine.pdbx_ls_sigma_I                          ? 
_refine.pdbx_ls_sigma_F                          1.36 
_refine.pdbx_data_cutoff_high_absF               ? 
_refine.pdbx_data_cutoff_low_absF                ? 
_refine.pdbx_data_cutoff_high_rms_absF           ? 
_refine.ls_d_res_low                             23.596 
_refine.ls_d_res_high                            1.63 
_refine.ls_percent_reflns_obs                    97.39 
_refine.ls_R_factor_obs                          0.1938 
_refine.ls_R_factor_all                          ? 
_refine.ls_R_factor_R_work                       0.1931 
_refine.ls_R_factor_R_free                       0.2064 
_refine.ls_R_factor_R_free_error                 ? 
_refine.ls_R_factor_R_free_error_details         ? 
_refine.ls_percent_reflns_R_free                 4.8 
_refine.ls_number_reflns_R_free                  1257 
_refine.ls_number_parameters                     ? 
_refine.ls_number_restraints                     ? 
_refine.occupancy_min                            ? 
_refine.occupancy_max                            ? 
_refine.correlation_coeff_Fo_to_Fc               ? 
_refine.correlation_coeff_Fo_to_Fc_free          ? 
_refine.B_iso_mean                               ? 
_refine.aniso_B[1][1]                            ? 
_refine.aniso_B[2][2]                            ? 
_refine.aniso_B[3][3]                            ? 
_refine.aniso_B[1][2]                            ? 
_refine.aniso_B[1][3]                            ? 
_refine.aniso_B[2][3]                            ? 
_refine.solvent_model_details                    'FLAT BULK SOLVENT MODEL' 
_refine.solvent_model_param_ksol                 ? 
_refine.solvent_model_param_bsol                 ? 
_refine.pdbx_solvent_vdw_probe_radii             1.11 
_refine.pdbx_solvent_ion_probe_radii             ? 
_refine.pdbx_solvent_shrinkage_radii             0.90 
_refine.pdbx_ls_cross_valid_method               ? 
_refine.details                                  ? 
_refine.pdbx_starting_model                      NONE 
_refine.pdbx_method_to_determine_struct          'AB INITIO PHASING' 
_refine.pdbx_isotropic_thermal_model             ? 
_refine.pdbx_stereochemistry_target_values       ML 
_refine.pdbx_stereochem_target_val_spec_case     ? 
_refine.pdbx_R_Free_selection_details            ? 
_refine.pdbx_overall_ESU_R                       ? 
_refine.pdbx_overall_ESU_R_Free                  ? 
_refine.overall_SU_ML                            0.14 
_refine.pdbx_overall_phase_error                 22.97 
_refine.overall_SU_B                             ? 
_refine.overall_SU_R_Cruickshank_DPI             ? 
_refine.pdbx_overall_SU_R_free_Cruickshank_DPI   ? 
_refine.pdbx_overall_SU_R_Blow_DPI               ? 
_refine.pdbx_overall_SU_R_free_Blow_DPI          ? 
# 
_refine_hist.pdbx_refine_id                   'X-RAY DIFFRACTION' 
_refine_hist.cycle_id                         LAST 
_refine_hist.pdbx_number_atoms_protein        1522 
_refine_hist.pdbx_number_atoms_nucleic_acid   0 
_refine_hist.pdbx_number_atoms_ligand         0 
_refine_hist.number_atoms_solvent             302 
_refine_hist.number_atoms_total               1824 
_refine_hist.d_res_high                       1.63 
_refine_hist.d_res_low                        23.596 
# 
loop_
_refine_ls_restr.type 
_refine_ls_restr.dev_ideal 
_refine_ls_restr.dev_ideal_target 
_refine_ls_restr.weight 
_refine_ls_restr.number 
_refine_ls_restr.pdbx_refine_id 
_refine_ls_restr.pdbx_restraint_function 
f_bond_d           0.028  ? ? 1561 'X-RAY DIFFRACTION' ? 
f_angle_d          1.892  ? ? 2049 'X-RAY DIFFRACTION' ? 
f_dihedral_angle_d 18.483 ? ? 701  'X-RAY DIFFRACTION' ? 
f_chiral_restr     0.140  ? ? 240  'X-RAY DIFFRACTION' ? 
f_plane_restr      0.006  ? ? 243  'X-RAY DIFFRACTION' ? 
# 
loop_
_refine_ls_shell.pdbx_refine_id 
_refine_ls_shell.pdbx_total_number_of_bins_used 
_refine_ls_shell.d_res_high 
_refine_ls_shell.d_res_low 
_refine_ls_shell.number_reflns_R_work 
_refine_ls_shell.R_factor_R_work 
_refine_ls_shell.percent_reflns_obs 
_refine_ls_shell.R_factor_R_free 
_refine_ls_shell.R_factor_R_free_error 
_refine_ls_shell.percent_reflns_R_free 
_refine_ls_shell.number_reflns_R_free 
_refine_ls_shell.number_reflns_all 
_refine_ls_shell.R_factor_all 
'X-RAY DIFFRACTION' . 1.6300 1.6952  2794 0.2364 99.00 0.2738 . . 130 . . 
'X-RAY DIFFRACTION' . 1.6952 1.7724  2814 0.2203 99.00 0.2668 . . 153 . . 
'X-RAY DIFFRACTION' . 1.7724 1.8658  2765 0.2282 99.00 0.2429 . . 159 . . 
'X-RAY DIFFRACTION' . 1.8658 1.9826  2716 0.2879 96.00 0.3441 . . 125 . . 
'X-RAY DIFFRACTION' . 1.9826 2.1356  2798 0.2135 99.00 0.2309 . . 139 . . 
'X-RAY DIFFRACTION' . 2.1356 2.3504  2663 0.2037 94.00 0.2209 . . 126 . . 
'X-RAY DIFFRACTION' . 2.3504 2.6900  2771 0.1904 97.00 0.1925 . . 133 . . 
'X-RAY DIFFRACTION' . 2.6900 3.3876  2712 0.1732 96.00 0.1745 . . 126 . . 
'X-RAY DIFFRACTION' . 3.3876 23.5989 2758 0.1697 97.00 0.1863 . . 166 . . 
# 
_struct.entry_id                  4UOS 
_struct.title                     'Thermodynamic hyperstability in parametrically designed helical bundles' 
_struct.pdbx_model_details        ? 
_struct.pdbx_CASP_flag            ? 
_struct.pdbx_model_type_details   ? 
# 
_struct_keywords.entry_id        4UOS 
_struct_keywords.pdbx_keywords   'DE NOVO PROTEIN' 
_struct_keywords.text            'DE NOVO PROTEIN, PROTEIN DESIGN, THERMODYNAMIC HYPERSTABILITY HELICAL BUNDLE' 
# 
loop_
_struct_asym.id 
_struct_asym.pdbx_blank_PDB_chainid_flag 
_struct_asym.pdbx_modified 
_struct_asym.entity_id 
_struct_asym.details 
A N N 1 ? 
B N N 2 ? 
# 
_struct_ref.id                         1 
_struct_ref.db_name                    PDB 
_struct_ref.db_code                    4UOS 
_struct_ref.entity_id                  1 
_struct_ref.pdbx_seq_one_letter_code   ? 
_struct_ref.pdbx_align_begin           ? 
_struct_ref.pdbx_db_accession          4UOS 
_struct_ref.pdbx_db_isoform            ? 
# 
_struct_ref_seq.align_id                      1 
_struct_ref_seq.ref_id                        1 
_struct_ref_seq.pdbx_PDB_id_code              4UOS 
_struct_ref_seq.pdbx_strand_id                A 
_struct_ref_seq.seq_align_beg                 3 
_struct_ref_seq.pdbx_seq_align_beg_ins_code   ? 
_struct_ref_seq.seq_align_end                 191 
_struct_ref_seq.pdbx_seq_align_end_ins_code   ? 
_struct_ref_seq.pdbx_db_accession             4UOS 
_struct_ref_seq.db_align_beg                  1 
_struct_ref_seq.pdbx_db_align_beg_ins_code    ? 
_struct_ref_seq.db_align_end                  189 
_struct_ref_seq.pdbx_db_align_end_ins_code    ? 
_struct_ref_seq.pdbx_auth_seq_align_beg       1 
_struct_ref_seq.pdbx_auth_seq_align_end       189 
# 
loop_
_struct_ref_seq_dif.align_id 
_struct_ref_seq_dif.pdbx_pdb_id_code 
_struct_ref_seq_dif.mon_id 
_struct_ref_seq_dif.pdbx_pdb_strand_id 
_struct_ref_seq_dif.seq_num 
_struct_ref_seq_dif.pdbx_pdb_ins_code 
_struct_ref_seq_dif.pdbx_seq_db_name 
_struct_ref_seq_dif.pdbx_seq_db_accession_code 
_struct_ref_seq_dif.db_mon_id 
_struct_ref_seq_dif.pdbx_seq_db_seq_num 
_struct_ref_seq_dif.details 
_struct_ref_seq_dif.pdbx_auth_seq_num 
_struct_ref_seq_dif.pdbx_ordinal 
1 4UOS MET A 1 ? PDB 4UOS ? ? 'cloning artifact' -1 1 
1 4UOS GLY A 2 ? PDB 4UOS ? ? 'cloning artifact' 0  2 
# 
_pdbx_struct_assembly.id                   1 
_pdbx_struct_assembly.details              author_and_software_defined_assembly 
_pdbx_struct_assembly.method_details       PISA 
_pdbx_struct_assembly.oligomeric_details   monomeric 
_pdbx_struct_assembly.oligomeric_count     1 
# 
_pdbx_struct_assembly_gen.assembly_id       1 
_pdbx_struct_assembly_gen.oper_expression   1 
_pdbx_struct_assembly_gen.asym_id_list      A,B 
# 
_pdbx_struct_oper_list.id                   1 
_pdbx_struct_oper_list.type                 'identity operation' 
_pdbx_struct_oper_list.name                 1_555 
_pdbx_struct_oper_list.symmetry_operation   x,y,z 
_pdbx_struct_oper_list.matrix[1][1]         1.0000000000 
_pdbx_struct_oper_list.matrix[1][2]         0.0000000000 
_pdbx_struct_oper_list.matrix[1][3]         0.0000000000 
_pdbx_struct_oper_list.vector[1]            0.0000000000 
_pdbx_struct_oper_list.matrix[2][1]         0.0000000000 
_pdbx_struct_oper_list.matrix[2][2]         1.0000000000 
_pdbx_struct_oper_list.matrix[2][3]         0.0000000000 
_pdbx_struct_oper_list.vector[2]            0.0000000000 
_pdbx_struct_oper_list.matrix[3][1]         0.0000000000 
_pdbx_struct_oper_list.matrix[3][2]         0.0000000000 
_pdbx_struct_oper_list.matrix[3][3]         1.0000000000 
_pdbx_struct_oper_list.vector[3]            0.0000000000 
# 
_struct_biol.id   1 
# 
loop_
_struct_conf.conf_type_id 
_struct_conf.id 
_struct_conf.pdbx_PDB_helix_id 
_struct_conf.beg_label_comp_id 
_struct_conf.beg_label_asym_id 
_struct_conf.beg_label_seq_id 
_struct_conf.pdbx_beg_PDB_ins_code 
_struct_conf.end_label_comp_id 
_struct_conf.end_label_asym_id 
_struct_conf.end_label_seq_id 
_struct_conf.pdbx_end_PDB_ins_code 
_struct_conf.beg_auth_comp_id 
_struct_conf.beg_auth_asym_id 
_struct_conf.beg_auth_seq_id 
_struct_conf.end_auth_comp_id 
_struct_conf.end_auth_asym_id 
_struct_conf.end_auth_seq_id 
_struct_conf.pdbx_PDB_helix_class 
_struct_conf.details 
_struct_conf.pdbx_PDB_helix_length 
HELX_P HELX_P1 1 GLY A 2   ? ASN A 46  ? GLY A 0   ASN A 44  1 ? 45 
HELX_P HELX_P2 2 ASP A 49  ? LYS A 91  ? ASP A 47  LYS A 89  1 ? 43 
HELX_P HELX_P3 3 GLU A 92  ? GLY A 94  ? GLU A 90  GLY A 92  5 ? 3  
HELX_P HELX_P4 4 ASN A 97  ? ASN A 139 ? ASN A 95  ASN A 137 1 ? 43 
HELX_P HELX_P5 5 ASP A 142 ? LEU A 186 ? ASP A 140 LEU A 184 1 ? 45 
# 
_struct_conf_type.id          HELX_P 
_struct_conf_type.criteria    ? 
_struct_conf_type.reference   ? 
# 
_pdbx_validate_rmsd_bond.id                        1 
_pdbx_validate_rmsd_bond.PDB_model_num             1 
_pdbx_validate_rmsd_bond.auth_atom_id_1            CD 
_pdbx_validate_rmsd_bond.auth_asym_id_1            A 
_pdbx_validate_rmsd_bond.auth_comp_id_1            GLU 
_pdbx_validate_rmsd_bond.auth_seq_id_1             164 
_pdbx_validate_rmsd_bond.PDB_ins_code_1            ? 
_pdbx_validate_rmsd_bond.label_alt_id_1            ? 
_pdbx_validate_rmsd_bond.auth_atom_id_2            OE1 
_pdbx_validate_rmsd_bond.auth_asym_id_2            A 
_pdbx_validate_rmsd_bond.auth_comp_id_2            GLU 
_pdbx_validate_rmsd_bond.auth_seq_id_2             164 
_pdbx_validate_rmsd_bond.PDB_ins_code_2            ? 
_pdbx_validate_rmsd_bond.label_alt_id_2            ? 
_pdbx_validate_rmsd_bond.bond_value                1.180 
_pdbx_validate_rmsd_bond.bond_target_value         1.252 
_pdbx_validate_rmsd_bond.bond_deviation            -0.072 
_pdbx_validate_rmsd_bond.bond_standard_deviation   0.011 
_pdbx_validate_rmsd_bond.linker_flag               N 
# 
loop_
_pdbx_validate_rmsd_angle.id 
_pdbx_validate_rmsd_angle.PDB_model_num 
_pdbx_validate_rmsd_angle.auth_atom_id_1 
_pdbx_validate_rmsd_angle.auth_asym_id_1 
_pdbx_validate_rmsd_angle.auth_comp_id_1 
_pdbx_validate_rmsd_angle.auth_seq_id_1 
_pdbx_validate_rmsd_angle.PDB_ins_code_1 
_pdbx_validate_rmsd_angle.label_alt_id_1 
_pdbx_validate_rmsd_angle.auth_atom_id_2 
_pdbx_validate_rmsd_angle.auth_asym_id_2 
_pdbx_validate_rmsd_angle.auth_comp_id_2 
_pdbx_validate_rmsd_angle.auth_seq_id_2 
_pdbx_validate_rmsd_angle.PDB_ins_code_2 
_pdbx_validate_rmsd_angle.label_alt_id_2 
_pdbx_validate_rmsd_angle.auth_atom_id_3 
_pdbx_validate_rmsd_angle.auth_asym_id_3 
_pdbx_validate_rmsd_angle.auth_comp_id_3 
_pdbx_validate_rmsd_angle.auth_seq_id_3 
_pdbx_validate_rmsd_angle.PDB_ins_code_3 
_pdbx_validate_rmsd_angle.label_alt_id_3 
_pdbx_validate_rmsd_angle.angle_value 
_pdbx_validate_rmsd_angle.angle_target_value 
_pdbx_validate_rmsd_angle.angle_deviation 
_pdbx_validate_rmsd_angle.angle_standard_deviation 
_pdbx_validate_rmsd_angle.linker_flag 
1 1 CA A MET 8   ? B C  A MET 8   ? ? O  A MET 8   ? ? 132.84 120.10 12.74  2.10 N 
2 1 CG A MET 151 ? ? SD A MET 151 ? ? CE A MET 151 ? ? 89.66  100.20 -10.54 1.60 N 
3 1 CA A MET 173 ? A C  A MET 173 ? ? O  A MET 173 ? ? 134.98 120.10 14.88  2.10 N 
4 1 CA A MET 173 ? B C  A MET 173 ? ? O  A MET 173 ? ? 134.26 120.10 14.16  2.10 N 
5 1 CA A MET 173 ? A C  A MET 173 ? ? N  A ALA 174 ? ? 103.13 117.20 -14.07 2.20 Y 
6 1 CA A MET 173 ? B C  A MET 173 ? ? N  A ALA 174 ? ? 103.89 117.20 -13.31 2.20 Y 
# 
_pdbx_validate_torsion.id              1 
_pdbx_validate_torsion.PDB_model_num   1 
_pdbx_validate_torsion.auth_comp_id    ASP 
_pdbx_validate_torsion.auth_asym_id    A 
_pdbx_validate_torsion.auth_seq_id     94 
_pdbx_validate_torsion.PDB_ins_code    ? 
_pdbx_validate_torsion.label_alt_id    ? 
_pdbx_validate_torsion.phi             55.24 
_pdbx_validate_torsion.psi             70.03 
# 
_pdbx_entry_details.entry_id                 4UOS 
_pdbx_entry_details.compound_details         ? 
_pdbx_entry_details.source_details           ? 
_pdbx_entry_details.nonpolymer_details       ? 
_pdbx_entry_details.sequence_details         
;FIRST TWO AMINO ACIDS, MG, RESULT FROM CLONING.
LAST TWO AMINO ACIDS, GW, ARE NOT BEEN SEE IN THE ELECTRON
DENSITY
;
_pdbx_entry_details.has_ligand_of_interest   ? 
# 
loop_
_pdbx_distant_solvent_atoms.id 
_pdbx_distant_solvent_atoms.PDB_model_num 
_pdbx_distant_solvent_atoms.auth_atom_id 
_pdbx_distant_solvent_atoms.label_alt_id 
_pdbx_distant_solvent_atoms.auth_asym_id 
_pdbx_distant_solvent_atoms.auth_comp_id 
_pdbx_distant_solvent_atoms.auth_seq_id 
_pdbx_distant_solvent_atoms.PDB_ins_code 
_pdbx_distant_solvent_atoms.neighbor_macromolecule_distance 
_pdbx_distant_solvent_atoms.neighbor_ligand_distance 
1 1 O ? A HOH 2006 ? 5.98 . 
2 1 O ? A HOH 2089 ? 6.17 . 
3 1 O ? A HOH 2111 ? 6.06 . 
4 1 O ? A HOH 2301 ? 8.77 . 
5 1 O ? A HOH 2302 ? 6.82 . 
# 
loop_
_pdbx_unobs_or_zero_occ_residues.id 
_pdbx_unobs_or_zero_occ_residues.PDB_model_num 
_pdbx_unobs_or_zero_occ_residues.polymer_flag 
_pdbx_unobs_or_zero_occ_residues.occupancy_flag 
_pdbx_unobs_or_zero_occ_residues.auth_asym_id 
_pdbx_unobs_or_zero_occ_residues.auth_comp_id 
_pdbx_unobs_or_zero_occ_residues.auth_seq_id 
_pdbx_unobs_or_zero_occ_residues.PDB_ins_code 
_pdbx_unobs_or_zero_occ_residues.label_asym_id 
_pdbx_unobs_or_zero_occ_residues.label_comp_id 
_pdbx_unobs_or_zero_occ_residues.label_seq_id 
1 1 Y 1 A MET -1  ? A MET 1   
2 1 Y 1 A GLY 188 ? A GLY 190 
3 1 Y 1 A TRP 189 ? A TRP 191 
# 
loop_
_chem_comp_atom.comp_id 
_chem_comp_atom.atom_id 
_chem_comp_atom.type_symbol 
_chem_comp_atom.pdbx_aromatic_flag 
_chem_comp_atom.pdbx_stereo_config 
_chem_comp_atom.pdbx_ordinal 
ALA N    N N N 1   
ALA CA   C N S 2   
ALA C    C N N 3   
ALA O    O N N 4   
ALA CB   C N N 5   
ALA OXT  O N N 6   
ALA H    H N N 7   
ALA H2   H N N 8   
ALA HA   H N N 9   
ALA HB1  H N N 10  
ALA HB2  H N N 11  
ALA HB3  H N N 12  
ALA HXT  H N N 13  
ASN N    N N N 14  
ASN CA   C N S 15  
ASN C    C N N 16  
ASN O    O N N 17  
ASN CB   C N N 18  
ASN CG   C N N 19  
ASN OD1  O N N 20  
ASN ND2  N N N 21  
ASN OXT  O N N 22  
ASN H    H N N 23  
ASN H2   H N N 24  
ASN HA   H N N 25  
ASN HB2  H N N 26  
ASN HB3  H N N 27  
ASN HD21 H N N 28  
ASN HD22 H N N 29  
ASN HXT  H N N 30  
ASP N    N N N 31  
ASP CA   C N S 32  
ASP C    C N N 33  
ASP O    O N N 34  
ASP CB   C N N 35  
ASP CG   C N N 36  
ASP OD1  O N N 37  
ASP OD2  O N N 38  
ASP OXT  O N N 39  
ASP H    H N N 40  
ASP H2   H N N 41  
ASP HA   H N N 42  
ASP HB2  H N N 43  
ASP HB3  H N N 44  
ASP HD2  H N N 45  
ASP HXT  H N N 46  
GLU N    N N N 47  
GLU CA   C N S 48  
GLU C    C N N 49  
GLU O    O N N 50  
GLU CB   C N N 51  
GLU CG   C N N 52  
GLU CD   C N N 53  
GLU OE1  O N N 54  
GLU OE2  O N N 55  
GLU OXT  O N N 56  
GLU H    H N N 57  
GLU H2   H N N 58  
GLU HA   H N N 59  
GLU HB2  H N N 60  
GLU HB3  H N N 61  
GLU HG2  H N N 62  
GLU HG3  H N N 63  
GLU HE2  H N N 64  
GLU HXT  H N N 65  
GLY N    N N N 66  
GLY CA   C N N 67  
GLY C    C N N 68  
GLY O    O N N 69  
GLY OXT  O N N 70  
GLY H    H N N 71  
GLY H2   H N N 72  
GLY HA2  H N N 73  
GLY HA3  H N N 74  
GLY HXT  H N N 75  
HOH O    O N N 76  
HOH H1   H N N 77  
HOH H2   H N N 78  
ILE N    N N N 79  
ILE CA   C N S 80  
ILE C    C N N 81  
ILE O    O N N 82  
ILE CB   C N S 83  
ILE CG1  C N N 84  
ILE CG2  C N N 85  
ILE CD1  C N N 86  
ILE OXT  O N N 87  
ILE H    H N N 88  
ILE H2   H N N 89  
ILE HA   H N N 90  
ILE HB   H N N 91  
ILE HG12 H N N 92  
ILE HG13 H N N 93  
ILE HG21 H N N 94  
ILE HG22 H N N 95  
ILE HG23 H N N 96  
ILE HD11 H N N 97  
ILE HD12 H N N 98  
ILE HD13 H N N 99  
ILE HXT  H N N 100 
LEU N    N N N 101 
LEU CA   C N S 102 
LEU C    C N N 103 
LEU O    O N N 104 
LEU CB   C N N 105 
LEU CG   C N N 106 
LEU CD1  C N N 107 
LEU CD2  C N N 108 
LEU OXT  O N N 109 
LEU H    H N N 110 
LEU H2   H N N 111 
LEU HA   H N N 112 
LEU HB2  H N N 113 
LEU HB3  H N N 114 
LEU HG   H N N 115 
LEU HD11 H N N 116 
LEU HD12 H N N 117 
LEU HD13 H N N 118 
LEU HD21 H N N 119 
LEU HD22 H N N 120 
LEU HD23 H N N 121 
LEU HXT  H N N 122 
LYS N    N N N 123 
LYS CA   C N S 124 
LYS C    C N N 125 
LYS O    O N N 126 
LYS CB   C N N 127 
LYS CG   C N N 128 
LYS CD   C N N 129 
LYS CE   C N N 130 
LYS NZ   N N N 131 
LYS OXT  O N N 132 
LYS H    H N N 133 
LYS H2   H N N 134 
LYS HA   H N N 135 
LYS HB2  H N N 136 
LYS HB3  H N N 137 
LYS HG2  H N N 138 
LYS HG3  H N N 139 
LYS HD2  H N N 140 
LYS HD3  H N N 141 
LYS HE2  H N N 142 
LYS HE3  H N N 143 
LYS HZ1  H N N 144 
LYS HZ2  H N N 145 
LYS HZ3  H N N 146 
LYS HXT  H N N 147 
MET N    N N N 148 
MET CA   C N S 149 
MET C    C N N 150 
MET O    O N N 151 
MET CB   C N N 152 
MET CG   C N N 153 
MET SD   S N N 154 
MET CE   C N N 155 
MET OXT  O N N 156 
MET H    H N N 157 
MET H2   H N N 158 
MET HA   H N N 159 
MET HB2  H N N 160 
MET HB3  H N N 161 
MET HG2  H N N 162 
MET HG3  H N N 163 
MET HE1  H N N 164 
MET HE2  H N N 165 
MET HE3  H N N 166 
MET HXT  H N N 167 
SER N    N N N 168 
SER CA   C N S 169 
SER C    C N N 170 
SER O    O N N 171 
SER CB   C N N 172 
SER OG   O N N 173 
SER OXT  O N N 174 
SER H    H N N 175 
SER H2   H N N 176 
SER HA   H N N 177 
SER HB2  H N N 178 
SER HB3  H N N 179 
SER HG   H N N 180 
SER HXT  H N N 181 
TRP N    N N N 182 
TRP CA   C N S 183 
TRP C    C N N 184 
TRP O    O N N 185 
TRP CB   C N N 186 
TRP CG   C Y N 187 
TRP CD1  C Y N 188 
TRP CD2  C Y N 189 
TRP NE1  N Y N 190 
TRP CE2  C Y N 191 
TRP CE3  C Y N 192 
TRP CZ2  C Y N 193 
TRP CZ3  C Y N 194 
TRP CH2  C Y N 195 
TRP OXT  O N N 196 
TRP H    H N N 197 
TRP H2   H N N 198 
TRP HA   H N N 199 
TRP HB2  H N N 200 
TRP HB3  H N N 201 
TRP HD1  H N N 202 
TRP HE1  H N N 203 
TRP HE3  H N N 204 
TRP HZ2  H N N 205 
TRP HZ3  H N N 206 
TRP HH2  H N N 207 
TRP HXT  H N N 208 
VAL N    N N N 209 
VAL CA   C N S 210 
VAL C    C N N 211 
VAL O    O N N 212 
VAL CB   C N N 213 
VAL CG1  C N N 214 
VAL CG2  C N N 215 
VAL OXT  O N N 216 
VAL H    H N N 217 
VAL H2   H N N 218 
VAL HA   H N N 219 
VAL HB   H N N 220 
VAL HG11 H N N 221 
VAL HG12 H N N 222 
VAL HG13 H N N 223 
VAL HG21 H N N 224 
VAL HG22 H N N 225 
VAL HG23 H N N 226 
VAL HXT  H N N 227 
# 
loop_
_chem_comp_bond.comp_id 
_chem_comp_bond.atom_id_1 
_chem_comp_bond.atom_id_2 
_chem_comp_bond.value_order 
_chem_comp_bond.pdbx_aromatic_flag 
_chem_comp_bond.pdbx_stereo_config 
_chem_comp_bond.pdbx_ordinal 
ALA N   CA   sing N N 1   
ALA N   H    sing N N 2   
ALA N   H2   sing N N 3   
ALA CA  C    sing N N 4   
ALA CA  CB   sing N N 5   
ALA CA  HA   sing N N 6   
ALA C   O    doub N N 7   
ALA C   OXT  sing N N 8   
ALA CB  HB1  sing N N 9   
ALA CB  HB2  sing N N 10  
ALA CB  HB3  sing N N 11  
ALA OXT HXT  sing N N 12  
ASN N   CA   sing N N 13  
ASN N   H    sing N N 14  
ASN N   H2   sing N N 15  
ASN CA  C    sing N N 16  
ASN CA  CB   sing N N 17  
ASN CA  HA   sing N N 18  
ASN C   O    doub N N 19  
ASN C   OXT  sing N N 20  
ASN CB  CG   sing N N 21  
ASN CB  HB2  sing N N 22  
ASN CB  HB3  sing N N 23  
ASN CG  OD1  doub N N 24  
ASN CG  ND2  sing N N 25  
ASN ND2 HD21 sing N N 26  
ASN ND2 HD22 sing N N 27  
ASN OXT HXT  sing N N 28  
ASP N   CA   sing N N 29  
ASP N   H    sing N N 30  
ASP N   H2   sing N N 31  
ASP CA  C    sing N N 32  
ASP CA  CB   sing N N 33  
ASP CA  HA   sing N N 34  
ASP C   O    doub N N 35  
ASP C   OXT  sing N N 36  
ASP CB  CG   sing N N 37  
ASP CB  HB2  sing N N 38  
ASP CB  HB3  sing N N 39  
ASP CG  OD1  doub N N 40  
ASP CG  OD2  sing N N 41  
ASP OD2 HD2  sing N N 42  
ASP OXT HXT  sing N N 43  
GLU N   CA   sing N N 44  
GLU N   H    sing N N 45  
GLU N   H2   sing N N 46  
GLU CA  C    sing N N 47  
GLU CA  CB   sing N N 48  
GLU CA  HA   sing N N 49  
GLU C   O    doub N N 50  
GLU C   OXT  sing N N 51  
GLU CB  CG   sing N N 52  
GLU CB  HB2  sing N N 53  
GLU CB  HB3  sing N N 54  
GLU CG  CD   sing N N 55  
GLU CG  HG2  sing N N 56  
GLU CG  HG3  sing N N 57  
GLU CD  OE1  doub N N 58  
GLU CD  OE2  sing N N 59  
GLU OE2 HE2  sing N N 60  
GLU OXT HXT  sing N N 61  
GLY N   CA   sing N N 62  
GLY N   H    sing N N 63  
GLY N   H2   sing N N 64  
GLY CA  C    sing N N 65  
GLY CA  HA2  sing N N 66  
GLY CA  HA3  sing N N 67  
GLY C   O    doub N N 68  
GLY C   OXT  sing N N 69  
GLY OXT HXT  sing N N 70  
HOH O   H1   sing N N 71  
HOH O   H2   sing N N 72  
ILE N   CA   sing N N 73  
ILE N   H    sing N N 74  
ILE N   H2   sing N N 75  
ILE CA  C    sing N N 76  
ILE CA  CB   sing N N 77  
ILE CA  HA   sing N N 78  
ILE C   O    doub N N 79  
ILE C   OXT  sing N N 80  
ILE CB  CG1  sing N N 81  
ILE CB  CG2  sing N N 82  
ILE CB  HB   sing N N 83  
ILE CG1 CD1  sing N N 84  
ILE CG1 HG12 sing N N 85  
ILE CG1 HG13 sing N N 86  
ILE CG2 HG21 sing N N 87  
ILE CG2 HG22 sing N N 88  
ILE CG2 HG23 sing N N 89  
ILE CD1 HD11 sing N N 90  
ILE CD1 HD12 sing N N 91  
ILE CD1 HD13 sing N N 92  
ILE OXT HXT  sing N N 93  
LEU N   CA   sing N N 94  
LEU N   H    sing N N 95  
LEU N   H2   sing N N 96  
LEU CA  C    sing N N 97  
LEU CA  CB   sing N N 98  
LEU CA  HA   sing N N 99  
LEU C   O    doub N N 100 
LEU C   OXT  sing N N 101 
LEU CB  CG   sing N N 102 
LEU CB  HB2  sing N N 103 
LEU CB  HB3  sing N N 104 
LEU CG  CD1  sing N N 105 
LEU CG  CD2  sing N N 106 
LEU CG  HG   sing N N 107 
LEU CD1 HD11 sing N N 108 
LEU CD1 HD12 sing N N 109 
LEU CD1 HD13 sing N N 110 
LEU CD2 HD21 sing N N 111 
LEU CD2 HD22 sing N N 112 
LEU CD2 HD23 sing N N 113 
LEU OXT HXT  sing N N 114 
LYS N   CA   sing N N 115 
LYS N   H    sing N N 116 
LYS N   H2   sing N N 117 
LYS CA  C    sing N N 118 
LYS CA  CB   sing N N 119 
LYS CA  HA   sing N N 120 
LYS C   O    doub N N 121 
LYS C   OXT  sing N N 122 
LYS CB  CG   sing N N 123 
LYS CB  HB2  sing N N 124 
LYS CB  HB3  sing N N 125 
LYS CG  CD   sing N N 126 
LYS CG  HG2  sing N N 127 
LYS CG  HG3  sing N N 128 
LYS CD  CE   sing N N 129 
LYS CD  HD2  sing N N 130 
LYS CD  HD3  sing N N 131 
LYS CE  NZ   sing N N 132 
LYS CE  HE2  sing N N 133 
LYS CE  HE3  sing N N 134 
LYS NZ  HZ1  sing N N 135 
LYS NZ  HZ2  sing N N 136 
LYS NZ  HZ3  sing N N 137 
LYS OXT HXT  sing N N 138 
MET N   CA   sing N N 139 
MET N   H    sing N N 140 
MET N   H2   sing N N 141 
MET CA  C    sing N N 142 
MET CA  CB   sing N N 143 
MET CA  HA   sing N N 144 
MET C   O    doub N N 145 
MET C   OXT  sing N N 146 
MET CB  CG   sing N N 147 
MET CB  HB2  sing N N 148 
MET CB  HB3  sing N N 149 
MET CG  SD   sing N N 150 
MET CG  HG2  sing N N 151 
MET CG  HG3  sing N N 152 
MET SD  CE   sing N N 153 
MET CE  HE1  sing N N 154 
MET CE  HE2  sing N N 155 
MET CE  HE3  sing N N 156 
MET OXT HXT  sing N N 157 
SER N   CA   sing N N 158 
SER N   H    sing N N 159 
SER N   H2   sing N N 160 
SER CA  C    sing N N 161 
SER CA  CB   sing N N 162 
SER CA  HA   sing N N 163 
SER C   O    doub N N 164 
SER C   OXT  sing N N 165 
SER CB  OG   sing N N 166 
SER CB  HB2  sing N N 167 
SER CB  HB3  sing N N 168 
SER OG  HG   sing N N 169 
SER OXT HXT  sing N N 170 
TRP N   CA   sing N N 171 
TRP N   H    sing N N 172 
TRP N   H2   sing N N 173 
TRP CA  C    sing N N 174 
TRP CA  CB   sing N N 175 
TRP CA  HA   sing N N 176 
TRP C   O    doub N N 177 
TRP C   OXT  sing N N 178 
TRP CB  CG   sing N N 179 
TRP CB  HB2  sing N N 180 
TRP CB  HB3  sing N N 181 
TRP CG  CD1  doub Y N 182 
TRP CG  CD2  sing Y N 183 
TRP CD1 NE1  sing Y N 184 
TRP CD1 HD1  sing N N 185 
TRP CD2 CE2  doub Y N 186 
TRP CD2 CE3  sing Y N 187 
TRP NE1 CE2  sing Y N 188 
TRP NE1 HE1  sing N N 189 
TRP CE2 CZ2  sing Y N 190 
TRP CE3 CZ3  doub Y N 191 
TRP CE3 HE3  sing N N 192 
TRP CZ2 CH2  doub Y N 193 
TRP CZ2 HZ2  sing N N 194 
TRP CZ3 CH2  sing Y N 195 
TRP CZ3 HZ3  sing N N 196 
TRP CH2 HH2  sing N N 197 
TRP OXT HXT  sing N N 198 
VAL N   CA   sing N N 199 
VAL N   H    sing N N 200 
VAL N   H2   sing N N 201 
VAL CA  C    sing N N 202 
VAL CA  CB   sing N N 203 
VAL CA  HA   sing N N 204 
VAL C   O    doub N N 205 
VAL C   OXT  sing N N 206 
VAL CB  CG1  sing N N 207 
VAL CB  CG2  sing N N 208 
VAL CB  HB   sing N N 209 
VAL CG1 HG11 sing N N 210 
VAL CG1 HG12 sing N N 211 
VAL CG1 HG13 sing N N 212 
VAL CG2 HG21 sing N N 213 
VAL CG2 HG22 sing N N 214 
VAL CG2 HG23 sing N N 215 
VAL OXT HXT  sing N N 216 
# 
_atom_sites.entry_id                    4UOS 
_atom_sites.fract_transf_matrix[1][1]   -0.00466499 
_atom_sites.fract_transf_matrix[1][2]   0.02996809 
_atom_sites.fract_transf_matrix[1][3]   -0.01533965 
_atom_sites.fract_transf_matrix[2][1]   -0.00468858 
_atom_sites.fract_transf_matrix[2][2]   -0.00651386 
_atom_sites.fract_transf_matrix[2][3]   -0.01129984 
_atom_sites.fract_transf_matrix[3][1]   -0.01829724 
_atom_sites.fract_transf_matrix[3][2]   0.00166703 
_atom_sites.fract_transf_matrix[3][3]   0.00663101 
_atom_sites.fract_transf_vector[1]      0.182623 
_atom_sites.fract_transf_vector[2]      0.173664 
_atom_sites.fract_transf_vector[3]      0.269574 
# 
loop_
_atom_type.symbol 
C 
N 
O 
S 
# 
loop_
_atom_site.group_PDB 
_atom_site.id 
_atom_site.type_symbol 
_atom_site.label_atom_id 
_atom_site.label_alt_id 
_atom_site.label_comp_id 
_atom_site.label_asym_id 
_atom_site.label_entity_id 
_atom_site.label_seq_id 
_atom_site.pdbx_PDB_ins_code 
_atom_site.Cartn_x 
_atom_site.Cartn_y 
_atom_site.Cartn_z 
_atom_site.occupancy 
_atom_site.B_iso_or_equiv 
_atom_site.pdbx_formal_charge 
_atom_site.auth_seq_id 
_atom_site.auth_comp_id 
_atom_site.auth_asym_id 
_atom_site.auth_atom_id 
_atom_site.pdbx_PDB_model_num 
ATOM   1    N N   . GLY A 1 2   ? 25.538  -10.609 -19.906 1.00 44.58 ? 0    GLY A N   1 
ATOM   2    C CA  . GLY A 1 2   ? 24.748  -11.732 -20.338 1.00 34.00 ? 0    GLY A CA  1 
ATOM   3    C C   . GLY A 1 2   ? 23.275  -11.652 -19.996 1.00 36.12 ? 0    GLY A C   1 
ATOM   4    O O   . GLY A 1 2   ? 22.857  -10.766 -19.324 1.00 38.62 ? 0    GLY A O   1 
ATOM   5    N N   . ASP A 1 3   ? 22.504  -12.595 -20.504 1.00 34.49 ? 1    ASP A N   1 
ATOM   6    C CA  . ASP A 1 3   ? 21.055  -12.662 -20.273 1.00 31.06 ? 1    ASP A CA  1 
ATOM   7    C C   . ASP A 1 3   ? 20.644  -12.836 -18.800 1.00 28.83 ? 1    ASP A C   1 
ATOM   8    O O   . ASP A 1 3   ? 19.667  -12.305 -18.390 1.00 31.75 ? 1    ASP A O   1 
ATOM   9    C CB  . ASP A 1 3   ? 20.457  -13.781 -21.100 1.00 30.11 ? 1    ASP A CB  1 
ATOM   10   C CG  . ASP A 1 3   ? 20.566  -13.536 -22.572 1.00 37.95 ? 1    ASP A CG  1 
ATOM   11   O OD1 . ASP A 1 3   ? 20.461  -12.406 -23.010 1.00 35.77 ? 1    ASP A OD1 1 
ATOM   12   O OD2 . ASP A 1 3   ? 20.755  -14.526 -23.281 1.00 42.54 ? 1    ASP A OD2 1 
ATOM   13   N N   . ASN A 1 4   ? 21.385  -13.608 -18.041 1.00 31.86 ? 2    ASN A N   1 
ATOM   14   C CA  . ASN A 1 4   ? 21.073  -13.766 -16.651 1.00 30.24 ? 2    ASN A CA  1 
ATOM   15   C C   . ASN A 1 4   ? 21.241  -12.466 -15.885 1.00 34.09 ? 2    ASN A C   1 
ATOM   16   O O   . ASN A 1 4   ? 20.389  -12.085 -15.158 1.00 27.67 ? 2    ASN A O   1 
ATOM   17   C CB  . ASN A 1 4   ? 21.899  -14.869 -15.997 1.00 31.80 ? 2    ASN A CB  1 
ATOM   18   C CG  . ASN A 1 4   ? 21.618  -16.217 -16.568 1.00 33.29 ? 2    ASN A CG  1 
ATOM   19   O OD1 . ASN A 1 4   ? 20.532  -16.530 -16.906 1.00 29.03 ? 2    ASN A OD1 1 
ATOM   20   N ND2 . ASN A 1 4   ? 22.628  -17.010 -16.668 1.00 31.38 ? 2    ASN A ND2 1 
ATOM   21   N N   . GLU A 1 5   ? 22.354  -11.789 -16.097 1.00 32.48 ? 3    GLU A N   1 
ATOM   22   C CA  . GLU A 1 5   ? 22.518  -10.463 -15.535 1.00 31.35 ? 3    GLU A CA  1 
ATOM   23   C C   . GLU A 1 5   ? 21.482  -9.459  -15.981 1.00 32.32 ? 3    GLU A C   1 
ATOM   24   O O   . GLU A 1 5   ? 21.104  -8.664  -15.205 1.00 29.08 ? 3    GLU A O   1 
ATOM   25   C CB  . GLU A 1 5   ? 23.892  -9.898  -15.763 1.00 40.95 ? 3    GLU A CB  1 
ATOM   26   C CG  . GLU A 1 5   ? 24.081  -8.509  -15.165 1.00 39.73 ? 3    GLU A CG  1 
ATOM   27   C CD  . GLU A 1 5   ? 24.293  -8.511  -13.658 1.00 47.45 ? 3    GLU A CD  1 
ATOM   28   O OE1 . GLU A 1 5   ? 24.557  -9.535  -13.032 1.00 49.80 ? 3    GLU A OE1 1 
ATOM   29   O OE2 . GLU A 1 5   ? 24.179  -7.445  -13.071 1.00 56.22 ? 3    GLU A OE2 1 
ATOM   30   N N   . GLU A 1 6   ? 21.019  -9.523  -17.212 1.00 27.75 ? 4    GLU A N   1 
ATOM   31   C CA  . GLU A 1 6   ? 19.958  -8.642  -17.664 1.00 30.45 ? 4    GLU A CA  1 
ATOM   32   C C   . GLU A 1 6   ? 18.651  -8.869  -16.904 1.00 27.48 ? 4    GLU A C   1 
ATOM   33   O O   . GLU A 1 6   ? 17.977  -7.957  -16.548 1.00 28.55 ? 4    GLU A O   1 
ATOM   34   C CB  . GLU A 1 6   ? 19.712  -8.802  -19.151 1.00 31.78 ? 4    GLU A CB  1 
ATOM   35   C CG  . GLU A 1 6   ? 20.696  -8.080  -20.031 1.00 36.68 ? 4    GLU A CG  1 
ATOM   36   C CD  . GLU A 1 6   ? 20.624  -8.434  -21.503 1.00 42.52 ? 4    GLU A CD  1 
ATOM   37   O OE1 . GLU A 1 6   ? 20.039  -9.430  -21.870 1.00 38.99 ? 4    GLU A OE1 1 
ATOM   38   O OE2 . GLU A 1 6   ? 21.178  -7.684  -22.299 1.00 48.92 ? 4    GLU A OE2 1 
ATOM   39   N N   . VAL A 1 7   ? 18.331  -10.119 -16.678 1.00 28.58 ? 5    VAL A N   1 
ATOM   40   C CA  . VAL A 1 7   ? 17.115  -10.474 -15.977 1.00 22.97 ? 5    VAL A CA  1 
ATOM   41   C C   . VAL A 1 7   ? 17.244  -10.067 -14.529 1.00 27.53 ? 5    VAL A C   1 
ATOM   42   O O   . VAL A 1 7   ? 16.336  -9.582  -13.973 1.00 28.59 ? 5    VAL A O   1 
ATOM   43   C CB  . VAL A 1 7   ? 16.785  -11.973 -16.073 1.00 25.90 ? 5    VAL A CB  1 
ATOM   44   C CG1 . VAL A 1 7   ? 15.667  -12.370 -15.130 1.00 26.69 ? 5    VAL A CG1 1 
ATOM   45   C CG2 . VAL A 1 7   ? 16.421  -12.354 -17.476 1.00 26.48 ? 5    VAL A CG2 1 
ATOM   46   N N   . LYS A 1 8   ? 18.405  -10.286 -13.961 1.00 25.72 ? 6    LYS A N   1 
ATOM   47   C CA  . LYS A 1 8   ? 18.683  -9.843  -12.631 1.00 31.16 ? 6    LYS A CA  1 
ATOM   48   C C   . LYS A 1 8   ? 18.391  -8.365  -12.456 1.00 28.85 ? 6    LYS A C   1 
ATOM   49   O O   . LYS A 1 8   ? 17.814  -7.993  -11.490 1.00 28.35 ? 6    LYS A O   1 
ATOM   50   C CB  . LYS A 1 8   ? 20.117  -10.149 -12.273 1.00 25.72 ? 6    LYS A CB  1 
ATOM   51   C CG  . LYS A 1 8   ? 20.509  -9.821  -10.865 1.00 26.73 ? 6    LYS A CG  1 
ATOM   52   C CD  . LYS A 1 8   ? 21.906  -10.282 -10.561 1.00 32.87 ? 6    LYS A CD  1 
ATOM   53   C CE  . LYS A 1 8   ? 22.508  -9.524  -9.415  1.00 38.68 ? 6    LYS A CE  1 
ATOM   54   N NZ  . LYS A 1 8   ? 22.818  -10.381 -8.252  1.00 48.45 ? 6    LYS A NZ  1 
ATOM   55   N N   . LYS A 1 9   ? 18.806  -7.553  -13.408 1.00 26.79 ? 7    LYS A N   1 
ATOM   56   C CA  . LYS A 1 9   ? 18.584  -6.126  -13.351 1.00 25.61 ? 7    LYS A CA  1 
ATOM   57   C C   . LYS A 1 9   ? 17.136  -5.715  -13.627 1.00 25.75 ? 7    LYS A C   1 
ATOM   58   O O   . LYS A 1 9   ? 16.681  -4.721  -13.124 1.00 29.02 ? 7    LYS A O   1 
ATOM   59   C CB  . LYS A 1 9   ? 19.523  -5.368  -14.290 1.00 32.94 ? 7    LYS A CB  1 
ATOM   60   C CG  . LYS A 1 9   ? 20.966  -5.298  -13.869 1.00 36.49 ? 7    LYS A CG  1 
ATOM   61   C CD  . LYS A 1 9   ? 21.748  -4.614  -14.962 1.00 43.13 ? 7    LYS A CD  1 
ATOM   62   C CE  . LYS A 1 9   ? 22.880  -3.717  -14.475 1.00 55.99 ? 7    LYS A CE  1 
ATOM   63   N NZ  . LYS A 1 9   ? 23.591  -4.153  -13.247 1.00 54.33 ? 7    LYS A NZ  1 
ATOM   64   N N   . MET A 1 10  ? 16.563  -6.470  -14.548 1.00 22.03 ? 8    MET A N   1 
ATOM   65   C CA  A MET A 1 10  ? 15.053  -6.210  -14.663 0.50 24.60 ? 8    MET A CA  1 
ATOM   66   C CA  B MET A 1 10  ? 15.142  -6.275  -14.622 0.50 24.65 ? 8    MET A CA  1 
ATOM   67   C C   . MET A 1 10  ? 14.174  -6.401  -13.312 1.00 21.72 ? 8    MET A C   1 
ATOM   68   O O   . MET A 1 10  ? 13.219  -5.715  -12.893 1.00 28.42 ? 8    MET A O   1 
ATOM   69   C CB  A MET A 1 10  ? 14.491  -7.078  -15.778 0.50 27.14 ? 8    MET A CB  1 
ATOM   70   C CB  B MET A 1 10  ? 14.527  -7.094  -15.758 0.50 27.13 ? 8    MET A CB  1 
ATOM   71   C CG  A MET A 1 10  ? 15.035  -6.842  -17.172 0.50 26.01 ? 8    MET A CG  1 
ATOM   72   C CG  B MET A 1 10  ? 15.025  -6.818  -17.158 0.50 25.97 ? 8    MET A CG  1 
ATOM   73   S SD  A MET A 1 10  ? 14.316  -7.939  -18.418 0.50 31.33 ? 8    MET A SD  1 
ATOM   74   S SD  B MET A 1 10  ? 14.396  -7.955  -18.417 0.50 31.21 ? 8    MET A SD  1 
ATOM   75   C CE  A MET A 1 10  ? 15.238  -7.554  -19.875 0.50 28.14 ? 8    MET A CE  1 
ATOM   76   C CE  B MET A 1 10  ? 12.868  -7.215  -18.837 0.50 20.33 ? 8    MET A CE  1 
ATOM   77   N N   . LEU A 1 11  ? 14.579  -7.495  -12.657 1.00 23.76 ? 9    LEU A N   1 
ATOM   78   C CA  . LEU A 1 11  ? 13.962  -7.763  -11.390 1.00 24.85 ? 9    LEU A CA  1 
ATOM   79   C C   . LEU A 1 11  ? 14.283  -6.662  -10.370 1.00 27.07 ? 9    LEU A C   1 
ATOM   80   O O   . LEU A 1 11  ? 13.428  -6.212  -9.689  1.00 24.72 ? 9    LEU A O   1 
ATOM   81   C CB  . LEU A 1 11  ? 14.342  -9.145  -10.851 1.00 20.37 ? 9    LEU A CB  1 
ATOM   82   C CG  . LEU A 1 11  ? 13.728  -10.365 -11.527 1.00 21.79 ? 9    LEU A CG  1 
ATOM   83   C CD1 . LEU A 1 11  ? 14.511  -11.632 -11.321 1.00 24.95 ? 9    LEU A CD1 1 
ATOM   84   C CD2 . LEU A 1 11  ? 12.283  -10.574 -11.172 1.00 23.76 ? 9    LEU A CD2 1 
ATOM   85   N N   . GLU A 1 12  ? 15.526  -6.235  -10.318 1.00 25.73 ? 10   GLU A N   1 
ATOM   86   C CA  . GLU A 1 12  ? 15.902  -5.152  -9.447  1.00 26.83 ? 10   GLU A CA  1 
ATOM   87   C C   . GLU A 1 12  ? 15.100  -3.908  -9.770  1.00 27.47 ? 10   GLU A C   1 
ATOM   88   O O   . GLU A 1 12  ? 14.679  -3.242  -8.908  1.00 27.49 ? 10   GLU A O   1 
ATOM   89   C CB  . GLU A 1 12  ? 17.390  -4.852  -9.541  1.00 27.32 ? 10   GLU A CB  1 
ATOM   90   C CG  . GLU A 1 12  ? 18.296  -5.943  -9.043  1.00 35.18 ? 10   GLU A CG  1 
ATOM   91   C CD  . GLU A 1 12  ? 19.795  -5.698  -9.262  1.00 38.86 ? 10   GLU A CD  1 
ATOM   92   O OE1 . GLU A 1 12  ? 20.166  -4.811  -9.999  1.00 37.63 ? 10   GLU A OE1 1 
ATOM   93   O OE2 . GLU A 1 12  ? 20.587  -6.401  -8.674  1.00 38.96 ? 10   GLU A OE2 1 
ATOM   94   N N   . LYS A 1 13  ? 14.943  -3.608  -11.041 1.00 24.10 ? 11   LYS A N   1 
ATOM   95   C CA  . LYS A 1 13  ? 14.201  -2.444  -11.457 1.00 24.91 ? 11   LYS A CA  1 
ATOM   96   C C   . LYS A 1 13  ? 12.707  -2.483  -11.126 1.00 28.04 ? 11   LYS A C   1 
ATOM   97   O O   . LYS A 1 13  ? 12.136  -1.493  -10.805 1.00 28.14 ? 11   LYS A O   1 
ATOM   98   C CB  . LYS A 1 13  ? 14.336  -2.208  -12.941 1.00 31.64 ? 11   LYS A CB  1 
ATOM   99   C CG  . LYS A 1 13  ? 15.736  -2.189  -13.438 1.00 37.94 ? 11   LYS A CG  1 
ATOM   100  C CD  . LYS A 1 13  ? 16.671  -1.478  -12.511 1.00 46.69 ? 11   LYS A CD  1 
ATOM   101  C CE  . LYS A 1 13  ? 18.076  -1.931  -12.782 1.00 45.05 ? 11   LYS A CE  1 
ATOM   102  N NZ  . LYS A 1 13  ? 18.626  -2.500  -11.565 1.00 42.55 ? 11   LYS A NZ  1 
ATOM   103  N N   . MET A 1 14  ? 12.123  -3.654  -11.243 1.00 26.15 ? 12   MET A N   1 
ATOM   104  C CA  . MET A 1 14  ? 10.755  -3.883  -10.863 1.00 20.31 ? 12   MET A CA  1 
ATOM   105  C C   . MET A 1 14  ? 10.510  -3.633  -9.378  1.00 20.71 ? 12   MET A C   1 
ATOM   106  O O   . MET A 1 14  ? 9.583   -2.994  -9.029  1.00 25.76 ? 12   MET A O   1 
ATOM   107  C CB  . MET A 1 14  ? 10.364  -5.314  -11.207 1.00 23.41 ? 12   MET A CB  1 
ATOM   108  C CG  . MET A 1 14  ? 9.000   -5.789  -10.768 1.00 22.65 ? 12   MET A CG  1 
ATOM   109  S SD  . MET A 1 14  ? 8.709   -7.523  -11.236 1.00 23.04 ? 12   MET A SD  1 
ATOM   110  C CE  . MET A 1 14  ? 7.081   -7.743  -10.531 1.00 21.83 ? 12   MET A CE  1 
ATOM   111  N N   . ILE A 1 15  ? 11.357  -4.168  -8.528  1.00 21.88 ? 13   ILE A N   1 
ATOM   112  C CA  . ILE A 1 15  ? 11.200  -3.991  -7.110  1.00 24.46 ? 13   ILE A CA  1 
ATOM   113  C C   . ILE A 1 15  ? 11.486  -2.547  -6.693  1.00 24.99 ? 13   ILE A C   1 
ATOM   114  O O   . ILE A 1 15  ? 10.854  -2.060  -5.846  1.00 22.55 ? 13   ILE A O   1 
ATOM   115  C CB  . ILE A 1 15  ? 12.049  -5.004  -6.323  1.00 27.31 ? 13   ILE A CB  1 
ATOM   116  C CG1 . ILE A 1 15  ? 11.490  -6.397  -6.525  1.00 24.40 ? 13   ILE A CG1 1 
ATOM   117  C CG2 . ILE A 1 15  ? 12.126  -4.633  -4.858  1.00 22.82 ? 13   ILE A CG2 1 
ATOM   118  C CD1 . ILE A 1 15  ? 12.456  -7.486  -6.189  1.00 24.33 ? 13   ILE A CD1 1 
ATOM   119  N N   . GLU A 1 16  ? 12.432  -1.890  -7.328  1.00 24.13 ? 14   GLU A N   1 
ATOM   120  C CA  . GLU A 1 16  ? 12.704  -0.493  -7.032  1.00 26.78 ? 14   GLU A CA  1 
ATOM   121  C C   . GLU A 1 16  ? 11.528  0.387   -7.370  1.00 28.50 ? 14   GLU A C   1 
ATOM   122  O O   . GLU A 1 16  ? 11.225  1.272   -6.639  1.00 25.05 ? 14   GLU A O   1 
ATOM   123  C CB  . GLU A 1 16  ? 13.984  0.012   -7.699  1.00 29.11 ? 14   GLU A CB  1 
ATOM   124  C CG  . GLU A 1 16  ? 14.409  1.421   -7.335  1.00 37.73 ? 14   GLU A CG  1 
ATOM   125  C CD  . GLU A 1 16  ? 14.692  1.649   -5.857  1.00 39.82 ? 14   GLU A CD  1 
ATOM   126  O OE1 . GLU A 1 16  ? 15.034  0.735   -5.144  1.00 38.91 ? 14   GLU A OE1 1 
ATOM   127  O OE2 . GLU A 1 16  ? 14.550  2.778   -5.398  1.00 44.65 ? 14   GLU A OE2 1 
ATOM   128  N N   . GLU A 1 17  ? 10.841  0.095   -8.458  1.00 23.64 ? 15   GLU A N   1 
ATOM   129  C CA  . GLU A 1 17  ? 9.671   0.851   -8.826  1.00 24.86 ? 15   GLU A CA  1 
ATOM   130  C C   . GLU A 1 17  ? 8.517   0.611   -7.856  1.00 23.01 ? 15   GLU A C   1 
ATOM   131  O O   . GLU A 1 17  ? 7.835   1.517   -7.526  1.00 26.63 ? 15   GLU A O   1 
ATOM   132  C CB  . GLU A 1 17  ? 9.256   0.538   -10.250 1.00 26.58 ? 15   GLU A CB  1 
ATOM   133  C CG  . GLU A 1 17  ? 7.973   1.181   -10.701 1.00 29.55 ? 15   GLU A CG  1 
ATOM   134  C CD  . GLU A 1 17  ? 8.140   2.656   -10.966 1.00 40.43 ? 15   GLU A CD  1 
ATOM   135  O OE1 . GLU A 1 17  ? 9.271   3.114   -11.066 1.00 41.50 ? 15   GLU A OE1 1 
ATOM   136  O OE2 . GLU A 1 17  ? 7.139   3.351   -11.052 1.00 42.14 ? 15   GLU A OE2 1 
ATOM   137  N N   . ILE A 1 18  ? 8.333   -0.617  -7.402  1.00 24.01 ? 16   ILE A N   1 
ATOM   138  C CA  . ILE A 1 18  ? 7.317   -0.883  -6.404  1.00 24.01 ? 16   ILE A CA  1 
ATOM   139  C C   . ILE A 1 18  ? 7.617   -0.087  -5.140  1.00 20.51 ? 16   ILE A C   1 
ATOM   140  O O   . ILE A 1 18  ? 6.778   0.469   -4.551  1.00 22.93 ? 16   ILE A O   1 
ATOM   141  C CB  . ILE A 1 18  ? 7.203   -2.385  -6.070  1.00 21.50 ? 16   ILE A CB  1 
ATOM   142  C CG1 . ILE A 1 18  ? 6.732   -3.150  -7.292  1.00 25.59 ? 16   ILE A CG1 1 
ATOM   143  C CG2 . ILE A 1 18  ? 6.266   -2.623  -4.910  1.00 24.51 ? 16   ILE A CG2 1 
ATOM   144  C CD1 . ILE A 1 18  ? 6.866   -4.643  -7.190  1.00 25.32 ? 16   ILE A CD1 1 
ATOM   145  N N   . LYS A 1 19  ? 8.870   -0.078  -4.762  1.00 20.30 ? 17   LYS A N   1 
ATOM   146  C CA  . LYS A 1 19  ? 9.274   0.620   -3.580  1.00 19.55 ? 17   LYS A CA  1 
ATOM   147  C C   . LYS A 1 19  ? 8.973   2.082   -3.654  1.00 24.70 ? 17   LYS A C   1 
ATOM   148  O O   . LYS A 1 19  ? 8.479   2.671   -2.752  1.00 22.65 ? 17   LYS A O   1 
ATOM   149  C CB  . LYS A 1 19  ? 10.760  0.437   -3.377  1.00 19.53 ? 17   LYS A CB  1 
ATOM   150  C CG  . LYS A 1 19  ? 11.315  1.206   -2.211  1.00 23.10 ? 17   LYS A CG  1 
ATOM   151  C CD  . LYS A 1 19  ? 12.740  0.847   -2.014  1.00 29.52 ? 17   LYS A CD  1 
ATOM   152  C CE  . LYS A 1 19  ? 13.395  1.670   -0.955  1.00 34.51 ? 17   LYS A CE  1 
ATOM   153  N NZ  . LYS A 1 19  ? 14.665  1.064   -0.534  1.00 43.65 ? 17   LYS A NZ  1 
ATOM   154  N N   . LYS A 1 20  ? 9.313   2.650   -4.773  1.00 26.24 ? 18   LYS A N   1 
ATOM   155  C CA  . LYS A 1 20  ? 9.137   4.064   -4.974  1.00 24.27 ? 18   LYS A CA  1 
ATOM   156  C C   . LYS A 1 20  ? 7.658   4.428   -4.922  1.00 23.82 ? 18   LYS A C   1 
ATOM   157  O O   . LYS A 1 20  ? 7.281   5.369   -4.313  1.00 26.87 ? 18   LYS A O   1 
ATOM   158  C CB  . LYS A 1 20  ? 9.775   4.467   -6.296  1.00 27.93 ? 18   LYS A CB  1 
ATOM   159  C CG  . LYS A 1 20  ? 9.574   5.886   -6.723  1.00 33.80 ? 18   LYS A CG  1 
ATOM   160  C CD  . LYS A 1 20  ? 9.735   6.072   -8.229  1.00 43.90 ? 18   LYS A CD  1 
ATOM   161  C CE  . LYS A 1 20  ? 9.905   7.527   -8.610  1.00 47.60 ? 18   LYS A CE  1 
ATOM   162  N NZ  . LYS A 1 20  ? 9.581   7.837   -10.021 1.00 62.78 ? 18   LYS A NZ  1 
ATOM   163  N N   . MET A 1 21  ? 6.837   3.647   -5.577  1.00 23.77 ? 19   MET A N   1 
ATOM   164  C CA  . MET A 1 21  ? 5.406   3.860   -5.537  1.00 21.30 ? 19   MET A CA  1 
ATOM   165  C C   . MET A 1 21  ? 4.836   3.641   -4.155  1.00 23.01 ? 19   MET A C   1 
ATOM   166  O O   . MET A 1 21  ? 3.945   4.301   -3.802  1.00 25.17 ? 19   MET A O   1 
ATOM   167  C CB  . MET A 1 21  ? 4.655   2.987   -6.546  1.00 27.20 ? 19   MET A CB  1 
ATOM   168  C CG  . MET A 1 21  ? 4.975   3.309   -7.982  1.00 30.43 ? 19   MET A CG  1 
ATOM   169  S SD  . MET A 1 21  ? 4.406   2.100   -9.170  1.00 32.74 ? 19   MET A SD  1 
ATOM   170  C CE  . MET A 1 21  ? 2.766   2.616   -9.294  1.00 24.47 ? 19   MET A CE  1 
ATOM   171  N N   . LEU A 1 22  ? 5.361   2.700   -3.402  1.00 22.20 ? 20   LEU A N   1 
ATOM   172  C CA  . LEU A 1 22  ? 4.883   2.465   -2.055  1.00 23.57 ? 20   LEU A CA  1 
ATOM   173  C C   . LEU A 1 22  ? 5.229   3.643   -1.138  1.00 21.82 ? 20   LEU A C   1 
ATOM   174  O O   . LEU A 1 22  ? 4.467   4.030   -0.336  1.00 21.76 ? 20   LEU A O   1 
ATOM   175  C CB  . LEU A 1 22  ? 5.431   1.166   -1.494  1.00 23.38 ? 20   LEU A CB  1 
ATOM   176  C CG  . LEU A 1 22  ? 4.787   -0.141  -1.915  1.00 21.15 ? 20   LEU A CG  1 
ATOM   177  C CD1 . LEU A 1 22  ? 5.601   -1.338  -1.504  1.00 18.39 ? 20   LEU A CD1 1 
ATOM   178  C CD2 . LEU A 1 22  ? 3.401   -0.244  -1.365  1.00 21.20 ? 20   LEU A CD2 1 
ATOM   179  N N   . GLU A 1 23  ? 6.405   4.203   -1.321  1.00 21.90 ? 21   GLU A N   1 
ATOM   180  C CA  . GLU A 1 23  ? 6.824   5.365   -0.556  1.00 21.32 ? 21   GLU A CA  1 
ATOM   181  C C   . GLU A 1 23  ? 5.923   6.573   -0.833  1.00 25.17 ? 21   GLU A C   1 
ATOM   182  O O   . GLU A 1 23  ? 5.590   7.283   0.050   1.00 24.34 ? 21   GLU A O   1 
ATOM   183  C CB  . GLU A 1 23  ? 8.266   5.736   -0.843  1.00 23.14 ? 21   GLU A CB  1 
ATOM   184  C CG  . GLU A 1 23  ? 9.250   4.775   -0.238  1.00 28.48 ? 21   GLU A CG  1 
ATOM   185  C CD  . GLU A 1 23  ? 10.653  4.909   -0.769  1.00 33.43 ? 21   GLU A CD  1 
ATOM   186  O OE1 . GLU A 1 23  ? 10.868  5.627   -1.734  1.00 36.70 ? 21   GLU A OE1 1 
ATOM   187  O OE2 . GLU A 1 23  ? 11.519  4.299   -0.212  1.00 33.84 ? 21   GLU A OE2 1 
ATOM   188  N N   . LYS A 1 24  ? 5.573   6.771   -2.075  1.00 24.60 ? 22   LYS A N   1 
ATOM   189  C CA  . LYS A 1 24  ? 4.720   7.866   -2.437  1.00 25.29 ? 22   LYS A CA  1 
ATOM   190  C C   . LYS A 1 24  ? 3.328   7.674   -1.872  1.00 30.60 ? 22   LYS A C   1 
ATOM   191  O O   . LYS A 1 24  ? 2.736   8.601   -1.466  1.00 26.57 ? 22   LYS A O   1 
ATOM   192  C CB  . LYS A 1 24  ? 4.629   8.056   -3.946  1.00 20.00 ? 22   LYS A CB  1 
ATOM   193  C CG  . LYS A 1 24  ? 5.922   8.520   -4.588  1.00 20.00 ? 22   LYS A CG  1 
ATOM   194  C CD  . LYS A 1 24  ? 5.711   8.979   -6.036  1.00 20.00 ? 22   LYS A CD  1 
ATOM   195  C CE  . LYS A 1 24  ? 6.581   8.264   -7.064  1.00 20.00 ? 22   LYS A CE  1 
ATOM   196  N NZ  . LYS A 1 24  ? 5.914   7.072   -7.686  1.00 20.00 ? 22   LYS A NZ  1 
ATOM   197  N N   . ALA A 1 25  ? 2.833   6.452   -1.862  1.00 24.75 ? 23   ALA A N   1 
ATOM   198  C CA  . ALA A 1 25  ? 1.543   6.178   -1.264  1.00 27.70 ? 23   ALA A CA  1 
ATOM   199  C C   . ALA A 1 25  ? 1.504   6.468   0.222   1.00 26.43 ? 23   ALA A C   1 
ATOM   200  O O   . ALA A 1 25  ? 0.578   7.029   0.685   1.00 25.17 ? 23   ALA A O   1 
ATOM   201  C CB  . ALA A 1 25  ? 1.101   4.770   -1.530  1.00 29.33 ? 23   ALA A CB  1 
ATOM   202  N N   . ILE A 1 26  ? 2.536   6.064   0.941   1.00 22.46 ? 24   ILE A N   1 
ATOM   203  C CA  . ILE A 1 26  ? 2.646   6.358   2.362   1.00 22.59 ? 24   ILE A CA  1 
ATOM   204  C C   . ILE A 1 26  ? 2.693   7.867   2.606   1.00 21.97 ? 24   ILE A C   1 
ATOM   205  O O   . ILE A 1 26  ? 2.089   8.355   3.500   1.00 25.57 ? 24   ILE A O   1 
ATOM   206  C CB  . ILE A 1 26  ? 3.867   5.641   2.968   1.00 23.43 ? 24   ILE A CB  1 
ATOM   207  C CG1 . ILE A 1 26  ? 3.607   4.151   3.027   1.00 21.52 ? 24   ILE A CG1 1 
ATOM   208  C CG2 . ILE A 1 26  ? 4.199   6.166   4.336   1.00 23.22 ? 24   ILE A CG2 1 
ATOM   209  C CD1 . ILE A 1 26  ? 4.852   3.313   2.976   1.00 22.21 ? 24   ILE A CD1 1 
ATOM   210  N N   . LYS A 1 27  ? 3.425   8.574   1.770   1.00 23.62 ? 25   LYS A N   1 
ATOM   211  C CA  . LYS A 1 27  ? 3.533   10.006  1.906   1.00 22.86 ? 25   LYS A CA  1 
ATOM   212  C C   . LYS A 1 27  ? 2.170   10.703  1.698   1.00 30.40 ? 25   LYS A C   1 
ATOM   213  O O   . LYS A 1 27  ? 1.841   11.596  2.396   1.00 27.19 ? 25   LYS A O   1 
ATOM   214  C CB  . LYS A 1 27  ? 4.571   10.551  0.955   1.00 25.52 ? 25   LYS A CB  1 
ATOM   215  C CG  . LYS A 1 27  ? 4.587   12.044  0.867   1.00 31.78 ? 25   LYS A CG  1 
ATOM   216  C CD  . LYS A 1 27  ? 5.374   12.496  -0.322  1.00 38.71 ? 25   LYS A CD  1 
ATOM   217  C CE  . LYS A 1 27  ? 6.623   13.221  0.098   1.00 54.78 ? 25   LYS A CE  1 
ATOM   218  N NZ  . LYS A 1 27  ? 6.462   14.688  -0.072  1.00 51.03 ? 25   LYS A NZ  1 
ATOM   219  N N   . LYS A 1 28  ? 1.393   10.230  0.746   1.00 23.16 ? 26   LYS A N   1 
ATOM   220  C CA  . LYS A 1 28  ? 0.097   10.800  0.426   1.00 24.33 ? 26   LYS A CA  1 
ATOM   221  C C   . LYS A 1 28  ? -0.924  10.478  1.518   1.00 28.89 ? 26   LYS A C   1 
ATOM   222  O O   . LYS A 1 28  ? -1.716  11.298  1.889   1.00 26.33 ? 26   LYS A O   1 
ATOM   223  C CB  . LYS A 1 28  ? -0.398  10.285  -0.926  1.00 20.00 ? 26   LYS A CB  1 
ATOM   224  C CG  . LYS A 1 28  ? 0.425   10.763  -2.112  1.00 20.00 ? 26   LYS A CG  1 
ATOM   225  C CD  . LYS A 1 28  ? -0.105  10.197  -3.418  1.00 20.00 ? 26   LYS A CD  1 
ATOM   226  C CE  . LYS A 1 28  ? 0.704   10.693  -4.605  1.00 20.00 ? 26   LYS A CE  1 
ATOM   227  N NZ  . LYS A 1 28  ? 0.209   10.126  -5.890  1.00 20.00 ? 26   LYS A NZ  1 
ATOM   228  N N   . VAL A 1 29  ? -0.901  9.253   1.999   1.00 22.50 ? 27   VAL A N   1 
ATOM   229  C CA  . VAL A 1 29  ? -1.737  8.880   3.103   1.00 25.51 ? 27   VAL A CA  1 
ATOM   230  C C   . VAL A 1 29  ? -1.425  9.704   4.345   1.00 26.20 ? 27   VAL A C   1 
ATOM   231  O O   . VAL A 1 29  ? -2.293  10.086  5.021   1.00 26.99 ? 27   VAL A O   1 
ATOM   232  C CB  . VAL A 1 29  ? -1.639  7.384   3.438   1.00 23.69 ? 27   VAL A CB  1 
ATOM   233  C CG1 . VAL A 1 29  ? -2.420  7.049   4.689   1.00 24.38 ? 27   VAL A CG1 1 
ATOM   234  C CG2 . VAL A 1 29  ? -2.148  6.557   2.287   1.00 25.15 ? 27   VAL A CG2 1 
ATOM   235  N N   . LYS A 1 30  ? -0.161  9.959   4.615   1.00 22.91 ? 28   LYS A N   1 
ATOM   236  C CA  . LYS A 1 30  ? 0.211   10.763  5.771   1.00 24.31 ? 28   LYS A CA  1 
ATOM   237  C C   . LYS A 1 30  ? -0.326  12.173  5.654   1.00 25.60 ? 28   LYS A C   1 
ATOM   238  O O   . LYS A 1 30  ? -0.887  12.693  6.555   1.00 25.49 ? 28   LYS A O   1 
ATOM   239  C CB  . LYS A 1 30  ? 1.730   10.779  5.933   1.00 22.65 ? 28   LYS A CB  1 
ATOM   240  C CG  . LYS A 1 30  ? 2.262   11.495  7.131   1.00 24.75 ? 28   LYS A CG  1 
ATOM   241  C CD  . LYS A 1 30  ? 3.742   11.680  7.008   1.00 25.28 ? 28   LYS A CD  1 
ATOM   242  C CE  . LYS A 1 30  ? 4.374   12.313  8.210   1.00 35.39 ? 28   LYS A CE  1 
ATOM   243  N NZ  . LYS A 1 30  ? 4.295   13.775  8.066   1.00 38.89 ? 28   LYS A NZ  1 
ATOM   244  N N   . GLU A 1 31  ? -0.133  12.755  4.498   1.00 25.52 ? 29   GLU A N   1 
ATOM   245  C CA  . GLU A 1 31  ? -0.551  14.101  4.272   1.00 28.61 ? 29   GLU A CA  1 
ATOM   246  C C   . GLU A 1 31  ? -2.066  14.252  4.378   1.00 28.95 ? 29   GLU A C   1 
ATOM   247  O O   . GLU A 1 31  ? -2.540  15.138  5.024   1.00 27.92 ? 29   GLU A O   1 
ATOM   248  C CB  . GLU A 1 31  ? 0.045   14.609  2.972   1.00 29.69 ? 29   GLU A CB  1 
ATOM   249  C CG  . GLU A 1 31  ? 1.448   15.136  3.243   1.00 39.82 ? 29   GLU A CG  1 
ATOM   250  C CD  . GLU A 1 31  ? 2.599   14.591  2.415   1.00 46.58 ? 29   GLU A CD  1 
ATOM   251  O OE1 . GLU A 1 31  ? 2.836   15.098  1.307   1.00 45.09 ? 29   GLU A OE1 1 
ATOM   252  O OE2 . GLU A 1 31  ? 3.315   13.708  2.924   1.00 40.00 ? 29   GLU A OE2 1 
ATOM   253  N N   . MET A 1 32  ? -2.808  13.339  3.796   1.00 25.21 ? 30   MET A N   1 
ATOM   254  C CA  . MET A 1 32  ? -4.253  13.372  3.921   1.00 22.75 ? 30   MET A CA  1 
ATOM   255  C C   . MET A 1 32  ? -4.777  13.187  5.350   1.00 26.54 ? 30   MET A C   1 
ATOM   256  O O   . MET A 1 32  ? -5.746  13.793  5.717   1.00 28.80 ? 30   MET A O   1 
ATOM   257  C CB  . MET A 1 32  ? -4.912  12.410  2.968   1.00 25.47 ? 30   MET A CB  1 
ATOM   258  C CG  . MET A 1 32  ? -4.576  12.664  1.535   1.00 28.71 ? 30   MET A CG  1 
ATOM   259  S SD  . MET A 1 32  ? -5.209  11.384  0.466   1.00 32.75 ? 30   MET A SD  1 
ATOM   260  C CE  . MET A 1 32  ? -6.853  11.988  0.208   1.00 31.80 ? 30   MET A CE  1 
ATOM   261  N N   . LEU A 1 33  ? -4.155  12.315  6.125   1.00 22.75 ? 31   LEU A N   1 
ATOM   262  C CA  . LEU A 1 33  ? -4.545  12.155  7.514   1.00 22.41 ? 31   LEU A CA  1 
ATOM   263  C C   . LEU A 1 33  ? -4.285  13.460  8.273   1.00 25.50 ? 31   LEU A C   1 
ATOM   264  O O   . LEU A 1 33  ? -5.046  13.862  9.104   1.00 26.24 ? 31   LEU A O   1 
ATOM   265  C CB  . LEU A 1 33  ? -3.848  10.959  8.192   1.00 22.90 ? 31   LEU A CB  1 
ATOM   266  C CG  . LEU A 1 33  ? -4.294  9.585   7.752   1.00 21.92 ? 31   LEU A CG  1 
ATOM   267  C CD1 . LEU A 1 33  ? -3.263  8.506   8.016   1.00 23.60 ? 31   LEU A CD1 1 
ATOM   268  C CD2 . LEU A 1 33  ? -5.630  9.182   8.254   1.00 24.46 ? 31   LEU A CD2 1 
ATOM   269  N N   . GLU A 1 34  ? -3.173  14.095  7.968   1.00 27.41 ? 32   GLU A N   1 
ATOM   270  C CA  . GLU A 1 34  ? -2.836  15.339  8.621   1.00 26.35 ? 32   GLU A CA  1 
ATOM   271  C C   . GLU A 1 34  ? -3.891  16.389  8.308   1.00 32.71 ? 32   GLU A C   1 
ATOM   272  O O   . GLU A 1 34  ? -4.275  17.122  9.155   1.00 28.51 ? 32   GLU A O   1 
ATOM   273  C CB  . GLU A 1 34  ? -1.441  15.793  8.250   1.00 26.05 ? 32   GLU A CB  1 
ATOM   274  C CG  . GLU A 1 34  ? -0.381  15.078  9.028   1.00 29.01 ? 32   GLU A CG  1 
ATOM   275  C CD  . GLU A 1 34  ? 1.007   15.184  8.478   1.00 36.87 ? 32   GLU A CD  1 
ATOM   276  O OE1 . GLU A 1 34  ? 1.195   15.725  7.416   1.00 35.08 ? 32   GLU A OE1 1 
ATOM   277  O OE2 . GLU A 1 34  ? 1.910   14.742  9.140   1.00 31.12 ? 32   GLU A OE2 1 
ATOM   278  N N   . LYS A 1 35  ? -4.344  16.419  7.084   1.00 26.70 ? 33   LYS A N   1 
ATOM   279  C CA  . LYS A 1 35  ? -5.355  17.356  6.688   1.00 28.59 ? 33   LYS A CA  1 
ATOM   280  C C   . LYS A 1 35  ? -6.663  17.105  7.397   1.00 34.09 ? 33   LYS A C   1 
ATOM   281  O O   . LYS A 1 35  ? -7.310  18.009  7.823   1.00 30.35 ? 33   LYS A O   1 
ATOM   282  C CB  . LYS A 1 35  ? -5.572  17.326  5.203   1.00 31.57 ? 33   LYS A CB  1 
ATOM   283  C CG  . LYS A 1 35  ? -4.333  17.669  4.479   1.00 36.99 ? 33   LYS A CG  1 
ATOM   284  C CD  . LYS A 1 35  ? -4.632  18.193  3.100   1.00 49.47 ? 33   LYS A CD  1 
ATOM   285  C CE  . LYS A 1 35  ? -3.389  18.854  2.516   1.00 49.09 ? 33   LYS A CE  1 
ATOM   286  N NZ  . LYS A 1 35  ? -2.902  18.085  1.355   1.00 54.95 ? 33   LYS A NZ  1 
ATOM   287  N N   . MET A 1 36  ? -7.011  15.840  7.518   1.00 28.61 ? 34   MET A N   1 
ATOM   288  C CA  . MET A 1 36  ? -8.226  15.496  8.212   1.00 26.18 ? 34   MET A CA  1 
ATOM   289  C C   . MET A 1 36  ? -8.144  15.996  9.662   1.00 25.36 ? 34   MET A C   1 
ATOM   290  O O   . MET A 1 36  ? -9.056  16.617  10.156  1.00 26.69 ? 34   MET A O   1 
ATOM   291  C CB  . MET A 1 36  ? -8.395  13.984  8.160   1.00 24.44 ? 34   MET A CB  1 
ATOM   292  C CG  . MET A 1 36  ? -9.564  13.376  8.882   1.00 31.93 ? 34   MET A CG  1 
ATOM   293  S SD  . MET A 1 36  ? -9.536  11.593  8.623   1.00 30.35 ? 34   MET A SD  1 
ATOM   294  C CE  . MET A 1 36  ? -10.931 11.132  9.602   1.00 29.08 ? 34   MET A CE  1 
ATOM   295  N N   . ILE A 1 37  ? -7.008  15.775  10.301  1.00 24.74 ? 35   ILE A N   1 
ATOM   296  C CA  . ILE A 1 37  ? -6.858  16.188  11.670  1.00 25.29 ? 35   ILE A CA  1 
ATOM   297  C C   . ILE A 1 37  ? -6.871  17.703  11.798  1.00 28.68 ? 35   ILE A C   1 
ATOM   298  O O   . ILE A 1 37  ? -7.373  18.231  12.728  1.00 30.86 ? 35   ILE A O   1 
ATOM   299  C CB  . ILE A 1 37  ? -5.646  15.538  12.347  1.00 28.13 ? 35   ILE A CB  1 
ATOM   300  C CG1 . ILE A 1 37  ? -5.906  14.042  12.530  1.00 26.01 ? 35   ILE A CG1 1 
ATOM   301  C CG2 . ILE A 1 37  ? -5.379  16.168  13.694  1.00 30.00 ? 35   ILE A CG2 1 
ATOM   302  C CD1 . ILE A 1 37  ? -4.697  13.211  12.860  1.00 30.33 ? 35   ILE A CD1 1 
ATOM   303  N N   . LYS A 1 38  ? -6.270  18.378  10.849  1.00 26.56 ? 36   LYS A N   1 
ATOM   304  C CA  . LYS A 1 38  ? -6.245  19.813  10.851  1.00 30.23 ? 36   LYS A CA  1 
ATOM   305  C C   . LYS A 1 38  ? -7.648  20.395  10.721  1.00 29.74 ? 36   LYS A C   1 
ATOM   306  O O   . LYS A 1 38  ? -7.960  21.352  11.355  1.00 31.07 ? 36   LYS A O   1 
ATOM   307  C CB  . LYS A 1 38  ? -5.348  20.298  9.731   1.00 29.20 ? 36   LYS A CB  1 
ATOM   308  C CG  . LYS A 1 38  ? -4.995  21.760  9.767   1.00 37.46 ? 36   LYS A CG  1 
ATOM   309  C CD  . LYS A 1 38  ? -4.801  22.281  8.351   1.00 44.38 ? 36   LYS A CD  1 
ATOM   310  C CE  . LYS A 1 38  ? -4.314  23.714  8.319   1.00 52.84 ? 36   LYS A CE  1 
ATOM   311  N NZ  . LYS A 1 38  ? -2.987  23.771  7.672   1.00 57.80 ? 36   LYS A NZ  1 
ATOM   312  N N   . GLU A 1 39  ? -8.458  19.792  9.890   1.00 25.34 ? 37   GLU A N   1 
ATOM   313  C CA  . GLU A 1 39  ? -9.817  20.228  9.751   1.00 24.78 ? 37   GLU A CA  1 
ATOM   314  C C   . GLU A 1 39  ? -10.590 20.034  11.066  1.00 29.71 ? 37   GLU A C   1 
ATOM   315  O O   . GLU A 1 39  ? -11.352 20.888  11.463  1.00 26.17 ? 37   GLU A O   1 
ATOM   316  C CB  . GLU A 1 39  ? -10.476 19.530  8.597   1.00 29.50 ? 37   GLU A CB  1 
ATOM   317  C CG  . GLU A 1 39  ? -11.848 20.019  8.226   1.00 31.22 ? 37   GLU A CG  1 
ATOM   318  C CD  . GLU A 1 39  ? -11.906 21.503  7.864   1.00 33.03 ? 37   GLU A CD  1 
ATOM   319  O OE1 . GLU A 1 39  ? -10.886 22.123  7.666   1.00 35.00 ? 37   GLU A OE1 1 
ATOM   320  O OE2 . GLU A 1 39  ? -13.000 22.036  7.828   1.00 43.86 ? 37   GLU A OE2 1 
ATOM   321  N N   . ILE A 1 40  ? -10.363 18.901  11.724  1.00 27.85 ? 38   ILE A N   1 
ATOM   322  C CA  . ILE A 1 40  ? -11.042 18.680  12.971  1.00 28.20 ? 38   ILE A CA  1 
ATOM   323  C C   . ILE A 1 40  ? -10.624 19.732  13.967  1.00 28.12 ? 38   ILE A C   1 
ATOM   324  O O   . ILE A 1 40  ? -11.426 20.257  14.669  1.00 29.05 ? 38   ILE A O   1 
ATOM   325  C CB  . ILE A 1 40  ? -10.779 17.262  13.516  1.00 25.40 ? 38   ILE A CB  1 
ATOM   326  C CG1 . ILE A 1 40  ? -11.536 16.261  12.699  1.00 23.78 ? 38   ILE A CG1 1 
ATOM   327  C CG2 . ILE A 1 40  ? -11.238 17.112  14.940  1.00 29.27 ? 38   ILE A CG2 1 
ATOM   328  C CD1 . ILE A 1 40  ? -11.155 14.856  13.063  1.00 35.68 ? 38   ILE A CD1 1 
ATOM   329  N N   . LYS A 1 41  ? -9.353  20.052  14.002  1.00 23.74 ? 39   LYS A N   1 
ATOM   330  C CA  . LYS A 1 41  ? -8.857  21.031  14.935  1.00 23.40 ? 39   LYS A CA  1 
ATOM   331  C C   . LYS A 1 41  ? -9.502  22.387  14.686  1.00 29.48 ? 39   LYS A C   1 
ATOM   332  O O   . LYS A 1 41  ? -9.919  23.045  15.610  1.00 30.37 ? 39   LYS A O   1 
ATOM   333  C CB  . LYS A 1 41  ? -7.356  21.165  14.865  1.00 27.99 ? 39   LYS A CB  1 
ATOM   334  C CG  . LYS A 1 41  ? -6.773  22.296  15.671  1.00 30.14 ? 39   LYS A CG  1 
ATOM   335  C CD  . LYS A 1 41  ? -5.283  22.126  15.773  1.00 34.62 ? 39   LYS A CD  1 
ATOM   336  C CE  . LYS A 1 41  ? -4.581  23.414  16.038  1.00 35.12 ? 39   LYS A CE  1 
ATOM   337  N NZ  . LYS A 1 41  ? -4.088  23.380  17.408  1.00 48.57 ? 39   LYS A NZ  1 
ATOM   338  N N   . LYS A 1 42  ? -9.608  22.785  13.450  1.00 24.65 ? 40   LYS A N   1 
ATOM   339  C CA  . LYS A 1 42  ? -10.207 24.048  13.121  1.00 27.17 ? 40   LYS A CA  1 
ATOM   340  C C   . LYS A 1 42  ? -11.627 24.085  13.644  1.00 32.66 ? 40   LYS A C   1 
ATOM   341  O O   . LYS A 1 42  ? -12.027 25.015  14.258  1.00 30.47 ? 40   LYS A O   1 
ATOM   342  C CB  . LYS A 1 42  ? -10.180 24.244  11.612  1.00 33.12 ? 40   LYS A CB  1 
ATOM   343  C CG  . LYS A 1 42  ? -10.793 25.509  11.019  1.00 38.28 ? 40   LYS A CG  1 
ATOM   344  C CD  . LYS A 1 42  ? -10.398 25.688  9.541   1.00 48.27 ? 40   LYS A CD  1 
ATOM   345  C CE  . LYS A 1 42  ? -10.335 27.157  9.095   1.00 69.18 ? 40   LYS A CE  1 
ATOM   346  N NZ  . LYS A 1 42  ? -9.035  27.667  8.518   1.00 70.83 ? 40   LYS A NZ  1 
ATOM   347  N N   . MET A 1 43  ? -12.374 23.042  13.390  1.00 27.93 ? 41   MET A N   1 
ATOM   348  C CA  . MET A 1 43  ? -13.751 23.021  13.803  1.00 26.08 ? 41   MET A CA  1 
ATOM   349  C C   . MET A 1 43  ? -13.897 23.081  15.308  1.00 30.69 ? 41   MET A C   1 
ATOM   350  O O   . MET A 1 43  ? -14.767 23.716  15.810  1.00 28.21 ? 41   MET A O   1 
ATOM   351  C CB  . MET A 1 43  ? -14.480 21.823  13.195  1.00 27.38 ? 41   MET A CB  1 
ATOM   352  C CG  . MET A 1 43  ? -14.600 21.943  11.708  1.00 28.73 ? 41   MET A CG  1 
ATOM   353  S SD  . MET A 1 43  ? -15.641 20.771  10.885  1.00 38.06 ? 41   MET A SD  1 
ATOM   354  C CE  . MET A 1 43  ? -14.569 19.391  10.925  1.00 33.94 ? 41   MET A CE  1 
ATOM   355  N N   . LEU A 1 44  ? -13.028 22.404  16.016  1.00 27.44 ? 42   LEU A N   1 
ATOM   356  C CA  . LEU A 1 44  ? -13.056 22.436  17.465  1.00 29.29 ? 42   LEU A CA  1 
ATOM   357  C C   . LEU A 1 44  ? -12.709 23.805  18.035  1.00 32.94 ? 42   LEU A C   1 
ATOM   358  O O   . LEU A 1 44  ? -13.279 24.231  18.991  1.00 33.27 ? 42   LEU A O   1 
ATOM   359  C CB  . LEU A 1 44  ? -12.124 21.382  18.049  1.00 34.58 ? 42   LEU A CB  1 
ATOM   360  C CG  . LEU A 1 44  ? -12.546 19.926  17.977  1.00 29.64 ? 42   LEU A CG  1 
ATOM   361  C CD1 . LEU A 1 44  ? -11.392 19.049  18.342  1.00 31.18 ? 42   LEU A CD1 1 
ATOM   362  C CD2 . LEU A 1 44  ? -13.683 19.683  18.932  1.00 37.83 ? 42   LEU A CD2 1 
ATOM   363  N N   . GLU A 1 45  ? -11.754 24.464  17.434  1.00 28.34 ? 43   GLU A N   1 
ATOM   364  C CA  . GLU A 1 45  ? -11.391 25.780  17.841  1.00 31.02 ? 43   GLU A CA  1 
ATOM   365  C C   . GLU A 1 45  ? -12.577 26.755  17.670  1.00 31.36 ? 43   GLU A C   1 
ATOM   366  O O   . GLU A 1 45  ? -12.633 27.724  18.349  1.00 29.40 ? 43   GLU A O   1 
ATOM   367  C CB  . GLU A 1 45  ? -10.172 26.266  17.064  1.00 36.80 ? 43   GLU A CB  1 
ATOM   368  C CG  . GLU A 1 45  ? -8.853  25.687  17.499  1.00 37.46 ? 43   GLU A CG  1 
ATOM   369  C CD  . GLU A 1 45  ? -7.743  26.044  16.549  1.00 41.05 ? 43   GLU A CD  1 
ATOM   370  O OE1 . GLU A 1 45  ? -8.004  26.249  15.385  1.00 40.65 ? 43   GLU A OE1 1 
ATOM   371  O OE2 . GLU A 1 45  ? -6.599  26.119  16.973  1.00 46.19 ? 43   GLU A OE2 1 
ATOM   372  N N   . ASN A 1 46  ? -13.485 26.469  16.752  1.00 27.18 ? 44   ASN A N   1 
ATOM   373  C CA  . ASN A 1 46  ? -14.663 27.298  16.514  1.00 28.42 ? 44   ASN A CA  1 
ATOM   374  C C   . ASN A 1 46  ? -15.926 26.786  17.202  1.00 28.26 ? 44   ASN A C   1 
ATOM   375  O O   . ASN A 1 46  ? -16.968 27.254  16.951  1.00 24.56 ? 44   ASN A O   1 
ATOM   376  C CB  . ASN A 1 46  ? -14.933 27.445  15.023  1.00 28.49 ? 44   ASN A CB  1 
ATOM   377  C CG  . ASN A 1 46  ? -15.933 28.537  14.703  1.00 36.38 ? 44   ASN A CG  1 
ATOM   378  O OD1 . ASN A 1 46  ? -15.922 29.578  15.284  1.00 30.84 ? 44   ASN A OD1 1 
ATOM   379  N ND2 . ASN A 1 46  ? -16.767 28.290  13.731  1.00 34.08 ? 44   ASN A ND2 1 
ATOM   380  N N   . GLY A 1 47  ? -15.773 25.827  18.086  1.00 27.45 ? 45   GLY A N   1 
ATOM   381  C CA  . GLY A 1 47  ? -16.876 25.349  18.873  1.00 32.83 ? 45   GLY A CA  1 
ATOM   382  C C   . GLY A 1 47  ? -18.029 24.748  18.124  1.00 27.91 ? 45   GLY A C   1 
ATOM   383  O O   . GLY A 1 47  ? -19.140 24.858  18.523  1.00 27.36 ? 45   GLY A O   1 
ATOM   384  N N   . GLU A 1 48  ? -17.732 24.097  17.027  1.00 26.44 ? 46   GLU A N   1 
ATOM   385  C CA  . GLU A 1 48  ? -18.734 23.480  16.200  1.00 28.25 ? 46   GLU A CA  1 
ATOM   386  C C   . GLU A 1 48  ? -19.350 22.212  16.767  1.00 28.48 ? 46   GLU A C   1 
ATOM   387  O O   . GLU A 1 48  ? -18.788 21.587  17.580  1.00 28.81 ? 46   GLU A O   1 
ATOM   388  C CB  . GLU A 1 48  ? -18.175 23.255  14.802  1.00 26.73 ? 46   GLU A CB  1 
ATOM   389  C CG  . GLU A 1 48  ? -17.636 24.560  14.263  1.00 30.79 ? 46   GLU A CG  1 
ATOM   390  C CD  . GLU A 1 48  ? -17.332 24.556  12.814  1.00 43.23 ? 46   GLU A CD  1 
ATOM   391  O OE1 . GLU A 1 48  ? -17.696 23.615  12.144  1.00 38.36 ? 46   GLU A OE1 1 
ATOM   392  O OE2 . GLU A 1 48  ? -16.739 25.520  12.351  1.00 45.32 ? 46   GLU A OE2 1 
ATOM   393  N N   . ASP A 1 49  ? -20.558 21.896  16.346  1.00 31.97 ? 47   ASP A N   1 
ATOM   394  C CA  . ASP A 1 49  ? -21.249 20.730  16.868  1.00 31.67 ? 47   ASP A CA  1 
ATOM   395  C C   . ASP A 1 49  ? -20.832 19.454  16.195  1.00 34.05 ? 47   ASP A C   1 
ATOM   396  O O   . ASP A 1 49  ? -20.249 19.470  15.172  1.00 30.40 ? 47   ASP A O   1 
ATOM   397  C CB  . ASP A 1 49  ? -22.748 20.885  16.881  1.00 30.36 ? 47   ASP A CB  1 
ATOM   398  C CG  . ASP A 1 49  ? -23.327 21.001  15.526  1.00 37.52 ? 47   ASP A CG  1 
ATOM   399  O OD1 . ASP A 1 49  ? -22.698 20.570  14.590  1.00 38.11 ? 47   ASP A OD1 1 
ATOM   400  O OD2 . ASP A 1 49  ? -24.414 21.532  15.396  1.00 36.94 ? 47   ASP A OD2 1 
ATOM   401  N N   . SER A 1 50  ? -21.162 18.365  16.843  1.00 31.67 ? 48   SER A N   1 
ATOM   402  C CA  . SER A 1 50  ? -20.654 17.078  16.510  1.00 29.92 ? 48   SER A CA  1 
ATOM   403  C C   . SER A 1 50  ? -21.046 16.668  15.162  1.00 31.95 ? 48   SER A C   1 
ATOM   404  O O   . SER A 1 50  ? -20.302 16.082  14.455  1.00 29.93 ? 48   SER A O   1 
ATOM   405  C CB  . SER A 1 50  ? -21.207 16.086  17.466  1.00 31.42 ? 48   SER A CB  1 
ATOM   406  O OG  . SER A 1 50  ? -20.695 16.417  18.705  1.00 35.23 ? 48   SER A OG  1 
ATOM   407  N N   . GLU A 1 51  ? -22.265 16.980  14.844  1.00 33.65 ? 49   GLU A N   1 
ATOM   408  C CA  . GLU A 1 51  ? -22.828 16.554  13.624  1.00 31.92 ? 49   GLU A CA  1 
ATOM   409  C C   . GLU A 1 51  ? -22.014 17.135  12.460  1.00 27.98 ? 49   GLU A C   1 
ATOM   410  O O   . GLU A 1 51  ? -21.701 16.436  11.535  1.00 33.30 ? 49   GLU A O   1 
ATOM   411  C CB  . GLU A 1 51  ? -24.326 16.895  13.617  1.00 38.00 ? 49   GLU A CB  1 
ATOM   412  C CG  . GLU A 1 51  ? -24.852 17.829  14.740  1.00 44.47 ? 49   GLU A CG  1 
ATOM   413  C CD  . GLU A 1 51  ? -24.833 17.338  16.205  1.00 38.39 ? 49   GLU A CD  1 
ATOM   414  O OE1 . GLU A 1 51  ? -25.107 16.170  16.554  1.00 57.22 ? 49   GLU A OE1 1 
ATOM   415  O OE2 . GLU A 1 51  ? -24.618 18.169  17.049  1.00 43.51 ? 49   GLU A OE2 1 
ATOM   416  N N   . LYS A 1 52  ? -21.602 18.384  12.539  1.00 28.16 ? 50   LYS A N   1 
ATOM   417  C CA  . LYS A 1 52  ? -20.826 19.002  11.483  1.00 27.97 ? 50   LYS A CA  1 
ATOM   418  C C   . LYS A 1 52  ? -19.430 18.384  11.403  1.00 30.78 ? 50   LYS A C   1 
ATOM   419  O O   . LYS A 1 52  ? -18.891 18.195  10.353  1.00 29.63 ? 50   LYS A O   1 
ATOM   420  C CB  . LYS A 1 52  ? -20.710 20.502  11.736  1.00 33.09 ? 50   LYS A CB  1 
ATOM   421  C CG  . LYS A 1 52  ? -19.952 21.313  10.711  1.00 35.15 ? 50   LYS A CG  1 
ATOM   422  C CD  . LYS A 1 52  ? -20.413 22.764  10.768  1.00 46.93 ? 50   LYS A CD  1 
ATOM   423  C CE  . LYS A 1 52  ? -19.573 23.728  9.952   1.00 48.38 ? 50   LYS A CE  1 
ATOM   424  N NZ  . LYS A 1 52  ? -19.233 23.244  8.598   1.00 54.70 ? 50   LYS A NZ  1 
ATOM   425  N N   . ILE A 1 53  ? -18.870 18.107  12.560  1.00 25.08 ? 51   ILE A N   1 
ATOM   426  C CA  . ILE A 1 53  ? -17.537 17.579  12.638  1.00 23.26 ? 51   ILE A CA  1 
ATOM   427  C C   . ILE A 1 53  ? -17.448 16.182  12.040  1.00 29.59 ? 51   ILE A C   1 
ATOM   428  O O   . ILE A 1 53  ? -16.576 15.916  11.276  1.00 28.41 ? 51   ILE A O   1 
ATOM   429  C CB  . ILE A 1 53  ? -16.983 17.610  14.076  1.00 21.81 ? 51   ILE A CB  1 
ATOM   430  C CG1 . ILE A 1 53  ? -16.779 19.042  14.505  1.00 30.43 ? 51   ILE A CG1 1 
ATOM   431  C CG2 . ILE A 1 53  ? -15.670 16.857  14.165  1.00 26.63 ? 51   ILE A CG2 1 
ATOM   432  C CD1 . ILE A 1 53  ? -16.266 19.257  15.894  1.00 28.45 ? 51   ILE A CD1 1 
ATOM   433  N N   . LEU A 1 54  ? -18.372 15.319  12.389  1.00 27.30 ? 52   LEU A N   1 
ATOM   434  C CA  . LEU A 1 54  ? -18.404 13.976  11.860  1.00 28.13 ? 52   LEU A CA  1 
ATOM   435  C C   . LEU A 1 54  ? -18.634 13.858  10.370  1.00 33.70 ? 52   LEU A C   1 
ATOM   436  O O   . LEU A 1 54  ? -18.083 13.004  9.755   1.00 29.22 ? 52   LEU A O   1 
ATOM   437  C CB  . LEU A 1 54  ? -19.453 13.164  12.585  1.00 28.37 ? 52   LEU A CB  1 
ATOM   438  C CG  . LEU A 1 54  ? -19.000 13.033  13.991  1.00 28.02 ? 52   LEU A CG  1 
ATOM   439  C CD1 . LEU A 1 54  ? -20.171 12.701  14.844  1.00 39.36 ? 52   LEU A CD1 1 
ATOM   440  C CD2 . LEU A 1 54  ? -17.935 11.964  14.049  1.00 28.74 ? 52   LEU A CD2 1 
ATOM   441  N N   . LYS A 1 55  ? -19.480 14.720  9.823   1.00 28.81 ? 53   LYS A N   1 
ATOM   442  C CA  . LYS A 1 55  ? -19.780 14.726  8.403   1.00 29.38 ? 53   LYS A CA  1 
ATOM   443  C C   . LYS A 1 55  ? -18.544 15.037  7.580   1.00 32.55 ? 53   LYS A C   1 
ATOM   444  O O   . LYS A 1 55  ? -18.232 14.378  6.634   1.00 30.45 ? 53   LYS A O   1 
ATOM   445  C CB  . LYS A 1 55  ? -20.856 15.766  8.092   1.00 29.85 ? 53   LYS A CB  1 
ATOM   446  C CG  . LYS A 1 55  ? -21.569 15.574  6.768   1.00 42.04 ? 53   LYS A CG  1 
ATOM   447  C CD  . LYS A 1 55  ? -22.452 16.752  6.388   1.00 46.01 ? 53   LYS A CD  1 
ATOM   448  C CE  . LYS A 1 55  ? -23.051 16.580  5.026   1.00 46.57 ? 53   LYS A CE  1 
ATOM   449  N NZ  . LYS A 1 55  ? -22.151 17.073  3.971   1.00 50.00 ? 53   LYS A NZ  1 
ATOM   450  N N   . LYS A 1 56  ? -17.813 16.036  8.002   1.00 31.17 ? 54   LYS A N   1 
ATOM   451  C CA  . LYS A 1 56  ? -16.612 16.413  7.342   1.00 26.09 ? 54   LYS A CA  1 
ATOM   452  C C   . LYS A 1 56  ? -15.589 15.285  7.458   1.00 26.66 ? 54   LYS A C   1 
ATOM   453  O O   . LYS A 1 56  ? -14.977 14.935  6.505   1.00 30.79 ? 54   LYS A O   1 
ATOM   454  C CB  . LYS A 1 56  ? -16.108 17.714  7.927   1.00 27.00 ? 54   LYS A CB  1 
ATOM   455  C CG  . LYS A 1 56  ? -14.940 18.330  7.234   1.00 29.71 ? 54   LYS A CG  1 
ATOM   456  C CD  . LYS A 1 56  ? -15.177 18.359  5.765   1.00 37.22 ? 54   LYS A CD  1 
ATOM   457  C CE  . LYS A 1 56  ? -14.963 19.711  5.158   1.00 46.21 ? 54   LYS A CE  1 
ATOM   458  N NZ  . LYS A 1 56  ? -15.168 19.653  3.689   1.00 48.59 ? 54   LYS A NZ  1 
ATOM   459  N N   . ALA A 1 57  ? -15.449 14.704  8.632   1.00 24.84 ? 55   ALA A N   1 
ATOM   460  C CA  . ALA A 1 57  ? -14.454 13.629  8.824   1.00 25.34 ? 55   ALA A CA  1 
ATOM   461  C C   . ALA A 1 57  ? -14.756 12.391  7.997   1.00 27.34 ? 55   ALA A C   1 
ATOM   462  O O   . ALA A 1 57  ? -13.884 11.773  7.489   1.00 28.75 ? 55   ALA A O   1 
ATOM   463  C CB  . ALA A 1 57  ? -14.315 13.256  10.276  1.00 26.78 ? 55   ALA A CB  1 
ATOM   464  N N   . LYS A 1 58  ? -16.021 12.059  7.905   1.00 29.05 ? 56   LYS A N   1 
ATOM   465  C CA  . LYS A 1 58  ? -16.432 10.968  7.107   1.00 28.28 ? 56   LYS A CA  1 
ATOM   466  C C   . LYS A 1 58  ? -16.075 11.188  5.673   1.00 34.98 ? 56   LYS A C   1 
ATOM   467  O O   . LYS A 1 58  ? -15.629 10.297  5.036   1.00 31.96 ? 56   LYS A O   1 
ATOM   468  C CB  . LYS A 1 58  ? -17.901 10.753  7.265   1.00 33.62 ? 56   LYS A CB  1 
ATOM   469  C CG  . LYS A 1 58  ? -18.222 9.905   8.452   1.00 40.77 ? 56   LYS A CG  1 
ATOM   470  C CD  . LYS A 1 58  ? -19.152 8.798   8.041   1.00 46.54 ? 56   LYS A CD  1 
ATOM   471  C CE  . LYS A 1 58  ? -20.171 8.544   9.110   1.00 53.49 ? 56   LYS A CE  1 
ATOM   472  N NZ  . LYS A 1 58  ? -21.481 8.258   8.470   1.00 62.88 ? 56   LYS A NZ  1 
ATOM   473  N N   . GLU A 1 59  ? -16.278 12.396  5.172   1.00 30.91 ? 57   GLU A N   1 
ATOM   474  C CA  . GLU A 1 59  ? -15.939 12.753  3.800   1.00 27.17 ? 57   GLU A CA  1 
ATOM   475  C C   . GLU A 1 59  ? -14.465 12.621  3.567   1.00 32.84 ? 57   GLU A C   1 
ATOM   476  O O   . GLU A 1 59  ? -14.063 12.140  2.565   1.00 33.90 ? 57   GLU A O   1 
ATOM   477  C CB  . GLU A 1 59  ? -16.399 14.166  3.433   1.00 38.89 ? 57   GLU A CB  1 
ATOM   478  C CG  . GLU A 1 59  ? -15.748 14.752  2.183   1.00 48.22 ? 57   GLU A CG  1 
ATOM   479  C CD  . GLU A 1 59  ? -15.419 16.202  2.310   1.00 55.74 ? 57   GLU A CD  1 
ATOM   480  O OE1 . GLU A 1 59  ? -16.356 16.981  2.444   1.00 57.91 ? 57   GLU A OE1 1 
ATOM   481  O OE2 . GLU A 1 59  ? -14.247 16.579  2.287   1.00 52.46 ? 57   GLU A OE2 1 
ATOM   482  N N   . MET A 1 60  ? -13.775 13.222  4.498   1.00 29.43 ? 58   MET A N   1 
ATOM   483  C CA  A MET A 1 60  ? -12.252 13.036  4.346   0.50 30.67 ? 58   MET A CA  1 
ATOM   484  C CA  B MET A 1 60  ? -12.367 12.985  4.411   0.50 30.69 ? 58   MET A CA  1 
ATOM   485  C C   . MET A 1 60  ? -11.705 11.498  4.285   1.00 30.03 ? 58   MET A C   1 
ATOM   486  O O   . MET A 1 60  ? -10.885 11.012  3.463   1.00 33.34 ? 58   MET A O   1 
ATOM   487  C CB  A MET A 1 60  ? -11.520 13.763  5.460   0.50 31.42 ? 58   MET A CB  1 
ATOM   488  C CB  B MET A 1 60  ? -11.606 13.789  5.448   0.50 31.45 ? 58   MET A CB  1 
ATOM   489  C CG  A MET A 1 60  ? -11.823 15.232  5.597   0.50 35.25 ? 58   MET A CG  1 
ATOM   490  C CG  B MET A 1 60  ? -11.906 15.259  5.367   0.50 35.14 ? 58   MET A CG  1 
ATOM   491  S SD  A MET A 1 60  ? -10.792 16.330  4.686   0.50 50.69 ? 58   MET A SD  1 
ATOM   492  S SD  B MET A 1 60  ? -10.550 16.257  4.867   0.50 50.85 ? 58   MET A SD  1 
ATOM   493  C CE  A MET A 1 60  ? -9.256  16.313  5.513   0.50 33.04 ? 58   MET A CE  1 
ATOM   494  C CE  B MET A 1 60  ? -10.635 17.352  6.233   0.50 33.43 ? 58   MET A CE  1 
ATOM   495  N N   . ALA A 1 61  ? -12.313 10.763  5.197   1.00 29.34 ? 59   ALA A N   1 
ATOM   496  C CA  . ALA A 1 61  ? -11.923 9.361   5.243   1.00 25.60 ? 59   ALA A CA  1 
ATOM   497  C C   . ALA A 1 61  ? -12.239 8.631   3.965   1.00 27.71 ? 59   ALA A C   1 
ATOM   498  O O   . ALA A 1 61  ? -11.503 7.825   3.543   1.00 30.92 ? 59   ALA A O   1 
ATOM   499  C CB  . ALA A 1 61  ? -12.540 8.658   6.420   1.00 27.73 ? 59   ALA A CB  1 
ATOM   500  N N   . GLU A 1 62  ? -13.363 8.925   3.368   1.00 31.46 ? 60   GLU A N   1 
ATOM   501  C CA  . GLU A 1 62  ? -13.746 8.234   2.141   1.00 30.56 ? 60   GLU A CA  1 
ATOM   502  C C   . GLU A 1 62  ? -12.832 8.568   0.998   1.00 33.34 ? 60   GLU A C   1 
ATOM   503  O O   . GLU A 1 62  ? -12.547 7.746   0.172   1.00 33.73 ? 60   GLU A O   1 
ATOM   504  C CB  . GLU A 1 62  ? -15.186 8.490   1.772   1.00 33.07 ? 60   GLU A CB  1 
ATOM   505  C CG  . GLU A 1 62  ? -15.688 7.635   0.619   1.00 39.86 ? 60   GLU A CG  1 
ATOM   506  C CD  . GLU A 1 62  ? -15.339 6.159   0.702   1.00 44.63 ? 60   GLU A CD  1 
ATOM   507  O OE1 . GLU A 1 62  ? -15.634 5.479   1.692   1.00 45.89 ? 60   GLU A OE1 1 
ATOM   508  O OE2 . GLU A 1 62  ? -14.823 5.661   -0.286  1.00 45.06 ? 60   GLU A OE2 1 
ATOM   509  N N   . LYS A 1 63  ? -12.371 9.798   0.999   1.00 33.04 ? 61   LYS A N   1 
ATOM   510  C CA  . LYS A 1 63  ? -11.389 10.282  0.090   1.00 30.79 ? 61   LYS A CA  1 
ATOM   511  C C   . LYS A 1 63  ? -10.058 9.561   0.250   1.00 30.33 ? 61   LYS A C   1 
ATOM   512  O O   . LYS A 1 63  ? -9.409  9.261   -0.712  1.00 31.34 ? 61   LYS A O   1 
ATOM   513  C CB  . LYS A 1 63  ? -11.166 11.736  0.360   1.00 34.85 ? 61   LYS A CB  1 
ATOM   514  C CG  . LYS A 1 63  ? -11.071 12.610  -0.839  1.00 50.00 ? 61   LYS A CG  1 
ATOM   515  C CD  . LYS A 1 63  ? -11.954 13.818  -0.633  1.00 39.60 ? 61   LYS A CD  1 
ATOM   516  C CE  . LYS A 1 63  ? -13.383 13.402  -0.365  1.00 46.65 ? 61   LYS A CE  1 
ATOM   517  N NZ  . LYS A 1 63  ? -14.351 14.272  -1.069  1.00 52.85 ? 61   LYS A NZ  1 
ATOM   518  N N   . ILE A 1 64  ? -9.647  9.337   1.479   1.00 28.05 ? 62   ILE A N   1 
ATOM   519  C CA  . ILE A 1 64  ? -8.414  8.608   1.716   1.00 25.62 ? 62   ILE A CA  1 
ATOM   520  C C   . ILE A 1 64  ? -8.526  7.202   1.178   1.00 27.21 ? 62   ILE A C   1 
ATOM   521  O O   . ILE A 1 64  ? -7.685  6.778   0.494   1.00 26.20 ? 62   ILE A O   1 
ATOM   522  C CB  . ILE A 1 64  ? -8.026  8.605   3.206   1.00 25.65 ? 62   ILE A CB  1 
ATOM   523  C CG1 . ILE A 1 64  ? -7.539  9.980   3.606   1.00 26.54 ? 62   ILE A CG1 1 
ATOM   524  C CG2 . ILE A 1 64  ? -6.910  7.638   3.485   1.00 26.69 ? 62   ILE A CG2 1 
ATOM   525  C CD1 . ILE A 1 64  ? -7.465  10.226  5.082   1.00 25.65 ? 62   ILE A CD1 1 
ATOM   526  N N   . LEU A 1 65  ? -9.587  6.502   1.503   1.00 26.51 ? 63   LEU A N   1 
ATOM   527  C CA  . LEU A 1 65  ? -9.765  5.144   1.036   1.00 24.33 ? 63   LEU A CA  1 
ATOM   528  C C   . LEU A 1 65  ? -9.736  5.063   -0.491  1.00 33.29 ? 63   LEU A C   1 
ATOM   529  O O   . LEU A 1 65  ? -9.100  4.216   -1.043  1.00 27.62 ? 63   LEU A O   1 
ATOM   530  C CB  . LEU A 1 65  ? -11.021 4.541   1.586   1.00 29.11 ? 63   LEU A CB  1 
ATOM   531  C CG  . LEU A 1 65  ? -11.342 3.154   1.103   1.00 29.53 ? 63   LEU A CG  1 
ATOM   532  C CD1 . LEU A 1 65  ? -10.344 2.175   1.633   1.00 25.65 ? 63   LEU A CD1 1 
ATOM   533  C CD2 . LEU A 1 65  ? -12.734 2.784   1.523   1.00 34.66 ? 63   LEU A CD2 1 
ATOM   534  N N   . LYS A 1 66  ? -10.415 5.981   -1.151  1.00 27.41 ? 64   LYS A N   1 
ATOM   535  C CA  . LYS A 1 66  ? -10.437 6.005   -2.591  1.00 27.39 ? 64   LYS A CA  1 
ATOM   536  C C   . LYS A 1 66  ? -9.064  6.187   -3.204  1.00 31.61 ? 64   LYS A C   1 
ATOM   537  O O   . LYS A 1 66  ? -8.748  5.568   -4.160  1.00 30.10 ? 64   LYS A O   1 
ATOM   538  C CB  . LYS A 1 66  ? -11.370 7.086   -3.068  1.00 34.52 ? 64   LYS A CB  1 
ATOM   539  C CG  . LYS A 1 66  ? -12.802 6.666   -2.970  1.00 34.66 ? 64   LYS A CG  1 
ATOM   540  C CD  . LYS A 1 66  ? -13.717 7.714   -3.564  1.00 36.96 ? 64   LYS A CD  1 
ATOM   541  C CE  . LYS A 1 66  ? -15.137 7.229   -3.779  1.00 40.42 ? 64   LYS A CE  1 
ATOM   542  N NZ  . LYS A 1 66  ? -15.430 5.955   -3.108  1.00 48.91 ? 64   LYS A NZ  1 
ATOM   543  N N   . MET A 1 67  ? -8.253  7.038   -2.616  1.00 30.57 ? 65   MET A N   1 
ATOM   544  C CA  . MET A 1 67  ? -6.920  7.263   -3.092  1.00 24.79 ? 65   MET A CA  1 
ATOM   545  C C   . MET A 1 67  ? -6.034  6.036   -2.850  1.00 30.45 ? 65   MET A C   1 
ATOM   546  O O   . MET A 1 67  ? -5.255  5.703   -3.667  1.00 27.88 ? 65   MET A O   1 
ATOM   547  C CB  . MET A 1 67  ? -6.338  8.480   -2.413  1.00 32.40 ? 65   MET A CB  1 
ATOM   548  C CG  . MET A 1 67  ? -4.922  8.832   -2.772  1.00 32.14 ? 65   MET A CG  1 
ATOM   549  S SD  . MET A 1 67  ? -4.701  9.283   -4.494  1.00 54.69 ? 65   MET A SD  1 
ATOM   550  C CE  . MET A 1 67  ? -5.914  10.554  -4.721  1.00 42.84 ? 65   MET A CE  1 
ATOM   551  N N   . VAL A 1 68  ? -6.188  5.370   -1.720  1.00 25.11 ? 66   VAL A N   1 
ATOM   552  C CA  . VAL A 1 68  ? -5.443  4.147   -1.443  1.00 22.79 ? 66   VAL A CA  1 
ATOM   553  C C   . VAL A 1 68  ? -5.789  3.086   -2.462  1.00 23.81 ? 66   VAL A C   1 
ATOM   554  O O   . VAL A 1 68  ? -4.954  2.399   -2.918  1.00 26.58 ? 66   VAL A O   1 
ATOM   555  C CB  . VAL A 1 68  ? -5.679  3.635   -0.033  1.00 24.65 ? 66   VAL A CB  1 
ATOM   556  C CG1 . VAL A 1 68  ? -5.132  2.239   0.178   1.00 24.37 ? 66   VAL A CG1 1 
ATOM   557  C CG2 . VAL A 1 68  ? -5.082  4.599   0.950   1.00 26.64 ? 66   VAL A CG2 1 
ATOM   558  N N   . ILE A 1 69  ? -7.051  3.001   -2.819  1.00 24.68 ? 67   ILE A N   1 
ATOM   559  C CA  . ILE A 1 69  ? -7.471  2.090   -3.864  1.00 25.63 ? 67   ILE A CA  1 
ATOM   560  C C   . ILE A 1 69  ? -6.832  2.366   -5.213  1.00 31.45 ? 67   ILE A C   1 
ATOM   561  O O   . ILE A 1 69  ? -6.422  1.465   -5.865  1.00 26.50 ? 67   ILE A O   1 
ATOM   562  C CB  . ILE A 1 69  ? -9.002  2.007   -3.985  1.00 24.01 ? 67   ILE A CB  1 
ATOM   563  C CG1 . ILE A 1 69  ? -9.559  1.373   -2.736  1.00 24.90 ? 67   ILE A CG1 1 
ATOM   564  C CG2 . ILE A 1 69  ? -9.421  1.176   -5.182  1.00 27.87 ? 67   ILE A CG2 1 
ATOM   565  C CD1 . ILE A 1 69  ? -11.039 1.501   -2.491  1.00 26.87 ? 67   ILE A CD1 1 
ATOM   566  N N   . GLU A 1 70  ? -6.793  3.610   -5.620  1.00 24.82 ? 68   GLU A N   1 
ATOM   567  C CA  . GLU A 1 70  ? -6.236  3.981   -6.879  1.00 25.65 ? 68   GLU A CA  1 
ATOM   568  C C   . GLU A 1 70  ? -4.765  3.682   -6.887  1.00 25.20 ? 68   GLU A C   1 
ATOM   569  O O   . GLU A 1 70  ? -4.261  3.179   -7.827  1.00 25.59 ? 68   GLU A O   1 
ATOM   570  C CB  . GLU A 1 70  ? -6.475  5.479   -7.165  1.00 35.96 ? 68   GLU A CB  1 
ATOM   571  C CG  . GLU A 1 70  ? -5.566  6.086   -8.219  1.00 44.23 ? 68   GLU A CG  1 
ATOM   572  C CD  . GLU A 1 70  ? -5.400  7.596   -8.143  1.00 49.25 ? 68   GLU A CD  1 
ATOM   573  O OE1 . GLU A 1 70  ? -6.168  8.284   -7.513  1.00 48.57 ? 68   GLU A OE1 1 
ATOM   574  O OE2 . GLU A 1 70  ? -4.459  8.107   -8.711  1.00 60.06 ? 68   GLU A OE2 1 
ATOM   575  N N   . LEU A 1 71  ? -4.101  4.048   -5.819  1.00 26.72 ? 69   LEU A N   1 
ATOM   576  C CA  . LEU A 1 71  ? -2.674  3.881   -5.755  1.00 27.79 ? 69   LEU A CA  1 
ATOM   577  C C   . LEU A 1 71  ? -2.285  2.414   -5.819  1.00 26.06 ? 69   LEU A C   1 
ATOM   578  O O   . LEU A 1 71  ? -1.317  2.078   -6.404  1.00 25.98 ? 69   LEU A O   1 
ATOM   579  C CB  . LEU A 1 71  ? -2.080  4.562   -4.509  1.00 29.43 ? 69   LEU A CB  1 
ATOM   580  C CG  . LEU A 1 71  ? -2.195  6.067   -4.462  1.00 29.63 ? 69   LEU A CG  1 
ATOM   581  C CD1 . LEU A 1 71  ? -1.853  6.648   -3.115  1.00 33.01 ? 69   LEU A CD1 1 
ATOM   582  C CD2 . LEU A 1 71  ? -1.400  6.714   -5.549  1.00 35.66 ? 69   LEU A CD2 1 
ATOM   583  N N   . ALA A 1 72  ? -3.070  1.577   -5.182  1.00 26.28 ? 70   ALA A N   1 
ATOM   584  C CA  . ALA A 1 72  ? -2.805  0.162   -5.169  1.00 22.83 ? 70   ALA A CA  1 
ATOM   585  C C   . ALA A 1 72  ? -2.983  -0.415  -6.549  1.00 28.22 ? 70   ALA A C   1 
ATOM   586  O O   . ALA A 1 72  ? -2.226  -1.226  -6.977  1.00 23.26 ? 70   ALA A O   1 
ATOM   587  C CB  . ALA A 1 72  ? -3.716  -0.550  -4.197  1.00 26.44 ? 70   ALA A CB  1 
ATOM   588  N N   . GLU A 1 73  ? -4.030  0.018   -7.224  1.00 21.73 ? 71   GLU A N   1 
ATOM   589  C CA  . GLU A 1 73  ? -4.269  -0.444  -8.561  1.00 22.61 ? 71   GLU A CA  1 
ATOM   590  C C   . GLU A 1 73  ? -3.111  -0.096  -9.475  1.00 24.38 ? 71   GLU A C   1 
ATOM   591  O O   . GLU A 1 73  ? -2.781  -0.875  -10.292 1.00 26.01 ? 71   GLU A O   1 
ATOM   592  C CB  . GLU A 1 73  ? -5.584  0.093   -9.139  1.00 30.22 ? 71   GLU A CB  1 
ATOM   593  C CG  . GLU A 1 73  ? -6.797  -0.530  -8.504  1.00 28.30 ? 71   GLU A CG  1 
ATOM   594  C CD  . GLU A 1 73  ? -8.127  0.092   -8.866  1.00 40.75 ? 71   GLU A CD  1 
ATOM   595  O OE1 . GLU A 1 73  ? -8.169  1.112   -9.534  1.00 40.60 ? 71   GLU A OE1 1 
ATOM   596  O OE2 . GLU A 1 73  ? -9.128  -0.466  -8.453  1.00 38.40 ? 71   GLU A OE2 1 
ATOM   597  N N   . LYS A 1 74  ? -2.526  1.084   -9.349  1.00 22.23 ? 72   LYS A N   1 
ATOM   598  C CA  . LYS A 1 74  ? -1.406  1.421   -10.230 1.00 26.70 ? 72   LYS A CA  1 
ATOM   599  C C   . LYS A 1 74  ? -0.207  0.590   -9.947  1.00 23.14 ? 72   LYS A C   1 
ATOM   600  O O   . LYS A 1 74  ? 0.504   0.263   -10.823 1.00 28.00 ? 72   LYS A O   1 
ATOM   601  C CB  . LYS A 1 74  ? -0.941  2.852   -10.232 1.00 28.52 ? 72   LYS A CB  1 
ATOM   602  C CG  . LYS A 1 74  ? -1.623  3.771   -9.299  1.00 47.74 ? 72   LYS A CG  1 
ATOM   603  C CD  . LYS A 1 74  ? -2.688  4.470   -10.078 1.00 45.51 ? 72   LYS A CD  1 
ATOM   604  C CE  . LYS A 1 74  ? -2.174  5.759   -10.659 1.00 53.51 ? 72   LYS A CE  1 
ATOM   605  N NZ  . LYS A 1 74  ? -2.947  6.138   -11.883 1.00 50.13 ? 72   LYS A NZ  1 
ATOM   606  N N   . ILE A 1 75  ? 0.008   0.292   -8.687  1.00 22.93 ? 73   ILE A N   1 
ATOM   607  C CA  . ILE A 1 75  ? 1.131   -0.533  -8.335  1.00 22.02 ? 73   ILE A CA  1 
ATOM   608  C C   . ILE A 1 75  ? 0.983   -1.890  -8.986  1.00 22.71 ? 73   ILE A C   1 
ATOM   609  O O   . ILE A 1 75  ? 1.896   -2.369  -9.555  1.00 24.73 ? 73   ILE A O   1 
ATOM   610  C CB  . ILE A 1 75  ? 1.333   -0.659  -6.808  1.00 21.88 ? 73   ILE A CB  1 
ATOM   611  C CG1 . ILE A 1 75  ? 1.867   0.623   -6.226  1.00 25.28 ? 73   ILE A CG1 1 
ATOM   612  C CG2 . ILE A 1 75  ? 2.284   -1.796  -6.450  1.00 22.76 ? 73   ILE A CG2 1 
ATOM   613  C CD1 . ILE A 1 75  ? 1.717   0.689   -4.742  1.00 21.69 ? 73   ILE A CD1 1 
ATOM   614  N N   . LEU A 1 76  ? -0.183  -2.488  -8.877  1.00 26.84 ? 74   LEU A N   1 
ATOM   615  C CA  . LEU A 1 76  ? -0.388  -3.814  -9.428  1.00 25.57 ? 74   LEU A CA  1 
ATOM   616  C C   . LEU A 1 76  ? -0.304  -3.835  -10.953 1.00 23.90 ? 74   LEU A C   1 
ATOM   617  O O   . LEU A 1 76  ? 0.183   -4.727  -11.513 1.00 22.88 ? 74   LEU A O   1 
ATOM   618  C CB  . LEU A 1 76  ? -1.701  -4.420  -8.965  1.00 25.78 ? 74   LEU A CB  1 
ATOM   619  C CG  . LEU A 1 76  ? -2.077  -5.773  -9.549  1.00 24.42 ? 74   LEU A CG  1 
ATOM   620  C CD1 . LEU A 1 76  ? -1.220  -6.864  -8.968  1.00 24.14 ? 74   LEU A CD1 1 
ATOM   621  C CD2 . LEU A 1 76  ? -3.517  -6.072  -9.224  1.00 26.18 ? 74   LEU A CD2 1 
ATOM   622  N N   . LYS A 1 77  ? -0.824  -2.808  -11.581 1.00 22.04 ? 75   LYS A N   1 
ATOM   623  C CA  . LYS A 1 77  ? -0.745  -2.676  -13.021 1.00 21.47 ? 75   LYS A CA  1 
ATOM   624  C C   . LYS A 1 77  ? 0.677   -2.614  -13.500 1.00 27.54 ? 75   LYS A C   1 
ATOM   625  O O   . LYS A 1 77  ? 1.029   -3.278  -14.410 1.00 26.24 ? 75   LYS A O   1 
ATOM   626  C CB  . LYS A 1 77  ? -1.509  -1.443  -13.507 1.00 23.32 ? 75   LYS A CB  1 
ATOM   627  C CG  . LYS A 1 77  ? -1.607  -1.275  -15.010 1.00 27.89 ? 75   LYS A CG  1 
ATOM   628  C CD  . LYS A 1 77  ? -2.251  0.045   -15.332 1.00 30.01 ? 75   LYS A CD  1 
ATOM   629  C CE  . LYS A 1 77  ? -2.472  0.215   -16.811 1.00 34.79 ? 75   LYS A CE  1 
ATOM   630  N NZ  . LYS A 1 77  ? -2.909  1.586   -17.111 1.00 51.97 ? 75   LYS A NZ  1 
ATOM   631  N N   . LYS A 1 78  ? 1.466   -1.779  -12.867 1.00 24.57 ? 76   LYS A N   1 
ATOM   632  C CA  . LYS A 1 78  ? 2.821   -1.586  -13.265 1.00 24.17 ? 76   LYS A CA  1 
ATOM   633  C C   . LYS A 1 78  ? 3.654   -2.826  -12.992 1.00 23.25 ? 76   LYS A C   1 
ATOM   634  O O   . LYS A 1 78  ? 4.482   -3.156  -13.746 1.00 25.09 ? 76   LYS A O   1 
ATOM   635  C CB  . LYS A 1 78  ? 3.428   -0.395  -12.559 1.00 25.18 ? 76   LYS A CB  1 
ATOM   636  C CG  . LYS A 1 78  ? 4.865   -0.159  -12.936 1.00 29.44 ? 76   LYS A CG  1 
ATOM   637  C CD  . LYS A 1 78  ? 4.986   0.673   -14.174 1.00 32.77 ? 76   LYS A CD  1 
ATOM   638  C CE  . LYS A 1 78  ? 6.395   0.767   -14.683 1.00 43.81 ? 76   LYS A CE  1 
ATOM   639  N NZ  . LYS A 1 78  ? 6.580   2.016   -15.438 1.00 48.46 ? 76   LYS A NZ  1 
ATOM   640  N N   . ALA A 1 79  ? 3.387   -3.511  -11.902 1.00 22.10 ? 77   ALA A N   1 
ATOM   641  C CA  . ALA A 1 79  ? 4.098   -4.740  -11.594 1.00 20.96 ? 77   ALA A CA  1 
ATOM   642  C C   . ALA A 1 79  ? 3.844   -5.829  -12.607 1.00 21.37 ? 77   ALA A C   1 
ATOM   643  O O   . ALA A 1 79  ? 4.739   -6.497  -12.974 1.00 23.74 ? 77   ALA A O   1 
ATOM   644  C CB  . ALA A 1 79  ? 3.785   -5.238  -10.223 1.00 22.46 ? 77   ALA A CB  1 
ATOM   645  N N   . LYS A 1 80  ? 2.602   -5.975  -13.022 1.00 20.68 ? 78   LYS A N   1 
ATOM   646  C CA  . LYS A 1 80  ? 2.243   -6.923  -14.040 1.00 21.97 ? 78   LYS A CA  1 
ATOM   647  C C   . LYS A 1 80  ? 2.895   -6.664  -15.392 1.00 24.14 ? 78   LYS A C   1 
ATOM   648  O O   . LYS A 1 80  ? 3.300   -7.580  -16.035 1.00 24.15 ? 78   LYS A O   1 
ATOM   649  C CB  . LYS A 1 80  ? 0.730   -7.042  -14.170 1.00 23.53 ? 78   LYS A CB  1 
ATOM   650  C CG  . LYS A 1 80  ? 0.084   -7.762  -13.008 1.00 22.95 ? 78   LYS A CG  1 
ATOM   651  C CD  . LYS A 1 80  ? -1.427  -7.637  -12.974 1.00 26.56 ? 78   LYS A CD  1 
ATOM   652  C CE  . LYS A 1 80  ? -2.058  -8.421  -14.086 1.00 31.91 ? 78   LYS A CE  1 
ATOM   653  N NZ  . LYS A 1 80  ? -2.205  -9.816  -13.725 1.00 36.20 ? 78   LYS A NZ  1 
ATOM   654  N N   . GLU A 1 81  ? 2.968   -5.407  -15.784 1.00 22.33 ? 79   GLU A N   1 
ATOM   655  C CA  . GLU A 1 81  ? 3.672   -4.987  -16.987 1.00 22.76 ? 79   GLU A CA  1 
ATOM   656  C C   . GLU A 1 81  ? 5.126   -5.367  -16.936 1.00 24.82 ? 79   GLU A C   1 
ATOM   657  O O   . GLU A 1 81  ? 5.629   -5.872  -17.872 1.00 29.78 ? 79   GLU A O   1 
ATOM   658  C CB  . GLU A 1 81  ? 3.581   -3.475  -17.229 1.00 27.09 ? 79   GLU A CB  1 
ATOM   659  C CG  . GLU A 1 81  ? 2.205   -2.983  -17.523 1.00 28.01 ? 79   GLU A CG  1 
ATOM   660  C CD  . GLU A 1 81  ? 2.085   -1.484  -17.421 1.00 33.40 ? 79   GLU A CD  1 
ATOM   661  O OE1 . GLU A 1 81  ? 3.025   -0.829  -17.029 1.00 42.21 ? 79   GLU A OE1 1 
ATOM   662  O OE2 . GLU A 1 81  ? 1.059   -0.967  -17.744 1.00 36.76 ? 79   GLU A OE2 1 
ATOM   663  N N   . MET A 1 82  ? 5.780   -5.095  -15.831 1.00 25.35 ? 80   MET A N   1 
ATOM   664  C CA  . MET A 1 82  ? 7.171   -5.470  -15.696 1.00 25.86 ? 80   MET A CA  1 
ATOM   665  C C   . MET A 1 82  ? 7.404   -6.974  -15.679 1.00 24.51 ? 80   MET A C   1 
ATOM   666  O O   . MET A 1 82  ? 8.321   -7.436  -16.256 1.00 24.39 ? 80   MET A O   1 
ATOM   667  C CB  . MET A 1 82  ? 7.783   -4.863  -14.487 1.00 26.02 ? 80   MET A CB  1 
ATOM   668  C CG  . MET A 1 82  ? 7.669   -3.393  -14.504 1.00 31.72 ? 80   MET A CG  1 
ATOM   669  S SD  . MET A 1 82  ? 9.217   -2.565  -14.770 1.00 53.07 ? 80   MET A SD  1 
ATOM   670  C CE  . MET A 1 82  ? 8.986   -1.440  -13.445 1.00 40.16 ? 80   MET A CE  1 
ATOM   671  N N   . ALA A 1 83  ? 6.553   -7.717  -15.005 1.00 22.01 ? 81   ALA A N   1 
ATOM   672  C CA  . ALA A 1 83  ? 6.650   -9.153  -15.020 1.00 21.69 ? 81   ALA A CA  1 
ATOM   673  C C   . ALA A 1 83  ? 6.486   -9.716  -16.442 1.00 22.72 ? 81   ALA A C   1 
ATOM   674  O O   . ALA A 1 83  ? 7.183   -10.585 -16.813 1.00 23.40 ? 81   ALA A O   1 
ATOM   675  C CB  . ALA A 1 83  ? 5.666   -9.764  -14.060 1.00 23.94 ? 81   ALA A CB  1 
ATOM   676  N N   . GLU A 1 84  ? 5.567   -9.175  -17.224 1.00 24.85 ? 82   GLU A N   1 
ATOM   677  C CA  . GLU A 1 84  ? 5.408   -9.602  -18.612 1.00 23.92 ? 82   GLU A CA  1 
ATOM   678  C C   . GLU A 1 84  ? 6.652   -9.376  -19.470 1.00 27.46 ? 82   GLU A C   1 
ATOM   679  O O   . GLU A 1 84  ? 6.946   -10.167 -20.309 1.00 25.57 ? 82   GLU A O   1 
ATOM   680  C CB  . GLU A 1 84  ? 4.214   -8.904  -19.245 1.00 28.06 ? 82   GLU A CB  1 
ATOM   681  C CG  . GLU A 1 84  ? 3.475   -9.660  -20.325 1.00 44.77 ? 82   GLU A CG  1 
ATOM   682  C CD  . GLU A 1 84  ? 4.256   -9.883  -21.598 1.00 57.85 ? 82   GLU A CD  1 
ATOM   683  O OE1 . GLU A 1 84  ? 4.380   -8.946  -22.407 1.00 59.91 ? 82   GLU A OE1 1 
ATOM   684  O OE2 . GLU A 1 84  ? 4.696   -11.028 -21.837 1.00 58.99 ? 82   GLU A OE2 1 
ATOM   685  N N   . LYS A 1 85  ? 7.349   -8.278  -19.237 1.00 25.10 ? 83   LYS A N   1 
ATOM   686  C CA  . LYS A 1 85  ? 8.565   -7.959  -19.971 1.00 25.08 ? 83   LYS A CA  1 
ATOM   687  C C   . LYS A 1 85  ? 9.696   -8.902  -19.608 1.00 21.39 ? 83   LYS A C   1 
ATOM   688  O O   . LYS A 1 85  ? 10.464  -9.248  -20.422 1.00 26.17 ? 83   LYS A O   1 
ATOM   689  C CB  . LYS A 1 85  ? 9.002   -6.529  -19.763 1.00 22.92 ? 83   LYS A CB  1 
ATOM   690  C CG  . LYS A 1 85  ? 8.118   -5.474  -20.365 1.00 27.47 ? 83   LYS A CG  1 
ATOM   691  C CD  . LYS A 1 85  ? 8.674   -4.092  -20.031 1.00 40.70 ? 83   LYS A CD  1 
ATOM   692  C CE  . LYS A 1 85  ? 7.642   -2.993  -19.780 1.00 52.86 ? 83   LYS A CE  1 
ATOM   693  N NZ  . LYS A 1 85  ? 7.943   -2.065  -18.644 1.00 51.22 ? 83   LYS A NZ  1 
ATOM   694  N N   . ILE A 1 86  ? 9.755   -9.296  -18.350 1.00 23.25 ? 84   ILE A N   1 
ATOM   695  C CA  . ILE A 1 86  ? 10.709  -10.307 -17.900 1.00 20.83 ? 84   ILE A CA  1 
ATOM   696  C C   . ILE A 1 86  ? 10.389  -11.663 -18.517 1.00 23.85 ? 84   ILE A C   1 
ATOM   697  O O   . ILE A 1 86  ? 11.231  -12.288 -19.027 1.00 23.45 ? 84   ILE A O   1 
ATOM   698  C CB  . ILE A 1 86  ? 10.740  -10.409 -16.358 1.00 23.34 ? 84   ILE A CB  1 
ATOM   699  C CG1 . ILE A 1 86  ? 11.297  -9.126  -15.779 1.00 24.14 ? 84   ILE A CG1 1 
ATOM   700  C CG2 . ILE A 1 86  ? 11.511  -11.617 -15.894 1.00 23.10 ? 84   ILE A CG2 1 
ATOM   701  C CD1 . ILE A 1 86  ? 11.111  -8.956  -14.298 1.00 23.66 ? 84   ILE A CD1 1 
ATOM   702  N N   . LEU A 1 87  ? 9.130   -12.065 -18.482 1.00 23.85 ? 85   LEU A N   1 
ATOM   703  C CA  . LEU A 1 87  ? 8.731   -13.309 -19.111 1.00 22.61 ? 85   LEU A CA  1 
ATOM   704  C C   . LEU A 1 87  ? 9.138   -13.314 -20.576 1.00 23.75 ? 85   LEU A C   1 
ATOM   705  O O   . LEU A 1 87  ? 9.633   -14.278 -21.051 1.00 24.12 ? 85   LEU A O   1 
ATOM   706  C CB  . LEU A 1 87  ? 7.235   -13.558 -18.944 1.00 25.00 ? 85   LEU A CB  1 
ATOM   707  C CG  . LEU A 1 87  ? 6.733   -14.922 -19.336 1.00 26.36 ? 85   LEU A CG  1 
ATOM   708  C CD1 . LEU A 1 87  ? 7.196   -15.927 -18.351 1.00 29.38 ? 85   LEU A CD1 1 
ATOM   709  C CD2 . LEU A 1 87  ? 5.242   -14.912 -19.421 1.00 29.36 ? 85   LEU A CD2 1 
ATOM   710  N N   . LYS A 1 88  ? 8.937   -12.202 -21.258 1.00 23.05 ? 86   LYS A N   1 
ATOM   711  C CA  . LYS A 1 88  ? 9.322   -12.050 -22.672 1.00 24.54 ? 86   LYS A CA  1 
ATOM   712  C C   . LYS A 1 88  ? 10.818  -12.200 -22.939 1.00 26.74 ? 86   LYS A C   1 
ATOM   713  O O   . LYS A 1 88  ? 11.219  -12.830 -23.865 1.00 27.51 ? 86   LYS A O   1 
ATOM   714  C CB  . LYS A 1 88  ? 8.829   -10.725 -23.234 1.00 27.87 ? 86   LYS A CB  1 
ATOM   715  C CG  . LYS A 1 88  ? 9.376   -10.372 -24.591 1.00 31.35 ? 86   LYS A CG  1 
ATOM   716  C CD  . LYS A 1 88  ? 8.684   -9.207  -25.220 1.00 35.34 ? 86   LYS A CD  1 
ATOM   717  C CE  . LYS A 1 88  ? 8.888   -9.201  -26.711 1.00 50.86 ? 86   LYS A CE  1 
ATOM   718  N NZ  . LYS A 1 88  ? 10.245  -8.686  -26.986 1.00 55.44 ? 86   LYS A NZ  1 
ATOM   719  N N   . LYS A 1 89  ? 11.629  -11.602 -22.103 1.00 26.35 ? 87   LYS A N   1 
ATOM   720  C CA  . LYS A 1 89  ? 13.058  -11.765 -22.187 1.00 23.38 ? 87   LYS A CA  1 
ATOM   721  C C   . LYS A 1 89  ? 13.447  -13.227 -21.991 1.00 28.42 ? 87   LYS A C   1 
ATOM   722  O O   . LYS A 1 89  ? 14.348  -13.725 -22.611 1.00 24.34 ? 87   LYS A O   1 
ATOM   723  C CB  . LYS A 1 89  ? 13.738  -10.886 -21.150 1.00 23.75 ? 87   LYS A CB  1 
ATOM   724  C CG  . LYS A 1 89  ? 15.231  -11.117 -21.002 1.00 28.05 ? 87   LYS A CG  1 
ATOM   725  C CD  . LYS A 1 89  ? 16.008  -10.658 -22.229 1.00 29.48 ? 87   LYS A CD  1 
ATOM   726  C CE  . LYS A 1 89  ? 17.448  -11.130 -22.151 1.00 30.26 ? 87   LYS A CE  1 
ATOM   727  N NZ  . LYS A 1 89  ? 18.341  -10.825 -23.303 1.00 39.24 ? 87   LYS A NZ  1 
ATOM   728  N N   . VAL A 1 90  ? 12.751  -13.904 -21.104 1.00 26.51 ? 88   VAL A N   1 
ATOM   729  C CA  . VAL A 1 90  ? 13.090  -15.266 -20.781 1.00 23.95 ? 88   VAL A CA  1 
ATOM   730  C C   . VAL A 1 90  ? 12.686  -16.238 -21.912 1.00 25.91 ? 88   VAL A C   1 
ATOM   731  O O   . VAL A 1 90  ? 13.193  -17.305 -21.998 1.00 24.64 ? 88   VAL A O   1 
ATOM   732  C CB  . VAL A 1 90  ? 12.578  -15.643 -19.380 1.00 22.63 ? 88   VAL A CB  1 
ATOM   733  C CG1 . VAL A 1 90  ? 12.898  -17.052 -18.999 1.00 26.80 ? 88   VAL A CG1 1 
ATOM   734  C CG2 . VAL A 1 90  ? 13.204  -14.730 -18.367 1.00 22.25 ? 88   VAL A CG2 1 
ATOM   735  N N   . LYS A 1 91  ? 11.778  -15.817 -22.761 1.00 23.30 ? 89   LYS A N   1 
ATOM   736  C CA  . LYS A 1 91  ? 11.459  -16.586 -23.939 1.00 19.54 ? 89   LYS A CA  1 
ATOM   737  C C   . LYS A 1 91  ? 12.671  -16.801 -24.815 1.00 25.74 ? 89   LYS A C   1 
ATOM   738  O O   . LYS A 1 91  ? 12.660  -17.682 -25.613 1.00 25.68 ? 89   LYS A O   1 
ATOM   739  C CB  . LYS A 1 91  ? 10.329  -15.971 -24.744 1.00 23.64 ? 89   LYS A CB  1 
ATOM   740  C CG  . LYS A 1 91  ? 9.027   -15.920 -23.990 1.00 31.11 ? 89   LYS A CG  1 
ATOM   741  C CD  . LYS A 1 91  ? 7.936   -15.169 -24.714 1.00 31.49 ? 89   LYS A CD  1 
ATOM   742  C CE  . LYS A 1 91  ? 6.604   -15.288 -23.995 1.00 37.81 ? 89   LYS A CE  1 
ATOM   743  N NZ  . LYS A 1 91  ? 5.440   -14.759 -24.728 1.00 41.01 ? 89   LYS A NZ  1 
ATOM   744  N N   . GLU A 1 92  ? 13.685  -15.982 -24.663 1.00 20.14 ? 90   GLU A N   1 
ATOM   745  C CA  . GLU A 1 92  ? 14.910  -16.175 -25.419 1.00 22.90 ? 90   GLU A CA  1 
ATOM   746  C C   . GLU A 1 92  ? 15.634  -17.404 -24.930 1.00 26.97 ? 90   GLU A C   1 
ATOM   747  O O   . GLU A 1 92  ? 16.447  -17.927 -25.633 1.00 22.77 ? 90   GLU A O   1 
ATOM   748  C CB  . GLU A 1 92  ? 15.839  -14.955 -25.375 1.00 20.38 ? 90   GLU A CB  1 
ATOM   749  C CG  . GLU A 1 92  ? 15.254  -13.714 -25.971 1.00 30.58 ? 90   GLU A CG  1 
ATOM   750  C CD  . GLU A 1 92  ? 16.095  -12.496 -25.798 1.00 36.08 ? 90   GLU A CD  1 
ATOM   751  O OE1 . GLU A 1 92  ? 17.148  -12.552 -25.220 1.00 31.08 ? 90   GLU A OE1 1 
ATOM   752  O OE2 . GLU A 1 92  ? 15.679  -11.477 -26.282 1.00 36.38 ? 90   GLU A OE2 1 
ATOM   753  N N   . LEU A 1 93  ? 15.315  -17.836 -23.725 1.00 22.20 ? 91   LEU A N   1 
ATOM   754  C CA  . LEU A 1 93  ? 15.990  -18.958 -23.082 1.00 22.03 ? 91   LEU A CA  1 
ATOM   755  C C   . LEU A 1 93  ? 15.260  -20.310 -23.059 1.00 21.73 ? 91   LEU A C   1 
ATOM   756  O O   . LEU A 1 93  ? 15.786  -21.250 -22.585 1.00 22.78 ? 91   LEU A O   1 
ATOM   757  C CB  . LEU A 1 93  ? 16.392  -18.570 -21.656 1.00 22.37 ? 91   LEU A CB  1 
ATOM   758  C CG  . LEU A 1 93  ? 17.168  -17.279 -21.609 1.00 22.36 ? 91   LEU A CG  1 
ATOM   759  C CD1 . LEU A 1 93  ? 17.277  -16.762 -20.189 1.00 27.65 ? 91   LEU A CD1 1 
ATOM   760  C CD2 . LEU A 1 93  ? 18.543  -17.517 -22.163 1.00 27.10 ? 91   LEU A CD2 1 
ATOM   761  N N   . GLY A 1 94  ? 14.037  -20.365 -23.562 1.00 21.76 ? 92   GLY A N   1 
ATOM   762  C CA  . GLY A 1 94  ? 13.306  -21.607 -23.653 1.00 19.91 ? 92   GLY A CA  1 
ATOM   763  C C   . GLY A 1 94  ? 11.935  -21.449 -24.287 1.00 22.74 ? 92   GLY A C   1 
ATOM   764  O O   . GLY A 1 94  ? 11.449  -20.401 -24.353 1.00 27.54 ? 92   GLY A O   1 
ATOM   765  N N   . VAL A 1 95  ? 11.338  -22.534 -24.718 1.00 22.30 ? 93   VAL A N   1 
ATOM   766  C CA  . VAL A 1 95  ? 10.016  -22.514 -25.252 1.00 27.99 ? 93   VAL A CA  1 
ATOM   767  C C   . VAL A 1 95  ? 9.065   -22.959 -24.155 1.00 28.07 ? 93   VAL A C   1 
ATOM   768  O O   . VAL A 1 95  ? 9.173   -24.024 -23.639 1.00 30.50 ? 93   VAL A O   1 
ATOM   769  C CB  . VAL A 1 95  ? 9.889   -23.473 -26.435 1.00 26.27 ? 93   VAL A CB  1 
ATOM   770  C CG1 . VAL A 1 95  ? 8.455   -23.526 -26.886 1.00 24.77 ? 93   VAL A CG1 1 
ATOM   771  C CG2 . VAL A 1 95  ? 10.770  -23.029 -27.576 1.00 27.17 ? 93   VAL A CG2 1 
ATOM   772  N N   . ASP A 1 96  ? 8.107   -22.120 -23.838 1.00 29.10 ? 94   ASP A N   1 
ATOM   773  C CA  . ASP A 1 96  ? 7.195   -22.411 -22.750 1.00 34.82 ? 94   ASP A CA  1 
ATOM   774  C C   . ASP A 1 96  ? 7.814   -22.702 -21.397 1.00 28.77 ? 94   ASP A C   1 
ATOM   775  O O   . ASP A 1 96  ? 7.842   -23.799 -20.956 1.00 34.11 ? 94   ASP A O   1 
ATOM   776  C CB  . ASP A 1 96  ? 6.167   -23.471 -23.102 1.00 37.42 ? 94   ASP A CB  1 
ATOM   777  C CG  . ASP A 1 96  ? 4.959   -23.430 -22.184 1.00 39.58 ? 94   ASP A CG  1 
ATOM   778  O OD1 . ASP A 1 96  ? 4.882   -22.523 -21.356 1.00 40.59 ? 94   ASP A OD1 1 
ATOM   779  O OD2 . ASP A 1 96  ? 4.089   -24.276 -22.290 1.00 40.76 ? 94   ASP A OD2 1 
ATOM   780  N N   . ASN A 1 97  ? 8.371   -21.681 -20.793 1.00 28.88 ? 95   ASN A N   1 
ATOM   781  C CA  . ASN A 1 97  ? 9.037   -21.831 -19.542 1.00 26.45 ? 95   ASN A CA  1 
ATOM   782  C C   . ASN A 1 97  ? 8.002   -21.752 -18.416 1.00 30.78 ? 95   ASN A C   1 
ATOM   783  O O   . ASN A 1 97  ? 7.805   -20.743 -17.832 1.00 27.18 ? 95   ASN A O   1 
ATOM   784  C CB  . ASN A 1 97  ? 10.085  -20.754 -19.415 1.00 25.71 ? 95   ASN A CB  1 
ATOM   785  C CG  . ASN A 1 97  ? 11.028  -20.717 -20.595 1.00 28.36 ? 95   ASN A CG  1 
ATOM   786  O OD1 . ASN A 1 97  ? 11.584  -21.691 -20.959 1.00 26.16 ? 95   ASN A OD1 1 
ATOM   787  N ND2 . ASN A 1 97  ? 11.214  -19.569 -21.148 1.00 25.43 ? 95   ASN A ND2 1 
ATOM   788  N N   . GLU A 1 98  ? 7.380   -22.877 -18.126 1.00 29.34 ? 96   GLU A N   1 
ATOM   789  C CA  . GLU A 1 98  ? 6.311   -22.924 -17.147 1.00 32.05 ? 96   GLU A CA  1 
ATOM   790  C C   . GLU A 1 98  ? 6.634   -22.621 -15.675 1.00 30.21 ? 96   GLU A C   1 
ATOM   791  O O   . GLU A 1 98  ? 5.892   -21.953 -15.040 1.00 30.48 ? 96   GLU A O   1 
ATOM   792  C CB  . GLU A 1 98  ? 5.636   -24.274 -17.233 1.00 36.43 ? 96   GLU A CB  1 
ATOM   793  C CG  . GLU A 1 98  ? 4.205   -24.256 -16.801 1.00 53.91 ? 96   GLU A CG  1 
ATOM   794  C CD  . GLU A 1 98  ? 3.373   -23.496 -17.761 1.00 48.78 ? 96   GLU A CD  1 
ATOM   795  O OE1 . GLU A 1 98  ? 3.705   -23.459 -18.943 1.00 55.14 ? 96   GLU A OE1 1 
ATOM   796  O OE2 . GLU A 1 98  ? 2.447   -22.884 -17.318 1.00 53.53 ? 96   GLU A OE2 1 
ATOM   797  N N   . GLU A 1 99  ? 7.734   -23.130 -15.172 1.00 28.63 ? 97   GLU A N   1 
ATOM   798  C CA  . GLU A 1 99  ? 8.139   -22.858 -13.821 1.00 34.51 ? 97   GLU A CA  1 
ATOM   799  C C   . GLU A 1 99  ? 8.390   -21.372 -13.635 1.00 28.51 ? 97   GLU A C   1 
ATOM   800  O O   . GLU A 1 99  ? 7.946   -20.820 -12.705 1.00 28.76 ? 97   GLU A O   1 
ATOM   801  C CB  . GLU A 1 99  ? 9.428   -23.610 -13.424 1.00 36.36 ? 97   GLU A CB  1 
ATOM   802  C CG  . GLU A 1 99  ? 9.321   -25.121 -13.243 1.00 45.59 ? 97   GLU A CG  1 
ATOM   803  C CD  . GLU A 1 99  ? 10.453  -25.711 -12.408 1.00 57.60 ? 97   GLU A CD  1 
ATOM   804  O OE1 . GLU A 1 99  ? 11.571  -25.944 -12.900 1.00 53.83 ? 97   GLU A OE1 1 
ATOM   805  O OE2 . GLU A 1 99  ? 10.212  -25.935 -11.221 1.00 67.15 ? 97   GLU A OE2 1 
ATOM   806  N N   . VAL A 1 100 ? 9.093   -20.752 -14.553 1.00 26.10 ? 98   VAL A N   1 
ATOM   807  C CA  . VAL A 1 100 ? 9.329   -19.331 -14.466 1.00 29.65 ? 98   VAL A CA  1 
ATOM   808  C C   . VAL A 1 100 ? 8.038   -18.551 -14.559 1.00 26.77 ? 98   VAL A C   1 
ATOM   809  O O   . VAL A 1 100 ? 7.834   -17.643 -13.862 1.00 24.07 ? 98   VAL A O   1 
ATOM   810  C CB  . VAL A 1 100 ? 10.303  -18.832 -15.550 1.00 27.67 ? 98   VAL A CB  1 
ATOM   811  C CG1 . VAL A 1 100 ? 10.407  -17.314 -15.550 1.00 25.06 ? 98   VAL A CG1 1 
ATOM   812  C CG2 . VAL A 1 100 ? 11.666  -19.421 -15.339 1.00 27.41 ? 98   VAL A CG2 1 
ATOM   813  N N   . LYS A 1 101 ? 7.212   -18.931 -15.485 1.00 25.99 ? 99   LYS A N   1 
ATOM   814  C CA  . LYS A 1 101 ? 5.940   -18.271 -15.667 1.00 27.76 ? 99   LYS A CA  1 
ATOM   815  C C   . LYS A 1 101 ? 5.113   -18.321 -14.367 1.00 26.32 ? 99   LYS A C   1 
ATOM   816  O O   . LYS A 1 101 ? 4.521   -17.378 -13.984 1.00 24.14 ? 99   LYS A O   1 
ATOM   817  C CB  . LYS A 1 101 ? 5.184   -18.904 -16.813 1.00 23.35 ? 99   LYS A CB  1 
ATOM   818  C CG  . LYS A 1 101 ? 3.821   -18.332 -16.983 1.00 31.60 ? 99   LYS A CG  1 
ATOM   819  C CD  . LYS A 1 101 ? 2.981   -19.233 -17.860 1.00 36.63 ? 99   LYS A CD  1 
ATOM   820  C CE  . LYS A 1 101 ? 1.521   -19.000 -17.619 1.00 47.78 ? 99   LYS A CE  1 
ATOM   821  N NZ  . LYS A 1 101 ? 0.708   -20.228 -17.643 1.00 56.36 ? 99   LYS A NZ  1 
ATOM   822  N N   . LYS A 1 102 ? 5.116   -19.466 -13.728 1.00 25.04 ? 100  LYS A N   1 
ATOM   823  C CA  . LYS A 1 102 ? 4.325   -19.674 -12.556 1.00 29.65 ? 100  LYS A CA  1 
ATOM   824  C C   . LYS A 1 102 ? 4.904   -18.959 -11.358 1.00 26.98 ? 100  LYS A C   1 
ATOM   825  O O   . LYS A 1 102 ? 4.185   -18.548 -10.514 1.00 23.99 ? 100  LYS A O   1 
ATOM   826  C CB  . LYS A 1 102 ? 4.146   -21.164 -12.273 1.00 26.77 ? 100  LYS A CB  1 
ATOM   827  C CG  . LYS A 1 102 ? 3.274   -21.865 -13.271 1.00 29.20 ? 100  LYS A CG  1 
ATOM   828  C CD  . LYS A 1 102 ? 3.048   -23.278 -12.829 1.00 41.97 ? 100  LYS A CD  1 
ATOM   829  C CE  . LYS A 1 102 ? 2.392   -24.141 -13.859 1.00 47.19 ? 100  LYS A CE  1 
ATOM   830  N NZ  . LYS A 1 102 ? 2.817   -25.530 -13.690 1.00 48.89 ? 100  LYS A NZ  1 
ATOM   831  N N   . MET A 1 103 ? 6.218   -18.844 -11.304 1.00 24.63 ? 101  MET A N   1 
ATOM   832  C CA  . MET A 1 103 ? 6.835   -18.112 -10.231 1.00 21.05 ? 101  MET A CA  1 
ATOM   833  C C   . MET A 1 103 ? 6.578   -16.604 -10.314 1.00 21.67 ? 101  MET A C   1 
ATOM   834  O O   . MET A 1 103 ? 6.380   -15.990 -9.335  1.00 22.50 ? 101  MET A O   1 
ATOM   835  C CB  . MET A 1 103 ? 8.319   -18.401 -10.145 1.00 24.39 ? 101  MET A CB  1 
ATOM   836  C CG  . MET A 1 103 ? 8.613   -19.822 -9.800  1.00 22.16 ? 101  MET A CG  1 
ATOM   837  S SD  . MET A 1 103 ? 10.368  -20.115 -9.855  1.00 37.68 ? 101  MET A SD  1 
ATOM   838  C CE  . MET A 1 103 ? 10.878  -19.263 -8.425  1.00 32.15 ? 101  MET A CE  1 
ATOM   839  N N   . LEU A 1 104 ? 6.599   -16.059 -11.509 1.00 21.04 ? 102  LEU A N   1 
ATOM   840  C CA  . LEU A 1 104 ? 6.232   -14.696 -11.724 1.00 18.86 ? 102  LEU A CA  1 
ATOM   841  C C   . LEU A 1 104 ? 4.795   -14.515 -11.338 1.00 20.58 ? 102  LEU A C   1 
ATOM   842  O O   . LEU A 1 104 ? 4.468   -13.527 -10.783 1.00 23.34 ? 102  LEU A O   1 
ATOM   843  C CB  . LEU A 1 104 ? 6.458   -14.239 -13.154 1.00 23.74 ? 102  LEU A CB  1 
ATOM   844  C CG  . LEU A 1 104 ? 7.900   -13.974 -13.553 1.00 24.26 ? 102  LEU A CG  1 
ATOM   845  C CD1 . LEU A 1 104 ? 8.032   -13.901 -15.052 1.00 28.24 ? 102  LEU A CD1 1 
ATOM   846  C CD2 . LEU A 1 104 ? 8.393   -12.695 -12.916 1.00 25.94 ? 102  LEU A CD2 1 
ATOM   847  N N   . GLU A 1 105 ? 3.943   -15.477 -11.666 1.00 21.67 ? 103  GLU A N   1 
ATOM   848  C CA  . GLU A 1 105 ? 2.550   -15.389 -11.273 1.00 22.07 ? 103  GLU A CA  1 
ATOM   849  C C   . GLU A 1 105 ? 2.369   -15.327 -9.746  1.00 19.73 ? 103  GLU A C   1 
ATOM   850  O O   . GLU A 1 105 ? 1.559   -14.611 -9.265  1.00 23.91 ? 103  GLU A O   1 
ATOM   851  C CB  . GLU A 1 105 ? 1.712   -16.538 -11.867 1.00 22.82 ? 103  GLU A CB  1 
ATOM   852  C CG  . GLU A 1 105 ? 1.403   -16.419 -13.341 1.00 26.58 ? 103  GLU A CG  1 
ATOM   853  C CD  . GLU A 1 105 ? 0.810   -17.668 -13.972 1.00 34.74 ? 103  GLU A CD  1 
ATOM   854  O OE1 . GLU A 1 105 ? 0.895   -18.729 -13.409 1.00 35.19 ? 103  GLU A OE1 1 
ATOM   855  O OE2 . GLU A 1 105 ? 0.287   -17.577 -15.059 1.00 42.00 ? 103  GLU A OE2 1 
ATOM   856  N N   . LYS A 1 106 ? 3.119   -16.128 -9.023  1.00 21.97 ? 104  LYS A N   1 
ATOM   857  C CA  . LYS A 1 106 ? 3.074   -16.095 -7.582  1.00 22.75 ? 104  LYS A CA  1 
ATOM   858  C C   . LYS A 1 106 ? 3.597   -14.778 -7.034  1.00 23.56 ? 104  LYS A C   1 
ATOM   859  O O   . LYS A 1 106 ? 3.124   -14.284 -6.071  1.00 22.04 ? 104  LYS A O   1 
ATOM   860  C CB  . LYS A 1 106 ? 3.857   -17.237 -7.002  1.00 27.58 ? 104  LYS A CB  1 
ATOM   861  C CG  . LYS A 1 106 ? 3.262   -18.576 -7.305  1.00 31.93 ? 104  LYS A CG  1 
ATOM   862  C CD  . LYS A 1 106 ? 4.045   -19.702 -6.686  1.00 34.96 ? 104  LYS A CD  1 
ATOM   863  C CE  . LYS A 1 106 ? 3.323   -21.021 -6.764  1.00 36.53 ? 104  LYS A CE  1 
ATOM   864  N NZ  . LYS A 1 106 ? 3.279   -21.575 -8.140  1.00 36.90 ? 104  LYS A NZ  1 
ATOM   865  N N   . MET A 1 107 ? 4.607   -14.239 -7.677  1.00 22.19 ? 105  MET A N   1 
ATOM   866  C CA  . MET A 1 107 ? 5.197   -12.968 -7.255  1.00 20.59 ? 105  MET A CA  1 
ATOM   867  C C   . MET A 1 107 ? 4.158   -11.879 -7.363  1.00 24.65 ? 105  MET A C   1 
ATOM   868  O O   . MET A 1 107 ? 4.017   -11.096 -6.496  1.00 22.49 ? 105  MET A O   1 
ATOM   869  C CB  . MET A 1 107 ? 6.417   -12.608 -8.107  1.00 21.64 ? 105  MET A CB  1 
ATOM   870  C CG  . MET A 1 107 ? 7.087   -11.303 -7.741  1.00 21.88 ? 105  MET A CG  1 
ATOM   871  S SD  . MET A 1 107 ? 8.519   -11.013 -8.798  1.00 24.26 ? 105  MET A SD  1 
ATOM   872  C CE  . MET A 1 107 ? 9.258   -9.574  -8.046  1.00 26.49 ? 105  MET A CE  1 
ATOM   873  N N   . ILE A 1 108 ? 3.453   -11.861 -8.469  1.00 19.77 ? 106  ILE A N   1 
ATOM   874  C CA  . ILE A 1 108 ? 2.385   -10.895 -8.642  1.00 22.79 ? 106  ILE A CA  1 
ATOM   875  C C   . ILE A 1 108 ? 1.244   -11.100 -7.636  1.00 25.39 ? 106  ILE A C   1 
ATOM   876  O O   . ILE A 1 108 ? 0.731   -10.171 -7.145  1.00 23.37 ? 106  ILE A O   1 
ATOM   877  C CB  . ILE A 1 108 ? 1.828   -10.884 -10.083 1.00 23.58 ? 106  ILE A CB  1 
ATOM   878  C CG1 . ILE A 1 108 ? 2.863   -10.374 -11.070 1.00 23.39 ? 106  ILE A CG1 1 
ATOM   879  C CG2 . ILE A 1 108 ? 0.568   -10.065 -10.204 1.00 22.74 ? 106  ILE A CG2 1 
ATOM   880  C CD1 . ILE A 1 108 ? 3.280   -8.974  -10.848 1.00 24.08 ? 106  ILE A CD1 1 
ATOM   881  N N   . GLU A 1 109 ? 0.840   -12.339 -7.393  1.00 22.63 ? 107  GLU A N   1 
ATOM   882  C CA  . GLU A 1 109 ? -0.249  -12.630 -6.485  1.00 23.21 ? 107  GLU A CA  1 
ATOM   883  C C   . GLU A 1 109 ? 0.084   -12.264 -5.044  1.00 24.86 ? 107  GLU A C   1 
ATOM   884  O O   . GLU A 1 109 ? -0.754  -11.830 -4.336  1.00 24.83 ? 107  GLU A O   1 
ATOM   885  C CB  . GLU A 1 109 ? -0.670  -14.095 -6.574  1.00 25.44 ? 107  GLU A CB  1 
ATOM   886  C CG  . GLU A 1 109 ? -1.637  -14.554 -5.506  1.00 22.30 ? 107  GLU A CG  1 
ATOM   887  C CD  . GLU A 1 109 ? -2.948  -13.824 -5.529  1.00 25.68 ? 107  GLU A CD  1 
ATOM   888  O OE1 . GLU A 1 109 ? -3.251  -13.212 -6.527  1.00 30.23 ? 107  GLU A OE1 1 
ATOM   889  O OE2 . GLU A 1 109 ? -3.682  -13.882 -4.556  1.00 30.94 ? 107  GLU A OE2 1 
ATOM   890  N N   . GLU A 1 110 ? 1.332   -12.407 -4.649  1.00 23.15 ? 108  GLU A N   1 
ATOM   891  C CA  . GLU A 1 110 ? 1.750   -11.955 -3.329  1.00 22.59 ? 108  GLU A CA  1 
ATOM   892  C C   . GLU A 1 110 ? 1.629   -10.472 -3.132  1.00 25.92 ? 108  GLU A C   1 
ATOM   893  O O   . GLU A 1 110 ? 1.289   -10.041 -2.110  1.00 27.39 ? 108  GLU A O   1 
ATOM   894  C CB  . GLU A 1 110 ? 3.190   -12.297 -3.058  1.00 20.00 ? 108  GLU A CB  1 
ATOM   895  C CG  . GLU A 1 110 ? 3.457   -13.742 -3.031  1.00 20.00 ? 108  GLU A CG  1 
ATOM   896  C CD  . GLU A 1 110 ? 2.998   -14.393 -1.786  1.00 20.00 ? 108  GLU A CD  1 
ATOM   897  O OE1 . GLU A 1 110 ? 2.330   -13.796 -0.923  1.00 20.00 ? 108  GLU A OE1 1 
ATOM   898  O OE2 . GLU A 1 110 ? 3.342   -15.568 -1.698  1.00 20.00 ? 108  GLU A OE2 1 
ATOM   899  N N   . ILE A 1 111 ? 1.985   -9.719  -4.138  1.00 22.45 ? 109  ILE A N   1 
ATOM   900  C CA  . ILE A 1 111 ? 1.859   -8.295  -4.114  1.00 21.27 ? 109  ILE A CA  1 
ATOM   901  C C   . ILE A 1 111 ? 0.388   -7.941  -4.035  1.00 23.59 ? 109  ILE A C   1 
ATOM   902  O O   . ILE A 1 111 ? 0.010   -7.142  -3.269  1.00 26.85 ? 109  ILE A O   1 
ATOM   903  C CB  . ILE A 1 111 ? 2.495   -7.659  -5.379  1.00 21.52 ? 109  ILE A CB  1 
ATOM   904  C CG1 . ILE A 1 111 ? 4.012   -7.825  -5.368  1.00 21.26 ? 109  ILE A CG1 1 
ATOM   905  C CG2 . ILE A 1 111 ? 2.101   -6.214  -5.529  1.00 25.33 ? 109  ILE A CG2 1 
ATOM   906  C CD1 . ILE A 1 111 ? 4.680   -7.685  -6.698  1.00 23.47 ? 109  ILE A CD1 1 
ATOM   907  N N   . LYS A 1 112 ? -0.425  -8.578  -4.848  1.00 20.06 ? 110  LYS A N   1 
ATOM   908  C CA  . LYS A 1 112 ? -1.840  -8.271  -4.907  1.00 23.21 ? 110  LYS A CA  1 
ATOM   909  C C   . LYS A 1 112 ? -2.529  -8.524  -3.584  1.00 23.39 ? 110  LYS A C   1 
ATOM   910  O O   . LYS A 1 112 ? -3.324  -7.770  -3.163  1.00 24.37 ? 110  LYS A O   1 
ATOM   911  C CB  . LYS A 1 112 ? -2.518  -9.070  -6.000  1.00 23.91 ? 110  LYS A CB  1 
ATOM   912  C CG  . LYS A 1 112 ? -3.982  -8.757  -6.167  1.00 25.21 ? 110  LYS A CG  1 
ATOM   913  C CD  . LYS A 1 112 ? -4.611  -9.571  -7.244  1.00 26.48 ? 110  LYS A CD  1 
ATOM   914  C CE  . LYS A 1 112 ? -6.047  -9.179  -7.453  1.00 33.97 ? 110  LYS A CE  1 
ATOM   915  N NZ  . LYS A 1 112 ? -6.802  -10.220 -8.137  1.00 31.75 ? 110  LYS A NZ  1 
ATOM   916  N N   . LYS A 1 113 ? -2.188  -9.629  -2.963  1.00 25.25 ? 111  LYS A N   1 
ATOM   917  C CA  . LYS A 1 113 ? -2.812  -10.063 -1.722  1.00 24.40 ? 111  LYS A CA  1 
ATOM   918  C C   . LYS A 1 113 ? -2.541  -9.069  -0.597  1.00 30.27 ? 111  LYS A C   1 
ATOM   919  O O   . LYS A 1 113 ? -3.379  -8.779  0.196   1.00 26.12 ? 111  LYS A O   1 
ATOM   920  C CB  . LYS A 1 113 ? -2.361  -11.484 -1.357  1.00 28.56 ? 111  LYS A CB  1 
ATOM   921  C CG  . LYS A 1 113 ? -2.594  -11.915 0.067   1.00 34.06 ? 111  LYS A CG  1 
ATOM   922  C CD  . LYS A 1 113 ? -1.966  -13.247 0.409   1.00 40.59 ? 111  LYS A CD  1 
ATOM   923  C CE  . LYS A 1 113 ? -0.527  -13.275 -0.007  1.00 39.68 ? 111  LYS A CE  1 
ATOM   924  N NZ  . LYS A 1 113 ? 0.303   -14.407 0.502   1.00 53.30 ? 111  LYS A NZ  1 
ATOM   925  N N   . MET A 1 114 ? -1.328  -8.574  -0.562  1.00 25.24 ? 112  MET A N   1 
ATOM   926  C CA  . MET A 1 114 ? -0.957  -7.613  0.436   1.00 24.59 ? 112  MET A CA  1 
ATOM   927  C C   . MET A 1 114 ? -1.559  -6.248  0.147   1.00 22.87 ? 112  MET A C   1 
ATOM   928  O O   . MET A 1 114 ? -1.917  -5.583  1.037   1.00 25.53 ? 112  MET A O   1 
ATOM   929  C CB  . MET A 1 114 ? 0.542   -7.561  0.618   1.00 27.06 ? 112  MET A CB  1 
ATOM   930  C CG  . MET A 1 114 ? 1.120   -8.872  1.078   1.00 29.84 ? 112  MET A CG  1 
ATOM   931  S SD  . MET A 1 114 ? 1.226   -8.917  2.847   1.00 41.08 ? 112  MET A SD  1 
ATOM   932  C CE  . MET A 1 114 ? -0.422  -9.012  3.314   1.00 33.39 ? 112  MET A CE  1 
ATOM   933  N N   . LEU A 1 115 ? -1.684  -5.866  -1.103  1.00 21.13 ? 113  LEU A N   1 
ATOM   934  C CA  . LEU A 1 115 ? -2.369  -4.635  -1.426  1.00 20.34 ? 113  LEU A CA  1 
ATOM   935  C C   . LEU A 1 115 ? -3.840  -4.677  -1.066  1.00 26.99 ? 113  LEU A C   1 
ATOM   936  O O   . LEU A 1 115 ? -4.359  -3.728  -0.595  1.00 25.78 ? 113  LEU A O   1 
ATOM   937  C CB  . LEU A 1 115 ? -2.201  -4.278  -2.881  1.00 23.44 ? 113  LEU A CB  1 
ATOM   938  C CG  . LEU A 1 115 ? -0.826  -3.866  -3.365  1.00 23.82 ? 113  LEU A CG  1 
ATOM   939  C CD1 . LEU A 1 115 ? -0.802  -3.739  -4.865  1.00 24.59 ? 113  LEU A CD1 1 
ATOM   940  C CD2 . LEU A 1 115 ? -0.314  -2.630  -2.707  1.00 21.07 ? 113  LEU A CD2 1 
ATOM   941  N N   . GLU A 1 116 ? -4.490  -5.809  -1.276  1.00 23.94 ? 114  GLU A N   1 
ATOM   942  C CA  . GLU A 1 116 ? -5.888  -5.930  -0.929  1.00 21.98 ? 114  GLU A CA  1 
ATOM   943  C C   . GLU A 1 116 ? -6.067  -5.881  0.555   1.00 26.25 ? 114  GLU A C   1 
ATOM   944  O O   . GLU A 1 116 ? -7.032  -5.397  1.030   1.00 24.72 ? 114  GLU A O   1 
ATOM   945  C CB  . GLU A 1 116 ? -6.479  -7.225  -1.418  1.00 25.38 ? 114  GLU A CB  1 
ATOM   946  C CG  . GLU A 1 116 ? -6.530  -7.377  -2.905  1.00 28.59 ? 114  GLU A CG  1 
ATOM   947  C CD  . GLU A 1 116 ? -7.008  -8.744  -3.327  1.00 41.54 ? 114  GLU A CD  1 
ATOM   948  O OE1 . GLU A 1 116 ? -6.493  -9.753  -2.822  1.00 41.01 ? 114  GLU A OE1 1 
ATOM   949  O OE2 . GLU A 1 116 ? -7.907  -8.794  -4.152  1.00 45.82 ? 114  GLU A OE2 1 
ATOM   950  N N   . LYS A 1 117 ? -5.101  -6.406  1.274   1.00 26.16 ? 115  LYS A N   1 
ATOM   951  C CA  . LYS A 1 117 ? -5.125  -6.357  2.715   1.00 22.98 ? 115  LYS A CA  1 
ATOM   952  C C   . LYS A 1 117 ? -4.965  -4.941  3.202   1.00 26.65 ? 115  LYS A C   1 
ATOM   953  O O   . LYS A 1 117 ? -5.595  -4.548  4.125   1.00 25.89 ? 115  LYS A O   1 
ATOM   954  C CB  . LYS A 1 117 ? -4.049  -7.227  3.313   1.00 25.34 ? 115  LYS A CB  1 
ATOM   955  C CG  . LYS A 1 117 ? -4.150  -7.371  4.795   1.00 24.84 ? 115  LYS A CG  1 
ATOM   956  C CD  . LYS A 1 117 ? -3.222  -8.403  5.347   1.00 32.36 ? 115  LYS A CD  1 
ATOM   957  C CE  . LYS A 1 117 ? -2.753  -7.975  6.709   1.00 43.33 ? 115  LYS A CE  1 
ATOM   958  N NZ  . LYS A 1 117 ? -2.710  -9.133  7.605   1.00 45.21 ? 115  LYS A NZ  1 
ATOM   959  N N   . ALA A 1 118 ? -4.092  -4.186  2.567   1.00 24.53 ? 116  ALA A N   1 
ATOM   960  C CA  . ALA A 1 118 ? -3.949  -2.766  2.898   1.00 23.83 ? 116  ALA A CA  1 
ATOM   961  C C   . ALA A 1 118 ? -5.239  -2.012  2.691   1.00 24.60 ? 116  ALA A C   1 
ATOM   962  O O   . ALA A 1 118 ? -5.606  -1.246  3.510   1.00 27.86 ? 116  ALA A O   1 
ATOM   963  C CB  . ALA A 1 118 ? -2.839  -2.116  2.117   1.00 24.37 ? 116  ALA A CB  1 
ATOM   964  N N   . ILE A 1 119 ? -5.909  -2.250  1.586   1.00 23.05 ? 117  ILE A N   1 
ATOM   965  C CA  . ILE A 1 119 ? -7.186  -1.591  1.347   1.00 25.10 ? 117  ILE A CA  1 
ATOM   966  C C   . ILE A 1 119 ? -8.171  -1.945  2.444   1.00 27.04 ? 117  ILE A C   1 
ATOM   967  O O   . ILE A 1 119 ? -8.843  -1.114  2.972   1.00 30.09 ? 117  ILE A O   1 
ATOM   968  C CB  . ILE A 1 119 ? -7.736  -1.925  -0.036  1.00 27.02 ? 117  ILE A CB  1 
ATOM   969  C CG1 . ILE A 1 119 ? -6.931  -1.223  -1.087  1.00 24.96 ? 117  ILE A CG1 1 
ATOM   970  C CG2 . ILE A 1 119 ? -9.178  -1.516  -0.190  1.00 27.30 ? 117  ILE A CG2 1 
ATOM   971  C CD1 . ILE A 1 119 ? -7.059  -1.841  -2.432  1.00 27.06 ? 117  ILE A CD1 1 
ATOM   972  N N   . LYS A 1 120 ? -8.224  -3.201  2.775   1.00 25.34 ? 118  LYS A N   1 
ATOM   973  C CA  . LYS A 1 120 ? -9.147  -3.694  3.754   1.00 26.94 ? 118  LYS A CA  1 
ATOM   974  C C   . LYS A 1 120 ? -8.906  -3.110  5.142   1.00 26.10 ? 118  LYS A C   1 
ATOM   975  O O   . LYS A 1 120 ? -9.808  -2.730  5.794   1.00 29.59 ? 118  LYS A O   1 
ATOM   976  C CB  . LYS A 1 120 ? -9.136  -5.216  3.757   1.00 28.04 ? 118  LYS A CB  1 
ATOM   977  C CG  . LYS A 1 120 ? -9.777  -5.888  4.943   1.00 38.62 ? 118  LYS A CG  1 
ATOM   978  C CD  . LYS A 1 120 ? -10.485 -7.127  4.497   1.00 46.40 ? 118  LYS A CD  1 
ATOM   979  C CE  . LYS A 1 120 ? -10.213 -8.314  5.401   1.00 55.88 ? 118  LYS A CE  1 
ATOM   980  N NZ  . LYS A 1 120 ? -10.584 -9.643  4.820   1.00 56.02 ? 118  LYS A NZ  1 
ATOM   981  N N   . LYS A 1 121 ? -7.669  -3.043  5.556   1.00 26.00 ? 119  LYS A N   1 
ATOM   982  C CA  . LYS A 1 121 ? -7.338  -2.482  6.843   1.00 26.08 ? 119  LYS A CA  1 
ATOM   983  C C   . LYS A 1 121 ? -7.503  -0.966  6.892   1.00 27.36 ? 119  LYS A C   1 
ATOM   984  O O   . LYS A 1 121 ? -7.906  -0.465  7.886   1.00 26.80 ? 119  LYS A O   1 
ATOM   985  C CB  . LYS A 1 121 ? -5.955  -2.922  7.276   1.00 31.11 ? 119  LYS A CB  1 
ATOM   986  C CG  . LYS A 1 121 ? -5.917  -4.386  7.601   1.00 30.96 ? 119  LYS A CG  1 
ATOM   987  C CD  . LYS A 1 121 ? -4.569  -4.808  8.117   1.00 47.34 ? 119  LYS A CD  1 
ATOM   988  C CE  . LYS A 1 121 ? -4.709  -5.813  9.242   1.00 47.65 ? 119  LYS A CE  1 
ATOM   989  N NZ  . LYS A 1 121 ? -5.632  -6.911  8.879   1.00 50.06 ? 119  LYS A NZ  1 
ATOM   990  N N   . VAL A 1 122 ? -7.201  -0.249  5.824   1.00 23.43 ? 120  VAL A N   1 
ATOM   991  C CA  . VAL A 1 122 ? -7.444  1.175   5.791   1.00 21.77 ? 120  VAL A CA  1 
ATOM   992  C C   . VAL A 1 122 ? -8.943  1.444   5.988   1.00 22.01 ? 120  VAL A C   1 
ATOM   993  O O   . VAL A 1 122 ? -9.333  2.263   6.759   1.00 25.63 ? 120  VAL A O   1 
ATOM   994  C CB  . VAL A 1 122 ? -6.935  1.861   4.513   1.00 23.38 ? 120  VAL A CB  1 
ATOM   995  C CG1 . VAL A 1 122 ? -7.385  3.301   4.428   1.00 25.75 ? 120  VAL A CG1 1 
ATOM   996  C CG2 . VAL A 1 122 ? -5.439  1.828   4.449   1.00 22.64 ? 120  VAL A CG2 1 
ATOM   997  N N   . LYS A 1 123 ? -9.751  0.708   5.284   1.00 22.70 ? 121  LYS A N   1 
ATOM   998  C CA  . LYS A 1 123 ? -11.192 0.898   5.354   1.00 23.47 ? 121  LYS A CA  1 
ATOM   999  C C   . LYS A 1 123 ? -11.705 0.675   6.772   1.00 27.21 ? 121  LYS A C   1 
ATOM   1000 O O   . LYS A 1 123 ? -12.413 1.496   7.309   1.00 26.86 ? 121  LYS A O   1 
ATOM   1001 C CB  . LYS A 1 123 ? -11.915 -0.010  4.362   1.00 28.08 ? 121  LYS A CB  1 
ATOM   1002 C CG  . LYS A 1 123 ? -13.441 0.030   4.356   1.00 30.08 ? 121  LYS A CG  1 
ATOM   1003 C CD  . LYS A 1 123 ? -13.974 -1.079  3.492   1.00 28.63 ? 121  LYS A CD  1 
ATOM   1004 C CE  . LYS A 1 123 ? -15.473 -1.198  3.517   1.00 53.65 ? 121  LYS A CE  1 
ATOM   1005 N NZ  . LYS A 1 123 ? -16.098 0.047   3.071   1.00 47.53 ? 121  LYS A NZ  1 
ATOM   1006 N N   A GLU A 1 124 ? -11.332 -0.437  7.350   0.50 24.77 ? 122  GLU A N   1 
ATOM   1007 N N   B GLU A 1 124 ? -11.343 -0.441  7.357   0.50 24.78 ? 122  GLU A N   1 
ATOM   1008 C CA  A GLU A 1 124 ? -11.736 -0.866  8.651   0.50 26.50 ? 122  GLU A CA  1 
ATOM   1009 C CA  B GLU A 1 124 ? -11.788 -0.805  8.664   0.50 26.46 ? 122  GLU A CA  1 
ATOM   1010 C C   A GLU A 1 124 ? -11.280 0.101   9.717   0.50 30.13 ? 122  GLU A C   1 
ATOM   1011 C C   B GLU A 1 124 ? -11.294 0.145   9.730   0.50 30.16 ? 122  GLU A C   1 
ATOM   1012 O O   A GLU A 1 124 ? -12.025 0.474   10.585  0.50 28.09 ? 122  GLU A O   1 
ATOM   1013 O O   B GLU A 1 124 ? -12.011 0.483   10.626  0.50 28.06 ? 122  GLU A O   1 
ATOM   1014 C CB  A GLU A 1 124 ? -11.150 -2.265  8.882   0.50 33.08 ? 122  GLU A CB  1 
ATOM   1015 C CB  B GLU A 1 124 ? -11.437 -2.269  8.967   0.50 32.73 ? 122  GLU A CB  1 
ATOM   1016 C CG  A GLU A 1 124 ? -11.183 -2.887  10.236  0.50 36.09 ? 122  GLU A CG  1 
ATOM   1017 C CG  B GLU A 1 124 ? -10.965 -2.611  10.351  0.50 35.96 ? 122  GLU A CG  1 
ATOM   1018 C CD  A GLU A 1 124 ? -9.951  -2.629  11.070  0.50 37.50 ? 122  GLU A CD  1 
ATOM   1019 C CD  B GLU A 1 124 ? -9.798  -3.516  10.321  0.50 40.68 ? 122  GLU A CD  1 
ATOM   1020 O OE1 A GLU A 1 124 ? -8.943  -3.351  10.986  0.50 39.90 ? 122  GLU A OE1 1 
ATOM   1021 O OE1 B GLU A 1 124 ? -9.833  -4.430  9.473   0.50 35.55 ? 122  GLU A OE1 1 
ATOM   1022 O OE2 A GLU A 1 124 ? -9.994  -1.668  11.843  0.50 37.89 ? 122  GLU A OE2 1 
ATOM   1023 O OE2 B GLU A 1 124 ? -8.866  -3.306  11.112  0.50 39.81 ? 122  GLU A OE2 1 
ATOM   1024 N N   . MET A 1 125 ? -10.033 0.511   9.626   1.00 25.61 ? 123  MET A N   1 
ATOM   1025 C CA  . MET A 1 125 ? -9.451  1.343   10.652  1.00 21.64 ? 123  MET A CA  1 
ATOM   1026 C C   . MET A 1 125 ? -9.985  2.778   10.601  1.00 24.46 ? 123  MET A C   1 
ATOM   1027 O O   . MET A 1 125 ? -10.065 3.400   11.593  1.00 25.96 ? 123  MET A O   1 
ATOM   1028 C CB  . MET A 1 125 ? -7.928  1.336   10.619  1.00 27.68 ? 123  MET A CB  1 
ATOM   1029 C CG  . MET A 1 125 ? -7.332  0.008   10.952  1.00 21.92 ? 123  MET A CG  1 
ATOM   1030 S SD  . MET A 1 125 ? -5.602  -0.083  10.550  1.00 27.32 ? 123  MET A SD  1 
ATOM   1031 C CE  . MET A 1 125 ? -4.953  0.534   12.044  1.00 26.43 ? 123  MET A CE  1 
ATOM   1032 N N   . LEU A 1 126 ? -10.313 3.266   9.422   1.00 21.99 ? 124  LEU A N   1 
ATOM   1033 C CA  . LEU A 1 126 ? -10.912 4.578   9.267   1.00 23.26 ? 124  LEU A CA  1 
ATOM   1034 C C   . LEU A 1 126 ? -12.317 4.572   9.870   1.00 26.24 ? 124  LEU A C   1 
ATOM   1035 O O   . LEU A 1 126 ? -12.693 5.507   10.518  1.00 28.46 ? 124  LEU A O   1 
ATOM   1036 C CB  . LEU A 1 126 ? -10.917 5.034   7.799   1.00 26.80 ? 124  LEU A CB  1 
ATOM   1037 C CG  . LEU A 1 126 ? -9.663  5.625   7.177   1.00 22.85 ? 124  LEU A CG  1 
ATOM   1038 C CD1 . LEU A 1 126 ? -9.785  5.715   5.673   1.00 26.07 ? 124  LEU A CD1 1 
ATOM   1039 C CD2 . LEU A 1 126 ? -9.229  6.945   7.750   1.00 22.88 ? 124  LEU A CD2 1 
ATOM   1040 N N   . GLU A 1 127 ? -13.061 3.500   9.657   1.00 25.04 ? 125  GLU A N   1 
ATOM   1041 C CA  . GLU A 1 127 ? -14.370 3.343   10.281  1.00 29.47 ? 125  GLU A CA  1 
ATOM   1042 C C   . GLU A 1 127 ? -14.248 3.444   11.793  1.00 30.99 ? 125  GLU A C   1 
ATOM   1043 O O   . GLU A 1 127 ? -15.016 4.078   12.427  1.00 30.85 ? 125  GLU A O   1 
ATOM   1044 C CB  . GLU A 1 127 ? -15.024 2.011   9.922   1.00 32.97 ? 125  GLU A CB  1 
ATOM   1045 C CG  . GLU A 1 127 ? -15.663 1.928   8.563   1.00 42.49 ? 125  GLU A CG  1 
ATOM   1046 C CD  . GLU A 1 127 ? -16.079 0.530   8.143   1.00 49.02 ? 125  GLU A CD  1 
ATOM   1047 O OE1 . GLU A 1 127 ? -15.911 -0.416  8.913   1.00 53.99 ? 125  GLU A OE1 1 
ATOM   1048 O OE2 . GLU A 1 127 ? -16.563 0.370   7.022   1.00 51.16 ? 125  GLU A OE2 1 
ATOM   1049 N N   A LYS A 1 128 ? -13.261 2.787   12.356  0.50 29.40 ? 126  LYS A N   1 
ATOM   1050 N N   B LYS A 1 128 ? -13.289 2.755   12.348  0.50 29.38 ? 126  LYS A N   1 
ATOM   1051 C CA  A LYS A 1 128 ? -13.097 2.818   13.788  0.50 30.96 ? 126  LYS A CA  1 
ATOM   1052 C CA  B LYS A 1 128 ? -13.059 2.780   13.763  0.50 30.95 ? 126  LYS A CA  1 
ATOM   1053 C C   A LYS A 1 128 ? -12.667 4.156   14.313  0.50 30.76 ? 126  LYS A C   1 
ATOM   1054 C C   B LYS A 1 128 ? -12.652 4.127   14.302  0.50 30.73 ? 126  LYS A C   1 
ATOM   1055 O O   A LYS A 1 128 ? -13.098 4.530   15.328  0.50 29.77 ? 126  LYS A O   1 
ATOM   1056 O O   B LYS A 1 128 ? -13.101 4.498   15.314  0.50 29.77 ? 126  LYS A O   1 
ATOM   1057 C CB  A LYS A 1 128 ? -12.150 1.759   14.302  0.50 32.05 ? 126  LYS A CB  1 
ATOM   1058 C CB  B LYS A 1 128 ? -12.060 1.716   14.161  0.50 31.96 ? 126  LYS A CB  1 
ATOM   1059 C CG  A LYS A 1 128 ? -12.236 0.467   13.593  0.50 32.64 ? 126  LYS A CG  1 
ATOM   1060 C CG  B LYS A 1 128 ? -12.669 0.355   14.246  0.50 32.45 ? 126  LYS A CG  1 
ATOM   1061 C CD  A LYS A 1 128 ? -13.544 -0.248  13.740  0.50 36.12 ? 126  LYS A CD  1 
ATOM   1062 C CD  B LYS A 1 128 ? -12.911 -0.257  12.890  0.50 36.43 ? 126  LYS A CD  1 
ATOM   1063 C CE  A LYS A 1 128 ? -14.227 -0.457  12.403  0.50 36.84 ? 126  LYS A CE  1 
ATOM   1064 C CE  B LYS A 1 128 ? -14.365 -0.304  12.504  0.50 37.47 ? 126  LYS A CE  1 
ATOM   1065 N NZ  A LYS A 1 128 ? -15.635 -0.160  12.750  0.50 37.11 ? 126  LYS A NZ  1 
ATOM   1066 N NZ  B LYS A 1 128 ? -14.532 -1.231  11.379  0.50 29.14 ? 126  LYS A NZ  1 
ATOM   1067 N N   . MET A 1 129 ? -11.805 4.850   13.599  1.00 26.81 ? 127  MET A N   1 
ATOM   1068 C CA  . MET A 1 129 ? -11.383 6.199   13.951  1.00 26.24 ? 127  MET A CA  1 
ATOM   1069 C C   . MET A 1 129 ? -12.571 7.145   14.008  1.00 28.39 ? 127  MET A C   1 
ATOM   1070 O O   . MET A 1 129 ? -12.672 7.920   14.880  1.00 29.49 ? 127  MET A O   1 
ATOM   1071 C CB  . MET A 1 129 ? -10.374 6.720   12.914  1.00 28.57 ? 127  MET A CB  1 
ATOM   1072 C CG  . MET A 1 129 ? -9.798  8.123   13.116  1.00 34.97 ? 127  MET A CG  1 
ATOM   1073 S SD  . MET A 1 129 ? -8.531  8.569   11.896  1.00 29.85 ? 127  MET A SD  1 
ATOM   1074 C CE  . MET A 1 129 ? -8.156  10.264  12.233  1.00 34.49 ? 127  MET A CE  1 
ATOM   1075 N N   . ILE A 1 130 ? -13.444 7.054   13.040  1.00 24.26 ? 128  ILE A N   1 
ATOM   1076 C CA  . ILE A 1 130 ? -14.646 7.862   13.018  1.00 25.08 ? 128  ILE A CA  1 
ATOM   1077 C C   . ILE A 1 130 ? -15.579 7.542   14.188  1.00 26.60 ? 128  ILE A C   1 
ATOM   1078 O O   . ILE A 1 130 ? -16.131 8.414   14.773  1.00 27.70 ? 128  ILE A O   1 
ATOM   1079 C CB  . ILE A 1 130 ? -15.415 7.719   11.679  1.00 30.89 ? 128  ILE A CB  1 
ATOM   1080 C CG1 . ILE A 1 130 ? -14.622 8.273   10.497  1.00 29.23 ? 128  ILE A CG1 1 
ATOM   1081 C CG2 . ILE A 1 130 ? -16.789 8.378   11.740  1.00 31.92 ? 128  ILE A CG2 1 
ATOM   1082 C CD1 . ILE A 1 130 ? -14.024 9.603   10.689  1.00 32.64 ? 128  ILE A CD1 1 
ATOM   1083 N N   . LYS A 1 131 ? -15.729 6.270   14.494  1.00 27.85 ? 129  LYS A N   1 
ATOM   1084 C CA  . LYS A 1 131 ? -16.542 5.825   15.607  1.00 27.68 ? 129  LYS A CA  1 
ATOM   1085 C C   . LYS A 1 131 ? -15.999 6.325   16.936  1.00 29.73 ? 129  LYS A C   1 
ATOM   1086 O O   . LYS A 1 131 ? -16.735 6.697   17.799  1.00 30.61 ? 129  LYS A O   1 
ATOM   1087 C CB  . LYS A 1 131 ? -16.624 4.309   15.654  1.00 32.40 ? 129  LYS A CB  1 
ATOM   1088 C CG  . LYS A 1 131 ? -17.793 3.731   14.938  1.00 40.64 ? 129  LYS A CG  1 
ATOM   1089 C CD  . LYS A 1 131 ? -17.970 2.260   15.231  1.00 50.50 ? 129  LYS A CD  1 
ATOM   1090 C CE  . LYS A 1 131 ? -17.995 2.046   16.724  1.00 52.68 ? 129  LYS A CE  1 
ATOM   1091 N NZ  . LYS A 1 131 ? -17.172 0.912   17.162  1.00 57.50 ? 129  LYS A NZ  1 
ATOM   1092 N N   . GLU A 1 132 ? -14.699 6.331   17.060  1.00 25.92 ? 130  GLU A N   1 
ATOM   1093 C CA  . GLU A 1 132 ? -14.080 6.793   18.259  1.00 30.21 ? 130  GLU A CA  1 
ATOM   1094 C C   . GLU A 1 132 ? -14.236 8.284   18.377  1.00 31.48 ? 130  GLU A C   1 
ATOM   1095 O O   . GLU A 1 132 ? -14.448 8.778   19.435  1.00 30.11 ? 130  GLU A O   1 
ATOM   1096 C CB  . GLU A 1 132 ? -12.640 6.375   18.345  1.00 29.14 ? 130  GLU A CB  1 
ATOM   1097 C CG  . GLU A 1 132 ? -11.937 6.980   19.516  1.00 40.27 ? 130  GLU A CG  1 
ATOM   1098 C CD  . GLU A 1 132 ? -12.235 6.284   20.817  1.00 47.43 ? 130  GLU A CD  1 
ATOM   1099 O OE1 . GLU A 1 132 ? -12.980 5.322   20.835  1.00 48.59 ? 130  GLU A OE1 1 
ATOM   1100 O OE2 . GLU A 1 132 ? -11.719 6.723   21.838  1.00 49.77 ? 130  GLU A OE2 1 
ATOM   1101 N N   . ILE A 1 133 ? -14.146 8.993   17.266  1.00 28.30 ? 131  ILE A N   1 
ATOM   1102 C CA  . ILE A 1 133 ? -14.353 10.420  17.291  1.00 25.92 ? 131  ILE A CA  1 
ATOM   1103 C C   . ILE A 1 133 ? -15.774 10.747  17.725  1.00 25.97 ? 131  ILE A C   1 
ATOM   1104 O O   . ILE A 1 133 ? -15.983 11.597  18.533  1.00 30.32 ? 131  ILE A O   1 
ATOM   1105 C CB  . ILE A 1 133 ? -14.029 11.101  15.958  1.00 26.24 ? 131  ILE A CB  1 
ATOM   1106 C CG1 . ILE A 1 133 ? -12.550 10.990  15.694  1.00 25.76 ? 131  ILE A CG1 1 
ATOM   1107 C CG2 . ILE A 1 133 ? -14.453 12.561  15.968  1.00 29.71 ? 131  ILE A CG2 1 
ATOM   1108 C CD1 . ILE A 1 133 ? -12.168 11.327  14.292  1.00 29.87 ? 131  ILE A CD1 1 
ATOM   1109 N N   . LYS A 1 134 ? -16.715 10.043  17.160  1.00 23.42 ? 132  LYS A N   1 
ATOM   1110 C CA  . LYS A 1 134 ? -18.079 10.227  17.529  1.00 26.42 ? 132  LYS A CA  1 
ATOM   1111 C C   . LYS A 1 134 ? -18.301 10.023  19.017  1.00 32.61 ? 132  LYS A C   1 
ATOM   1112 O O   . LYS A 1 134 ? -18.984 10.774  19.614  1.00 29.25 ? 132  LYS A O   1 
ATOM   1113 C CB  . LYS A 1 134 ? -18.973 9.322   16.733  1.00 26.05 ? 132  LYS A CB  1 
ATOM   1114 C CG  . LYS A 1 134 ? -20.423 9.385   17.112  1.00 32.25 ? 132  LYS A CG  1 
ATOM   1115 C CD  . LYS A 1 134 ? -21.188 8.390   16.305  1.00 31.44 ? 132  LYS A CD  1 
ATOM   1116 C CE  . LYS A 1 134 ? -22.653 8.658   16.362  1.00 40.36 ? 132  LYS A CE  1 
ATOM   1117 N NZ  . LYS A 1 134 ? -23.317 7.373   16.352  1.00 42.28 ? 132  LYS A NZ  1 
ATOM   1118 N N   . LYS A 1 135 ? -17.729 8.989   19.583  1.00 28.26 ? 133  LYS A N   1 
ATOM   1119 C CA  . LYS A 1 135 ? -17.887 8.726   20.991  1.00 29.22 ? 133  LYS A CA  1 
ATOM   1120 C C   . LYS A 1 135 ? -17.256 9.792   21.866  1.00 32.33 ? 133  LYS A C   1 
ATOM   1121 O O   . LYS A 1 135 ? -17.802 10.172  22.857  1.00 32.66 ? 133  LYS A O   1 
ATOM   1122 C CB  . LYS A 1 135 ? -17.335 7.361   21.313  1.00 33.24 ? 133  LYS A CB  1 
ATOM   1123 C CG  . LYS A 1 135 ? -17.298 7.008   22.762  1.00 37.73 ? 133  LYS A CG  1 
ATOM   1124 C CD  . LYS A 1 135 ? -16.396 5.809   22.940  1.00 39.88 ? 133  LYS A CD  1 
ATOM   1125 C CE  . LYS A 1 135 ? -15.486 5.939   24.145  1.00 49.42 ? 133  LYS A CE  1 
ATOM   1126 N NZ  . LYS A 1 135 ? -14.688 7.194   24.331  1.00 48.85 ? 133  LYS A NZ  1 
ATOM   1127 N N   . MET A 1 136 ? -16.096 10.277  21.488  1.00 27.37 ? 134  MET A N   1 
ATOM   1128 C CA  . MET A 1 136 ? -15.434 11.317  22.229  1.00 28.82 ? 134  MET A CA  1 
ATOM   1129 C C   . MET A 1 136 ? -16.171 12.661  22.198  1.00 31.16 ? 134  MET A C   1 
ATOM   1130 O O   . MET A 1 136 ? -16.169 13.367  23.146  1.00 32.43 ? 134  MET A O   1 
ATOM   1131 C CB  . MET A 1 136 ? -14.017 11.499  21.717  1.00 28.92 ? 134  MET A CB  1 
ATOM   1132 C CG  . MET A 1 136 ? -13.146 10.288  21.900  1.00 31.83 ? 134  MET A CG  1 
ATOM   1133 S SD  . MET A 1 136 ? -11.445 10.617  21.451  1.00 35.96 ? 134  MET A SD  1 
ATOM   1134 C CE  . MET A 1 136 ? -10.901 11.159  23.007  1.00 39.18 ? 134  MET A CE  1 
ATOM   1135 N N   . LEU A 1 137 ? -16.771 12.986  21.077  1.00 27.43 ? 135  LEU A N   1 
ATOM   1136 C CA  . LEU A 1 137 ? -17.625 14.128  20.978  1.00 29.32 ? 135  LEU A CA  1 
ATOM   1137 C C   . LEU A 1 137 ? -18.873 13.951  21.841  1.00 32.12 ? 135  LEU A C   1 
ATOM   1138 O O   . LEU A 1 137 ? -19.328 14.869  22.440  1.00 40.04 ? 135  LEU A O   1 
ATOM   1139 C CB  . LEU A 1 137 ? -17.996 14.380  19.520  1.00 27.84 ? 135  LEU A CB  1 
ATOM   1140 C CG  . LEU A 1 137 ? -16.869 14.806  18.599  1.00 30.32 ? 135  LEU A CG  1 
ATOM   1141 C CD1 . LEU A 1 137 ? -17.288 14.842  17.165  1.00 30.58 ? 135  LEU A CD1 1 
ATOM   1142 C CD2 . LEU A 1 137 ? -16.345 16.154  18.988  1.00 37.20 ? 135  LEU A CD2 1 
ATOM   1143 N N   . GLU A 1 138 ? -19.431 12.766  21.858  1.00 31.58 ? 136  GLU A N   1 
ATOM   1144 C CA  . GLU A 1 138 ? -20.568 12.470  22.698  1.00 33.46 ? 136  GLU A CA  1 
ATOM   1145 C C   . GLU A 1 138 ? -20.252 12.597  24.177  1.00 33.61 ? 136  GLU A C   1 
ATOM   1146 O O   . GLU A 1 138 ? -21.100 13.012  24.901  1.00 33.52 ? 136  GLU A O   1 
ATOM   1147 C CB  . GLU A 1 138 ? -21.165 11.083  22.431  1.00 40.25 ? 136  GLU A CB  1 
ATOM   1148 C CG  . GLU A 1 138 ? -22.015 10.993  21.191  1.00 41.37 ? 136  GLU A CG  1 
ATOM   1149 C CD  . GLU A 1 138 ? -22.824 9.728   21.060  1.00 48.50 ? 136  GLU A CD  1 
ATOM   1150 O OE1 . GLU A 1 138 ? -22.826 8.870   21.948  1.00 47.75 ? 136  GLU A OE1 1 
ATOM   1151 O OE2 . GLU A 1 138 ? -23.489 9.597   20.038  1.00 51.56 ? 136  GLU A OE2 1 
ATOM   1152 N N   . ASN A 1 139 ? -19.097 12.199  24.615  1.00 30.95 ? 137  ASN A N   1 
ATOM   1153 C CA  . ASN A 1 139 ? -18.888 12.197  26.024  1.00 30.07 ? 137  ASN A CA  1 
ATOM   1154 C C   . ASN A 1 139 ? -18.175 13.415  26.618  1.00 29.31 ? 137  ASN A C   1 
ATOM   1155 O O   . ASN A 1 139 ? -17.803 13.427  27.715  1.00 28.93 ? 137  ASN A O   1 
ATOM   1156 C CB  . ASN A 1 139 ? -18.341 10.868  26.485  1.00 35.50 ? 137  ASN A CB  1 
ATOM   1157 C CG  . ASN A 1 139 ? -17.013 10.532  25.907  1.00 28.02 ? 137  ASN A CG  1 
ATOM   1158 O OD1 . ASN A 1 139 ? -16.617 9.398   25.905  1.00 38.61 ? 137  ASN A OD1 1 
ATOM   1159 N ND2 . ASN A 1 139 ? -16.329 11.506  25.439  1.00 32.80 ? 137  ASN A ND2 1 
ATOM   1160 N N   . GLY A 1 140 ? -18.058 14.454  25.832  1.00 28.57 ? 138  GLY A N   1 
ATOM   1161 C CA  . GLY A 1 140 ? -17.571 15.718  26.303  1.00 25.75 ? 138  GLY A CA  1 
ATOM   1162 C C   . GLY A 1 140 ? -16.086 15.932  26.465  1.00 33.32 ? 138  GLY A C   1 
ATOM   1163 O O   . GLY A 1 140 ? -15.673 16.823  27.116  1.00 32.04 ? 138  GLY A O   1 
ATOM   1164 N N   . GLU A 1 141 ? -15.289 15.102  25.844  1.00 33.51 ? 139  GLU A N   1 
ATOM   1165 C CA  . GLU A 1 141 ? -13.852 15.279  25.852  1.00 28.53 ? 139  GLU A CA  1 
ATOM   1166 C C   . GLU A 1 141 ? -13.412 16.559  25.180  1.00 30.47 ? 139  GLU A C   1 
ATOM   1167 O O   . GLU A 1 141 ? -14.048 17.005  24.270  1.00 36.11 ? 139  GLU A O   1 
ATOM   1168 C CB  . GLU A 1 141 ? -13.204 14.088  25.215  1.00 27.49 ? 139  GLU A CB  1 
ATOM   1169 C CG  . GLU A 1 141 ? -13.546 12.852  25.956  1.00 31.45 ? 139  GLU A CG  1 
ATOM   1170 C CD  . GLU A 1 141 ? -12.662 11.707  25.630  1.00 42.53 ? 139  GLU A CD  1 
ATOM   1171 O OE1 . GLU A 1 141 ? -11.475 11.886  25.588  1.00 42.49 ? 139  GLU A OE1 1 
ATOM   1172 O OE2 . GLU A 1 141 ? -13.176 10.630  25.427  1.00 44.95 ? 139  GLU A OE2 1 
ATOM   1173 N N   . ASP A 1 142 ? -12.356 17.182  25.691  1.00 31.14 ? 140  ASP A N   1 
ATOM   1174 C CA  . ASP A 1 142 ? -11.874 18.441  25.129  1.00 34.21 ? 140  ASP A CA  1 
ATOM   1175 C C   . ASP A 1 142 ? -11.024 18.271  23.890  1.00 31.66 ? 140  ASP A C   1 
ATOM   1176 O O   . ASP A 1 142 ? -10.702 17.174  23.528  1.00 37.12 ? 140  ASP A O   1 
ATOM   1177 C CB  . ASP A 1 142 ? -11.214 19.355  26.151  1.00 33.14 ? 140  ASP A CB  1 
ATOM   1178 C CG  . ASP A 1 142 ? -9.877  18.895  26.585  1.00 37.51 ? 140  ASP A CG  1 
ATOM   1179 O OD1 . ASP A 1 142 ? -9.277  18.076  25.941  1.00 38.39 ? 140  ASP A OD1 1 
ATOM   1180 O OD2 . ASP A 1 142 ? -9.393  19.388  27.597  1.00 43.30 ? 140  ASP A OD2 1 
ATOM   1181 N N   . SER A 1 143 ? -10.707 19.375  23.255  1.00 36.29 ? 141  SER A N   1 
ATOM   1182 C CA  . SER A 1 143 ? -9.986  19.336  22.021  1.00 33.08 ? 141  SER A CA  1 
ATOM   1183 C C   . SER A 1 143 ? -8.641  18.695  22.152  1.00 32.06 ? 141  SER A C   1 
ATOM   1184 O O   . SER A 1 143 ? -8.253  17.974  21.294  1.00 35.23 ? 141  SER A O   1 
ATOM   1185 C CB  . SER A 1 143 ? -9.896  20.729  21.365  1.00 40.52 ? 141  SER A CB  1 
ATOM   1186 O OG  . SER A 1 143 ? -9.062  21.602  22.057  1.00 43.77 ? 141  SER A OG  1 
ATOM   1187 N N   . GLU A 1 144 ? -7.912  18.938  23.228  1.00 30.77 ? 142  GLU A N   1 
ATOM   1188 C CA  . GLU A 1 144 ? -6.592  18.353  23.309  1.00 29.49 ? 142  GLU A CA  1 
ATOM   1189 C C   . GLU A 1 144 ? -6.646  16.833  23.293  1.00 29.72 ? 142  GLU A C   1 
ATOM   1190 O O   . GLU A 1 144 ? -5.879  16.203  22.612  1.00 30.78 ? 142  GLU A O   1 
ATOM   1191 C CB  . GLU A 1 144 ? -5.783  18.832  24.531  1.00 34.18 ? 142  GLU A CB  1 
ATOM   1192 C CG  . GLU A 1 144 ? -4.561  17.962  24.863  1.00 43.07 ? 142  GLU A CG  1 
ATOM   1193 C CD  . GLU A 1 144 ? -4.118  18.053  26.295  1.00 56.15 ? 142  GLU A CD  1 
ATOM   1194 O OE1 . GLU A 1 144 ? -4.915  18.493  27.138  1.00 56.10 ? 142  GLU A OE1 1 
ATOM   1195 O OE2 . GLU A 1 144 ? -2.975  17.695  26.582  1.00 49.53 ? 142  GLU A OE2 1 
ATOM   1196 N N   . LYS A 1 145 ? -7.519  16.262  24.089  1.00 30.09 ? 143  LYS A N   1 
ATOM   1197 C CA  . LYS A 1 145 ? -7.658  14.838  24.123  1.00 28.52 ? 143  LYS A CA  1 
ATOM   1198 C C   . LYS A 1 145 ? -8.129  14.252  22.815  1.00 27.86 ? 143  LYS A C   1 
ATOM   1199 O O   . LYS A 1 145 ? -7.598  13.278  22.385  1.00 27.78 ? 143  LYS A O   1 
ATOM   1200 C CB  . LYS A 1 145 ? -8.638  14.406  25.198  1.00 35.06 ? 143  LYS A CB  1 
ATOM   1201 C CG  . LYS A 1 145 ? -8.138  14.538  26.606  1.00 35.87 ? 143  LYS A CG  1 
ATOM   1202 C CD  . LYS A 1 145 ? -6.669  14.251  26.747  1.00 48.77 ? 143  LYS A CD  1 
ATOM   1203 C CE  . LYS A 1 145 ? -6.258  14.511  28.174  1.00 51.05 ? 143  LYS A CE  1 
ATOM   1204 N NZ  . LYS A 1 145 ? -4.872  14.946  28.338  1.00 54.90 ? 143  LYS A NZ  1 
ATOM   1205 N N   . ILE A 1 146 ? -9.128  14.859  22.199  1.00 24.87 ? 144  ILE A N   1 
ATOM   1206 C CA  . ILE A 1 146 ? -9.636  14.336  20.955  1.00 26.86 ? 144  ILE A CA  1 
ATOM   1207 C C   . ILE A 1 146 ? -8.589  14.376  19.866  1.00 28.28 ? 144  ILE A C   1 
ATOM   1208 O O   . ILE A 1 146 ? -8.412  13.421  19.180  1.00 27.48 ? 144  ILE A O   1 
ATOM   1209 C CB  . ILE A 1 146 ? -10.861 15.134  20.469  1.00 28.38 ? 144  ILE A CB  1 
ATOM   1210 C CG1 . ILE A 1 146 ? -12.019 14.902  21.396  1.00 25.66 ? 144  ILE A CG1 1 
ATOM   1211 C CG2 . ILE A 1 146 ? -11.311 14.741  19.094  1.00 28.55 ? 144  ILE A CG2 1 
ATOM   1212 C CD1 . ILE A 1 146 ? -13.218 15.673  21.001  1.00 28.25 ? 144  ILE A CD1 1 
ATOM   1213 N N   . LEU A 1 147 ? -7.890  15.491  19.748  1.00 24.55 ? 145  LEU A N   1 
ATOM   1214 C CA  . LEU A 1 147 ? -6.863  15.610  18.741  1.00 23.84 ? 145  LEU A CA  1 
ATOM   1215 C C   . LEU A 1 147 ? -5.705  14.662  18.960  1.00 29.07 ? 145  LEU A C   1 
ATOM   1216 O O   . LEU A 1 147 ? -5.217  14.074  18.047  1.00 24.91 ? 145  LEU A O   1 
ATOM   1217 C CB  . LEU A 1 147 ? -6.334  17.032  18.623  1.00 25.24 ? 145  LEU A CB  1 
ATOM   1218 C CG  . LEU A 1 147 ? -7.329  18.001  18.045  1.00 28.62 ? 145  LEU A CG  1 
ATOM   1219 C CD1 . LEU A 1 147 ? -6.890  19.424  18.193  1.00 34.79 ? 145  LEU A CD1 1 
ATOM   1220 C CD2 . LEU A 1 147 ? -7.565  17.669  16.608  1.00 29.89 ? 145  LEU A CD2 1 
ATOM   1221 N N   . LYS A 1 148 ? -5.291  14.542  20.197  1.00 27.02 ? 146  LYS A N   1 
ATOM   1222 C CA  . LYS A 1 148 ? -4.249  13.612  20.511  1.00 30.38 ? 146  LYS A CA  1 
ATOM   1223 C C   . LYS A 1 148 ? -4.622  12.182  20.144  1.00 25.68 ? 146  LYS A C   1 
ATOM   1224 O O   . LYS A 1 148 ? -3.812  11.467  19.643  1.00 28.19 ? 146  LYS A O   1 
ATOM   1225 C CB  . LYS A 1 148 ? -3.870  13.683  21.979  1.00 30.56 ? 146  LYS A CB  1 
ATOM   1226 C CG  . LYS A 1 148 ? -2.738  12.759  22.330  1.00 34.01 ? 146  LYS A CG  1 
ATOM   1227 C CD  . LYS A 1 148 ? -2.362  12.923  23.770  1.00 47.46 ? 146  LYS A CD  1 
ATOM   1228 C CE  . LYS A 1 148 ? -1.317  11.930  24.201  1.00 58.64 ? 146  LYS A CE  1 
ATOM   1229 N NZ  . LYS A 1 148 ? -1.762  11.184  25.397  1.00 58.60 ? 146  LYS A NZ  1 
ATOM   1230 N N   . LYS A 1 149 ? -5.849  11.794  20.419  1.00 24.40 ? 147  LYS A N   1 
ATOM   1231 C CA  . LYS A 1 149 ? -6.286  10.473  20.075  1.00 24.80 ? 147  LYS A CA  1 
ATOM   1232 C C   . LYS A 1 149 ? -6.390  10.309  18.591  1.00 25.88 ? 147  LYS A C   1 
ATOM   1233 O O   . LYS A 1 149 ? -6.050  9.295   18.105  1.00 26.01 ? 147  LYS A O   1 
ATOM   1234 C CB  . LYS A 1 149 ? -7.608  10.139  20.671  1.00 28.81 ? 147  LYS A CB  1 
ATOM   1235 C CG  . LYS A 1 149 ? -8.018  8.705   20.443  1.00 32.90 ? 147  LYS A CG  1 
ATOM   1236 C CD  . LYS A 1 149 ? -7.403  7.713   21.403  1.00 40.38 ? 147  LYS A CD  1 
ATOM   1237 C CE  . LYS A 1 149 ? -7.037  8.284   22.763  1.00 45.75 ? 147  LYS A CE  1 
ATOM   1238 N NZ  . LYS A 1 149 ? -7.864  9.401   23.271  1.00 50.83 ? 147  LYS A NZ  1 
ATOM   1239 N N   . ALA A 1 150 ? -6.894  11.307  17.889  1.00 23.38 ? 148  ALA A N   1 
ATOM   1240 C CA  . ALA A 1 150 ? -6.991  11.230  16.447  1.00 22.05 ? 148  ALA A CA  1 
ATOM   1241 C C   . ALA A 1 150 ? -5.604  11.023  15.815  1.00 24.12 ? 148  ALA A C   1 
ATOM   1242 O O   . ALA A 1 150 ? -5.453  10.270  14.924  1.00 25.49 ? 148  ALA A O   1 
ATOM   1243 C CB  . ALA A 1 150 ? -7.678  12.454  15.876  1.00 27.44 ? 148  ALA A CB  1 
ATOM   1244 N N   . LYS A 1 151 ? -4.616  11.708  16.344  1.00 22.64 ? 149  LYS A N   1 
ATOM   1245 C CA  . LYS A 1 151 ? -3.268  11.561  15.866  1.00 22.10 ? 149  LYS A CA  1 
ATOM   1246 C C   . LYS A 1 151 ? -2.704  10.174  16.111  1.00 28.19 ? 149  LYS A C   1 
ATOM   1247 O O   . LYS A 1 151 ? -2.044  9.664   15.306  1.00 24.95 ? 149  LYS A O   1 
ATOM   1248 C CB  . LYS A 1 151 ? -2.396  12.620  16.522  1.00 25.68 ? 149  LYS A CB  1 
ATOM   1249 C CG  . LYS A 1 151 ? -0.932  12.544  16.243  1.00 29.66 ? 149  LYS A CG  1 
ATOM   1250 C CD  . LYS A 1 151 ? -0.119  13.235  17.303  1.00 35.56 ? 149  LYS A CD  1 
ATOM   1251 C CE  . LYS A 1 151 ? 1.300   13.560  16.881  1.00 37.08 ? 149  LYS A CE  1 
ATOM   1252 N NZ  . LYS A 1 151 ? 1.947   14.548  17.794  1.00 44.60 ? 149  LYS A NZ  1 
ATOM   1253 N N   . GLU A 1 152 ? -2.980  9.596   17.257  1.00 26.69 ? 150  GLU A N   1 
ATOM   1254 C CA  . GLU A 1 152 ? -2.542  8.258   17.558  1.00 26.44 ? 150  GLU A CA  1 
ATOM   1255 C C   . GLU A 1 152 ? -3.178  7.254   16.600  1.00 25.27 ? 150  GLU A C   1 
ATOM   1256 O O   . GLU A 1 152 ? -2.545  6.349   16.148  1.00 26.13 ? 150  GLU A O   1 
ATOM   1257 C CB  . GLU A 1 152 ? -2.900  7.877   18.997  1.00 25.66 ? 150  GLU A CB  1 
ATOM   1258 C CG  . GLU A 1 152 ? -2.303  8.773   20.051  1.00 34.39 ? 150  GLU A CG  1 
ATOM   1259 C CD  . GLU A 1 152 ? -2.761  8.455   21.477  1.00 44.66 ? 150  GLU A CD  1 
ATOM   1260 O OE1 . GLU A 1 152 ? -3.701  7.722   21.664  1.00 46.08 ? 150  GLU A OE1 1 
ATOM   1261 O OE2 . GLU A 1 152 ? -2.151  8.936   22.423  1.00 53.31 ? 150  GLU A OE2 1 
ATOM   1262 N N   . MET A 1 153 ? -4.456  7.417   16.354  1.00 23.34 ? 151  MET A N   1 
ATOM   1263 C CA  . MET A 1 153 ? -5.148  6.524   15.471  1.00 19.01 ? 151  MET A CA  1 
ATOM   1264 C C   . MET A 1 153 ? -4.672  6.600   14.049  1.00 22.62 ? 151  MET A C   1 
ATOM   1265 O O   . MET A 1 153 ? -4.558  5.620   13.415  1.00 24.89 ? 151  MET A O   1 
ATOM   1266 C CB  . MET A 1 153 ? -6.628  6.714   15.579  1.00 25.29 ? 151  MET A CB  1 
ATOM   1267 C CG  . MET A 1 153 ? -6.985  6.365   16.973  1.00 26.63 ? 151  MET A CG  1 
ATOM   1268 S SD  . MET A 1 153 ? -8.067  4.972   17.080  1.00 61.06 ? 151  MET A SD  1 
ATOM   1269 C CE  . MET A 1 153 ? -9.459  6.071   17.139  1.00 26.51 ? 151  MET A CE  1 
ATOM   1270 N N   . ALA A 1 154 ? -4.436  7.805   13.588  1.00 22.66 ? 152  ALA A N   1 
ATOM   1271 C CA  . ALA A 1 154 ? -3.941  8.037   12.278  1.00 19.36 ? 152  ALA A CA  1 
ATOM   1272 C C   . ALA A 1 154 ? -2.563  7.454   12.089  1.00 21.31 ? 152  ALA A C   1 
ATOM   1273 O O   . ALA A 1 154 ? -2.298  6.883   11.109  1.00 22.11 ? 152  ALA A O   1 
ATOM   1274 C CB  . ALA A 1 154 ? -3.926  9.510   11.999  1.00 22.38 ? 152  ALA A CB  1 
ATOM   1275 N N   . GLU A 1 155 ? -1.718  7.601   13.078  1.00 21.17 ? 153  GLU A N   1 
ATOM   1276 C CA  . GLU A 1 155 ? -0.402  7.003   13.019  1.00 20.24 ? 153  GLU A CA  1 
ATOM   1277 C C   . GLU A 1 155 ? -0.457  5.482   12.997  1.00 23.56 ? 153  GLU A C   1 
ATOM   1278 O O   . GLU A 1 155 ? 0.337   4.873   12.360  1.00 22.34 ? 153  GLU A O   1 
ATOM   1279 C CB  . GLU A 1 155 ? 0.515   7.515   14.096  1.00 21.12 ? 153  GLU A CB  1 
ATOM   1280 C CG  . GLU A 1 155 ? 1.863   6.847   14.107  1.00 24.13 ? 153  GLU A CG  1 
ATOM   1281 C CD  . GLU A 1 155 ? 2.743   7.164   12.921  1.00 24.92 ? 153  GLU A CD  1 
ATOM   1282 O OE1 . GLU A 1 155 ? 2.495   8.107   12.213  1.00 23.39 ? 153  GLU A OE1 1 
ATOM   1283 O OE2 . GLU A 1 155 ? 3.703   6.441   12.727  1.00 24.29 ? 153  GLU A OE2 1 
ATOM   1284 N N   . LYS A 1 156 ? -1.417  4.879   13.683  1.00 22.21 ? 154  LYS A N   1 
ATOM   1285 C CA  . LYS A 1 156 ? -1.581  3.436   13.608  1.00 24.45 ? 154  LYS A CA  1 
ATOM   1286 C C   . LYS A 1 156 ? -1.961  2.936   12.209  1.00 22.76 ? 154  LYS A C   1 
ATOM   1287 O O   . LYS A 1 156 ? -1.530  1.929   11.803  1.00 23.86 ? 154  LYS A O   1 
ATOM   1288 C CB  . LYS A 1 156 ? -2.551  2.921   14.672  1.00 22.34 ? 154  LYS A CB  1 
ATOM   1289 C CG  . LYS A 1 156 ? -2.046  3.153   16.077  1.00 29.99 ? 154  LYS A CG  1 
ATOM   1290 C CD  . LYS A 1 156 ? -2.829  2.424   17.143  1.00 40.16 ? 154  LYS A CD  1 
ATOM   1291 C CE  . LYS A 1 156 ? -2.077  2.392   18.460  1.00 49.89 ? 154  LYS A CE  1 
ATOM   1292 N NZ  . LYS A 1 156 ? -2.938  2.557   19.652  1.00 49.21 ? 154  LYS A NZ  1 
ATOM   1293 N N   . ILE A 1 157 ? -2.794  3.690   11.516  1.00 21.85 ? 155  ILE A N   1 
ATOM   1294 C CA  . ILE A 1 157 ? -3.106  3.418   10.144  1.00 22.31 ? 155  ILE A CA  1 
ATOM   1295 C C   . ILE A 1 157 ? -1.859  3.512   9.301   1.00 26.18 ? 155  ILE A C   1 
ATOM   1296 O O   . ILE A 1 157 ? -1.632  2.688   8.501   1.00 22.88 ? 155  ILE A O   1 
ATOM   1297 C CB  . ILE A 1 157 ? -4.148  4.406   9.580   1.00 24.07 ? 155  ILE A CB  1 
ATOM   1298 C CG1 . ILE A 1 157 ? -5.459  4.206   10.287  1.00 24.75 ? 155  ILE A CG1 1 
ATOM   1299 C CG2 . ILE A 1 157 ? -4.317  4.267   8.072   1.00 26.47 ? 155  ILE A CG2 1 
ATOM   1300 C CD1 . ILE A 1 157 ? -6.532  5.185   9.912   1.00 25.79 ? 155  ILE A CD1 1 
ATOM   1301 N N   . LEU A 1 158 ? -1.105  4.581   9.468   1.00 25.02 ? 156  LEU A N   1 
ATOM   1302 C CA  . LEU A 1 158 ? 0.084   4.756   8.672   1.00 23.40 ? 156  LEU A CA  1 
ATOM   1303 C C   . LEU A 1 158 ? 1.044   3.599   8.874   1.00 22.14 ? 156  LEU A C   1 
ATOM   1304 O O   . LEU A 1 158 ? 1.608   3.136   7.961   1.00 22.53 ? 156  LEU A O   1 
ATOM   1305 C CB  . LEU A 1 158 ? 0.785   6.082   8.970   1.00 20.92 ? 156  LEU A CB  1 
ATOM   1306 C CG  . LEU A 1 158 ? 1.759   6.522   7.901   1.00 25.68 ? 156  LEU A CG  1 
ATOM   1307 C CD1 . LEU A 1 158 ? 1.034   6.829   6.630   1.00 27.67 ? 156  LEU A CD1 1 
ATOM   1308 C CD2 . LEU A 1 158 ? 2.562   7.718   8.362   1.00 24.14 ? 156  LEU A CD2 1 
ATOM   1309 N N   . LYS A 1 159 ? 1.193   3.180   10.114  1.00 21.96 ? 157  LYS A N   1 
ATOM   1310 C CA  . LYS A 1 159 ? 2.116   2.125   10.485  1.00 21.62 ? 157  LYS A CA  1 
ATOM   1311 C C   . LYS A 1 159 ? 1.711   0.780   9.922   1.00 24.35 ? 157  LYS A C   1 
ATOM   1312 O O   . LYS A 1 159 ? 2.525   -0.029  9.616   1.00 21.93 ? 157  LYS A O   1 
ATOM   1313 C CB  . LYS A 1 159 ? 2.246   2.031   11.991  1.00 21.19 ? 157  LYS A CB  1 
ATOM   1314 C CG  . LYS A 1 159 ? 3.210   3.023   12.586  1.00 25.44 ? 157  LYS A CG  1 
ATOM   1315 C CD  . LYS A 1 159 ? 3.243   2.946   14.090  1.00 28.75 ? 157  LYS A CD  1 
ATOM   1316 C CE  . LYS A 1 159 ? 3.846   1.680   14.598  1.00 40.32 ? 157  LYS A CE  1 
ATOM   1317 N NZ  . LYS A 1 159 ? 3.911   1.629   16.060  1.00 39.73 ? 157  LYS A NZ  1 
ATOM   1318 N N   . MET A 1 160 ? 0.418   0.570   9.795   1.00 21.97 ? 158  MET A N   1 
ATOM   1319 C CA  . MET A 1 160 ? -0.084  -0.647  9.177   1.00 22.07 ? 158  MET A CA  1 
ATOM   1320 C C   . MET A 1 160 ? 0.238   -0.687  7.680   1.00 23.45 ? 158  MET A C   1 
ATOM   1321 O O   . MET A 1 160 ? 0.542   -1.693  7.164   1.00 22.92 ? 158  MET A O   1 
ATOM   1322 C CB  . MET A 1 160 ? -1.594  -0.802  9.404   1.00 24.38 ? 158  MET A CB  1 
ATOM   1323 C CG  . MET A 1 160 ? -2.173  -2.094  8.911   1.00 30.63 ? 158  MET A CG  1 
ATOM   1324 S SD  . MET A 1 160 ? -1.705  -3.487  9.961   1.00 57.68 ? 158  MET A SD  1 
ATOM   1325 C CE  . MET A 1 160 ? -0.467  -4.297  8.973   1.00 49.13 ? 158  MET A CE  1 
ATOM   1326 N N   . VAL A 1 161 ? 0.150   0.453   7.020   1.00 22.30 ? 159  VAL A N   1 
ATOM   1327 C CA  . VAL A 1 161 ? 0.496   0.555   5.617   1.00 19.69 ? 159  VAL A CA  1 
ATOM   1328 C C   . VAL A 1 161 ? 1.991   0.369   5.383   1.00 21.08 ? 159  VAL A C   1 
ATOM   1329 O O   . VAL A 1 161 ? 2.373   -0.242  4.473   1.00 21.96 ? 159  VAL A O   1 
ATOM   1330 C CB  . VAL A 1 161 ? 0.026   1.873   4.995   1.00 22.29 ? 159  VAL A CB  1 
ATOM   1331 C CG1 . VAL A 1 161 ? 0.448   1.983   3.557   1.00 24.15 ? 159  VAL A CG1 1 
ATOM   1332 C CG2 . VAL A 1 161 ? -1.450  1.961   5.089   1.00 23.79 ? 159  VAL A CG2 1 
ATOM   1333 N N   . ILE A 1 162 ? 2.793   0.953   6.242   1.00 18.74 ? 160  ILE A N   1 
ATOM   1334 C CA  . ILE A 1 162 ? 4.227   0.794   6.211   1.00 18.71 ? 160  ILE A CA  1 
ATOM   1335 C C   . ILE A 1 162 ? 4.644   -0.680  6.419   1.00 20.90 ? 160  ILE A C   1 
ATOM   1336 O O   . ILE A 1 162 ? 5.458   -1.173  5.739   1.00 22.60 ? 160  ILE A O   1 
ATOM   1337 C CB  . ILE A 1 162 ? 4.887   1.717   7.262   1.00 18.01 ? 160  ILE A CB  1 
ATOM   1338 C CG1 . ILE A 1 162 ? 4.799   3.159   6.831   1.00 19.42 ? 160  ILE A CG1 1 
ATOM   1339 C CG2 . ILE A 1 162 ? 6.333   1.374   7.450   1.00 19.49 ? 160  ILE A CG2 1 
ATOM   1340 C CD1 . ILE A 1 162 ? 4.889   4.147   7.951   1.00 24.96 ? 160  ILE A CD1 1 
ATOM   1341 N N   . GLU A 1 163 ? 4.040   -1.348  7.378   1.00 21.59 ? 161  GLU A N   1 
ATOM   1342 C CA  . GLU A 1 163 ? 4.342   -2.733  7.643   1.00 23.37 ? 161  GLU A CA  1 
ATOM   1343 C C   . GLU A 1 163 ? 4.030   -3.610  6.453   1.00 22.08 ? 161  GLU A C   1 
ATOM   1344 O O   . GLU A 1 163 ? 4.787   -4.473  6.125   1.00 25.46 ? 161  GLU A O   1 
ATOM   1345 C CB  . GLU A 1 163 ? 3.615   -3.262  8.883   1.00 31.03 ? 161  GLU A CB  1 
ATOM   1346 C CG  . GLU A 1 163 ? 3.907   -4.711  9.204   1.00 34.93 ? 161  GLU A CG  1 
ATOM   1347 C CD  . GLU A 1 163 ? 3.076   -5.260  10.352  1.00 52.81 ? 161  GLU A CD  1 
ATOM   1348 O OE1 . GLU A 1 163 ? 2.011   -4.713  10.660  1.00 45.87 ? 161  GLU A OE1 1 
ATOM   1349 O OE2 . GLU A 1 163 ? 3.469   -6.276  10.947  1.00 50.93 ? 161  GLU A OE2 1 
ATOM   1350 N N   . LEU A 1 164 ? 2.898   -3.367  5.820   1.00 21.37 ? 162  LEU A N   1 
ATOM   1351 C CA  . LEU A 1 164 ? 2.528   -4.164  4.673   1.00 25.65 ? 162  LEU A CA  1 
ATOM   1352 C C   . LEU A 1 164 ? 3.404   -3.864  3.464   1.00 24.52 ? 162  LEU A C   1 
ATOM   1353 O O   . LEU A 1 164 ? 3.681   -4.730  2.701   1.00 22.87 ? 162  LEU A O   1 
ATOM   1354 C CB  . LEU A 1 164 ? 1.052   -4.044  4.327   1.00 23.42 ? 162  LEU A CB  1 
ATOM   1355 C CG  . LEU A 1 164 ? 0.093   -4.665  5.319   1.00 32.00 ? 162  LEU A CG  1 
ATOM   1356 C CD1 . LEU A 1 164 ? -1.326  -4.189  5.158   1.00 30.23 ? 162  LEU A CD1 1 
ATOM   1357 C CD2 . LEU A 1 164 ? 0.165   -6.159  5.275   1.00 34.72 ? 162  LEU A CD2 1 
ATOM   1358 N N   . ALA A 1 165 ? 3.819   -2.626  3.320   1.00 20.69 ? 163  ALA A N   1 
ATOM   1359 C CA  . ALA A 1 165 ? 4.718   -2.272  2.262   1.00 21.64 ? 163  ALA A CA  1 
ATOM   1360 C C   . ALA A 1 165 ? 6.067   -2.972  2.386   1.00 23.27 ? 163  ALA A C   1 
ATOM   1361 O O   . ALA A 1 165 ? 6.597   -3.440  1.455   1.00 23.46 ? 163  ALA A O   1 
ATOM   1362 C CB  . ALA A 1 165 ? 4.922   -0.792  2.224   1.00 23.62 ? 163  ALA A CB  1 
ATOM   1363 N N   . GLU A 1 166 ? 6.590   -2.994  3.582   1.00 21.78 ? 164  GLU A N   1 
ATOM   1364 C CA  . GLU A 1 166 ? 7.823   -3.674  3.854   1.00 20.57 ? 164  GLU A CA  1 
ATOM   1365 C C   . GLU A 1 166 ? 7.741   -5.181  3.611   1.00 19.64 ? 164  GLU A C   1 
ATOM   1366 O O   . GLU A 1 166 ? 8.652   -5.752  3.111   1.00 24.63 ? 164  GLU A O   1 
ATOM   1367 C CB  . GLU A 1 166 ? 8.295   -3.347  5.276   1.00 22.93 ? 164  GLU A CB  1 
ATOM   1368 C CG  . GLU A 1 166 ? 8.772   -1.928  5.389   1.00 22.24 ? 164  GLU A CG  1 
ATOM   1369 C CD  . GLU A 1 166 ? 8.980   -1.429  6.781   1.00 19.70 ? 164  GLU A CD  1 
ATOM   1370 O OE1 . GLU A 1 166 ? 8.714   -2.154  7.674   1.00 26.04 ? 164  GLU A OE1 1 
ATOM   1371 O OE2 . GLU A 1 166 ? 9.373   -0.313  6.939   1.00 22.84 ? 164  GLU A OE2 1 
ATOM   1372 N N   . LYS A 1 167 ? 6.639   -5.792  3.984   1.00 21.60 ? 165  LYS A N   1 
ATOM   1373 C CA  . LYS A 1 167 ? 6.410   -7.179  3.709   1.00 26.04 ? 165  LYS A CA  1 
ATOM   1374 C C   . LYS A 1 167 ? 6.384   -7.441  2.222   1.00 21.88 ? 165  LYS A C   1 
ATOM   1375 O O   . LYS A 1 167 ? 6.923   -8.395  1.771   1.00 23.57 ? 165  LYS A O   1 
ATOM   1376 C CB  . LYS A 1 167 ? 5.113   -7.664  4.345   1.00 25.01 ? 165  LYS A CB  1 
ATOM   1377 C CG  . LYS A 1 167 ? 5.245   -7.866  5.840   1.00 32.04 ? 165  LYS A CG  1 
ATOM   1378 C CD  . LYS A 1 167 ? 3.960   -8.314  6.480   1.00 39.25 ? 165  LYS A CD  1 
ATOM   1379 C CE  . LYS A 1 167 ? 4.147   -8.609  7.949   1.00 48.47 ? 165  LYS A CE  1 
ATOM   1380 N NZ  . LYS A 1 167 ? 2.900   -8.682  8.733   1.00 47.95 ? 165  LYS A NZ  1 
ATOM   1381 N N   . ILE A 1 168 ? 5.752   -6.576  1.465   1.00 20.17 ? 166  ILE A N   1 
ATOM   1382 C CA  . ILE A 1 168 ? 5.707   -6.755  0.027   1.00 20.24 ? 166  ILE A CA  1 
ATOM   1383 C C   . ILE A 1 168 ? 7.140   -6.753  -0.513  1.00 21.82 ? 166  ILE A C   1 
ATOM   1384 O O   . ILE A 1 168 ? 7.495   -7.597  -1.250  1.00 23.37 ? 166  ILE A O   1 
ATOM   1385 C CB  . ILE A 1 168 ? 4.914   -5.605  -0.656  1.00 22.03 ? 166  ILE A CB  1 
ATOM   1386 C CG1 . ILE A 1 168 ? 3.429   -5.801  -0.476  1.00 19.39 ? 166  ILE A CG1 1 
ATOM   1387 C CG2 . ILE A 1 168 ? 5.217   -5.451  -2.147  1.00 25.57 ? 166  ILE A CG2 1 
ATOM   1388 C CD1 . ILE A 1 168 ? 2.597   -4.592  -0.788  1.00 23.16 ? 166  ILE A CD1 1 
ATOM   1389 N N   . LEU A 1 169 ? 7.917   -5.780  -0.082  1.00 20.73 ? 167  LEU A N   1 
ATOM   1390 C CA  . LEU A 1 169 ? 9.249   -5.643  -0.619  1.00 20.93 ? 167  LEU A CA  1 
ATOM   1391 C C   . LEU A 1 169 ? 10.107  -6.838  -0.250  1.00 20.56 ? 167  LEU A C   1 
ATOM   1392 O O   . LEU A 1 169 ? 10.844  -7.317  -1.031  1.00 22.81 ? 167  LEU A O   1 
ATOM   1393 C CB  . LEU A 1 169 ? 9.862   -4.304  -0.219  1.00 20.71 ? 167  LEU A CB  1 
ATOM   1394 C CG  . LEU A 1 169 ? 9.158   -3.078  -0.776  1.00 24.49 ? 167  LEU A CG  1 
ATOM   1395 C CD1 . LEU A 1 169 ? 9.700   -1.811  -0.190  1.00 22.40 ? 167  LEU A CD1 1 
ATOM   1396 C CD2 . LEU A 1 169 ? 9.347   -3.008  -2.254  1.00 22.72 ? 167  LEU A CD2 1 
ATOM   1397 N N   . LYS A 1 170 ? 9.973   -7.297  0.974   1.00 21.69 ? 168  LYS A N   1 
ATOM   1398 C CA  . LYS A 1 170 ? 10.800  -8.408  1.440   1.00 22.40 ? 168  LYS A CA  1 
ATOM   1399 C C   . LYS A 1 170 ? 10.450  -9.674  0.688   1.00 24.07 ? 168  LYS A C   1 
ATOM   1400 O O   . LYS A 1 170 ? 11.308  -10.391 0.254   1.00 23.57 ? 168  LYS A O   1 
ATOM   1401 C CB  . LYS A 1 170 ? 10.660  -8.595  2.952   1.00 22.62 ? 168  LYS A CB  1 
ATOM   1402 C CG  . LYS A 1 170 ? 11.372  -9.783  3.488   1.00 27.76 ? 168  LYS A CG  1 
ATOM   1403 C CD  . LYS A 1 170 ? 11.327  -9.767  4.982   1.00 32.50 ? 168  LYS A CD  1 
ATOM   1404 C CE  . LYS A 1 170 ? 12.326  -10.733 5.533   1.00 40.34 ? 168  LYS A CE  1 
ATOM   1405 N NZ  . LYS A 1 170 ? 11.657  -12.016 5.592   1.00 48.60 ? 168  LYS A NZ  1 
ATOM   1406 N N   . LYS A 1 171 ? 9.175   -9.943  0.568   1.00 20.05 ? 169  LYS A N   1 
ATOM   1407 C CA  . LYS A 1 171 ? 8.736   -11.085 -0.195  1.00 21.40 ? 169  LYS A CA  1 
ATOM   1408 C C   . LYS A 1 171 ? 9.086   -11.011 -1.664  1.00 22.89 ? 169  LYS A C   1 
ATOM   1409 O O   . LYS A 1 171 ? 9.444   -11.966 -2.214  1.00 25.57 ? 169  LYS A O   1 
ATOM   1410 C CB  . LYS A 1 171 ? 7.240   -11.304 -0.051  1.00 25.83 ? 169  LYS A CB  1 
ATOM   1411 C CG  . LYS A 1 171 ? 6.785   -12.606 -0.602  1.00 29.80 ? 169  LYS A CG  1 
ATOM   1412 C CD  . LYS A 1 171 ? 7.401   -13.738 0.172   1.00 30.78 ? 169  LYS A CD  1 
ATOM   1413 C CE  . LYS A 1 171 ? 6.790   -15.060 -0.162  1.00 38.44 ? 169  LYS A CE  1 
ATOM   1414 N NZ  . LYS A 1 171 ? 6.702   -15.299 -1.612  1.00 44.51 ? 169  LYS A NZ  1 
ATOM   1415 N N   . ALA A 1 172 ? 8.957   -9.860  -2.290  1.00 21.60 ? 170  ALA A N   1 
ATOM   1416 C CA  . ALA A 1 172 ? 9.306   -9.733  -3.683  1.00 19.24 ? 170  ALA A CA  1 
ATOM   1417 C C   . ALA A 1 172 ? 10.792  -10.023 -3.930  1.00 19.89 ? 170  ALA A C   1 
ATOM   1418 O O   . ALA A 1 172 ? 11.114  -10.649 -4.853  1.00 23.78 ? 170  ALA A O   1 
ATOM   1419 C CB  . ALA A 1 172 ? 8.946   -8.357  -4.188  1.00 20.95 ? 170  ALA A CB  1 
ATOM   1420 N N   . LYS A 1 173 ? 11.666  -9.543  -3.080  1.00 21.88 ? 171  LYS A N   1 
ATOM   1421 C CA  . LYS A 1 173 ? 13.078  -9.820  -3.211  1.00 23.67 ? 171  LYS A CA  1 
ATOM   1422 C C   . LYS A 1 173 ? 13.409  -11.321 -3.089  1.00 23.55 ? 171  LYS A C   1 
ATOM   1423 O O   . LYS A 1 173 ? 14.188  -11.841 -3.818  1.00 24.08 ? 171  LYS A O   1 
ATOM   1424 C CB  . LYS A 1 173 ? 13.849  -8.972  -2.196  1.00 23.24 ? 171  LYS A CB  1 
ATOM   1425 C CG  . LYS A 1 173 ? 15.318  -9.247  -2.115  1.00 27.68 ? 171  LYS A CG  1 
ATOM   1426 C CD  . LYS A 1 173 ? 16.000  -8.371  -1.076  1.00 28.73 ? 171  LYS A CD  1 
ATOM   1427 C CE  . LYS A 1 173 ? 17.448  -8.034  -1.404  1.00 42.85 ? 171  LYS A CE  1 
ATOM   1428 N NZ  . LYS A 1 173 ? 18.299  -8.930  -0.608  1.00 52.61 ? 171  LYS A NZ  1 
ATOM   1429 N N   . GLU A 1 174 ? 12.799  -12.000 -2.149  1.00 24.24 ? 172  GLU A N   1 
ATOM   1430 C CA  . GLU A 1 174 ? 13.009  -13.426 -2.003  1.00 26.79 ? 172  GLU A CA  1 
ATOM   1431 C C   . GLU A 1 174 ? 12.574  -14.161 -3.245  1.00 28.66 ? 172  GLU A C   1 
ATOM   1432 O O   . GLU A 1 174 ? 13.207  -15.053 -3.679  1.00 27.16 ? 172  GLU A O   1 
ATOM   1433 C CB  . GLU A 1 174 ? 12.248  -13.993 -0.809  1.00 28.44 ? 172  GLU A CB  1 
ATOM   1434 C CG  . GLU A 1 174 ? 12.641  -13.369 0.485   1.00 37.66 ? 172  GLU A CG  1 
ATOM   1435 C CD  . GLU A 1 174 ? 11.770  -13.761 1.688   1.00 50.52 ? 172  GLU A CD  1 
ATOM   1436 O OE1 . GLU A 1 174 ? 10.578  -14.043 1.514   1.00 48.91 ? 172  GLU A OE1 1 
ATOM   1437 O OE2 . GLU A 1 174 ? 12.317  -13.753 2.809   1.00 50.36 ? 172  GLU A OE2 1 
ATOM   1438 N N   . MET A 1 175 ? 11.434  -13.693 -3.675  1.00 22.28 ? 173  MET A N   1 
ATOM   1439 C CA  A MET A 1 175 ? 10.975  -14.249 -4.910  0.50 22.57 ? 173  MET A CA  1 
ATOM   1440 C CA  B MET A 1 175 ? 10.936  -14.263 -4.903  0.50 22.60 ? 173  MET A CA  1 
ATOM   1441 C C   . MET A 1 175 ? 11.801  -14.145 -6.300  1.00 24.51 ? 173  MET A C   1 
ATOM   1442 O O   . MET A 1 175 ? 12.057  -14.933 -7.239  1.00 26.86 ? 173  MET A O   1 
ATOM   1443 C CB  A MET A 1 175 ? 9.561   -13.823 -5.241  0.50 24.69 ? 173  MET A CB  1 
ATOM   1444 C CB  B MET A 1 175 ? 9.508   -13.842 -5.203  0.50 24.59 ? 173  MET A CB  1 
ATOM   1445 C CG  A MET A 1 175 ? 8.512   -14.338 -4.342  0.50 32.56 ? 173  MET A CG  1 
ATOM   1446 C CG  B MET A 1 175 ? 8.425   -14.395 -4.340  0.50 27.28 ? 173  MET A CG  1 
ATOM   1447 S SD  A MET A 1 175 ? 8.038   -16.026 -4.557  0.50 36.94 ? 173  MET A SD  1 
ATOM   1448 S SD  B MET A 1 175 ? 8.169   -16.136 -4.510  0.50 36.48 ? 173  MET A SD  1 
ATOM   1449 C CE  A MET A 1 175 ? 6.302   -15.760 -4.151  0.50 32.61 ? 173  MET A CE  1 
ATOM   1450 C CE  B MET A 1 175 ? 7.912   -16.288 -6.266  0.50 30.99 ? 173  MET A CE  1 
ATOM   1451 N N   . ALA A 1 176 ? 12.309  -12.907 -6.259  1.00 23.16 ? 174  ALA A N   1 
ATOM   1452 C CA  . ALA A 1 176 ? 13.182  -12.585 -7.363  1.00 22.62 ? 174  ALA A CA  1 
ATOM   1453 C C   . ALA A 1 176 ? 14.406  -13.488 -7.343  1.00 26.07 ? 174  ALA A C   1 
ATOM   1454 O O   . ALA A 1 176 ? 14.839  -13.950 -8.361  1.00 24.87 ? 174  ALA A O   1 
ATOM   1455 C CB  . ALA A 1 176 ? 13.593  -11.115 -7.309  1.00 25.71 ? 174  ALA A CB  1 
ATOM   1456 N N   . GLU A 1 177 ? 14.932  -13.736 -6.160  1.00 26.73 ? 175  GLU A N   1 
ATOM   1457 C CA  . GLU A 1 177 ? 16.097  -14.615 -6.069  1.00 25.57 ? 175  GLU A CA  1 
ATOM   1458 C C   . GLU A 1 177 ? 15.758  -15.997 -6.580  1.00 27.09 ? 175  GLU A C   1 
ATOM   1459 O O   . GLU A 1 177 ? 16.529  -16.599 -7.307  1.00 25.66 ? 175  GLU A O   1 
ATOM   1460 C CB  . GLU A 1 177 ? 16.605  -14.775 -4.632  1.00 33.80 ? 175  GLU A CB  1 
ATOM   1461 C CG  . GLU A 1 177 ? 17.123  -13.528 -3.982  1.00 37.59 ? 175  GLU A CG  1 
ATOM   1462 C CD  . GLU A 1 177 ? 17.635  -13.750 -2.595  1.00 49.92 ? 175  GLU A CD  1 
ATOM   1463 O OE1 . GLU A 1 177 ? 17.300  -14.769 -1.998  1.00 49.38 ? 175  GLU A OE1 1 
ATOM   1464 O OE2 . GLU A 1 177 ? 18.387  -12.904 -2.095  1.00 54.35 ? 175  GLU A OE2 1 
ATOM   1465 N N   . LYS A 1 178 ? 14.593  -16.488 -6.206  1.00 27.01 ? 176  LYS A N   1 
ATOM   1466 C CA  . LYS A 1 178 ? 14.199  -17.800 -6.691  1.00 30.52 ? 176  LYS A CA  1 
ATOM   1467 C C   . LYS A 1 178 ? 14.037  -17.850 -8.201  1.00 28.82 ? 176  LYS A C   1 
ATOM   1468 O O   . LYS A 1 178 ? 14.401  -18.811 -8.826  1.00 26.18 ? 176  LYS A O   1 
ATOM   1469 C CB  . LYS A 1 178 ? 12.946  -18.284 -6.001  1.00 27.65 ? 176  LYS A CB  1 
ATOM   1470 C CG  . LYS A 1 178 ? 13.125  -18.491 -4.548  1.00 29.29 ? 176  LYS A CG  1 
ATOM   1471 C CD  . LYS A 1 178 ? 11.905  -19.121 -3.952  1.00 44.02 ? 176  LYS A CD  1 
ATOM   1472 C CE  . LYS A 1 178 ? 10.648  -18.368 -4.315  1.00 45.84 ? 176  LYS A CE  1 
ATOM   1473 N NZ  . LYS A 1 178 ? 10.143  -18.698 -5.672  1.00 47.85 ? 176  LYS A NZ  1 
ATOM   1474 N N   . ILE A 1 179 ? 13.434  -16.800 -8.742  1.00 25.42 ? 177  ILE A N   1 
ATOM   1475 C CA  . ILE A 1 179 ? 13.213  -16.705 -10.173 1.00 23.18 ? 177  ILE A CA  1 
ATOM   1476 C C   . ILE A 1 179 ? 14.524  -16.668 -10.931 1.00 24.54 ? 177  ILE A C   1 
ATOM   1477 O O   . ILE A 1 179 ? 14.624  -17.271 -11.965 1.00 26.36 ? 177  ILE A O   1 
ATOM   1478 C CB  . ILE A 1 179 ? 12.336  -15.502 -10.599 1.00 27.67 ? 177  ILE A CB  1 
ATOM   1479 C CG1 . ILE A 1 179 ? 10.914  -15.684 -10.109 1.00 22.51 ? 177  ILE A CG1 1 
ATOM   1480 C CG2 . ILE A 1 179 ? 12.324  -15.299 -12.100 1.00 26.17 ? 177  ILE A CG2 1 
ATOM   1481 C CD1 . ILE A 1 179 ? 10.161  -14.394 -10.062 1.00 23.56 ? 177  ILE A CD1 1 
ATOM   1482 N N   . LEU A 1 180 ? 15.469  -15.905 -10.465 1.00 24.73 ? 178  LEU A N   1 
ATOM   1483 C CA  . LEU A 1 180 ? 16.727  -15.834 -11.168 1.00 25.01 ? 178  LEU A CA  1 
ATOM   1484 C C   . LEU A 1 180 ? 17.399  -17.216 -11.202 1.00 30.33 ? 178  LEU A C   1 
ATOM   1485 O O   . LEU A 1 180 ? 18.047  -17.545 -12.137 1.00 24.85 ? 178  LEU A O   1 
ATOM   1486 C CB  . LEU A 1 180 ? 17.634  -14.782 -10.558 1.00 26.02 ? 178  LEU A CB  1 
ATOM   1487 C CG  . LEU A 1 180 ? 18.927  -14.487 -11.256 1.00 28.54 ? 178  LEU A CG  1 
ATOM   1488 C CD1 . LEU A 1 180 ? 18.653  -13.756 -12.535 1.00 30.60 ? 178  LEU A CD1 1 
ATOM   1489 C CD2 . LEU A 1 180 ? 19.824  -13.667 -10.356 1.00 31.91 ? 178  LEU A CD2 1 
ATOM   1490 N N   . LYS A 1 181 ? 17.271  -17.978 -10.129 1.00 27.90 ? 179  LYS A N   1 
ATOM   1491 C CA  . LYS A 1 181 ? 17.863  -19.293 -10.100 1.00 27.28 ? 179  LYS A CA  1 
ATOM   1492 C C   . LYS A 1 181 ? 17.250  -20.199 -11.166 1.00 28.62 ? 179  LYS A C   1 
ATOM   1493 O O   . LYS A 1 181 ? 17.955  -20.861 -11.888 1.00 30.00 ? 179  LYS A O   1 
ATOM   1494 C CB  . LYS A 1 181 ? 17.731  -19.890 -8.727  1.00 33.87 ? 179  LYS A CB  1 
ATOM   1495 C CG  . LYS A 1 181 ? 17.876  -21.388 -8.647  1.00 39.48 ? 179  LYS A CG  1 
ATOM   1496 C CD  . LYS A 1 181 ? 17.859  -21.904 -7.232  1.00 43.38 ? 179  LYS A CD  1 
ATOM   1497 C CE  . LYS A 1 181 ? 18.752  -21.084 -6.347  1.00 41.31 ? 179  LYS A CE  1 
ATOM   1498 N NZ  . LYS A 1 181 ? 17.990  -20.690 -5.159  1.00 59.41 ? 179  LYS A NZ  1 
ATOM   1499 N N   . LYS A 1 182 ? 15.938  -20.169 -11.292 1.00 24.88 ? 180  LYS A N   1 
ATOM   1500 C CA  . LYS A 1 182 ? 15.283  -20.950 -12.326 1.00 28.03 ? 180  LYS A CA  1 
ATOM   1501 C C   . LYS A 1 182 ? 15.651  -20.527 -13.752 1.00 29.53 ? 180  LYS A C   1 
ATOM   1502 O O   . LYS A 1 182 ? 15.831  -21.356 -14.644 1.00 30.65 ? 180  LYS A O   1 
ATOM   1503 C CB  . LYS A 1 182 ? 13.781  -20.889 -12.183 1.00 27.43 ? 180  LYS A CB  1 
ATOM   1504 C CG  . LYS A 1 182 ? 13.274  -21.334 -10.856 1.00 39.56 ? 180  LYS A CG  1 
ATOM   1505 C CD  . LYS A 1 182 ? 13.804  -22.689 -10.487 1.00 46.32 ? 180  LYS A CD  1 
ATOM   1506 C CE  . LYS A 1 182 ? 12.790  -23.724 -10.798 1.00 46.56 ? 180  LYS A CE  1 
ATOM   1507 N NZ  . LYS A 1 182 ? 12.629  -23.676 -12.259 1.00 50.03 ? 180  LYS A NZ  1 
ATOM   1508 N N   . VAL A 1 183 ? 15.765  -19.221 -13.946 1.00 24.34 ? 181  VAL A N   1 
ATOM   1509 C CA  . VAL A 1 183 ? 16.169  -18.692 -15.214 1.00 24.13 ? 181  VAL A CA  1 
ATOM   1510 C C   . VAL A 1 183 ? 17.556  -19.204 -15.527 1.00 27.40 ? 181  VAL A C   1 
ATOM   1511 O O   . VAL A 1 183 ? 17.810  -19.595 -16.601 1.00 26.28 ? 181  VAL A O   1 
ATOM   1512 C CB  . VAL A 1 183 ? 16.203  -17.134 -15.218 1.00 21.21 ? 181  VAL A CB  1 
ATOM   1513 C CG1 . VAL A 1 183 ? 16.874  -16.588 -16.446 1.00 23.28 ? 181  VAL A CG1 1 
ATOM   1514 C CG2 . VAL A 1 183 ? 14.812  -16.560 -15.116 1.00 22.94 ? 181  VAL A CG2 1 
ATOM   1515 N N   . LYS A 1 184 ? 18.441  -19.191 -14.560 1.00 24.48 ? 182  LYS A N   1 
ATOM   1516 C CA  . LYS A 1 184 ? 19.780  -19.726 -14.778 1.00 25.88 ? 182  LYS A CA  1 
ATOM   1517 C C   . LYS A 1 184 ? 19.772  -21.214 -15.134 1.00 30.40 ? 182  LYS A C   1 
ATOM   1518 O O   . LYS A 1 184 ? 20.537  -21.656 -15.928 1.00 28.35 ? 182  LYS A O   1 
ATOM   1519 C CB  . LYS A 1 184 ? 20.692  -19.485 -13.579 1.00 29.29 ? 182  LYS A CB  1 
ATOM   1520 C CG  . LYS A 1 184 ? 21.133  -18.068 -13.460 1.00 29.34 ? 182  LYS A CG  1 
ATOM   1521 C CD  . LYS A 1 184 ? 22.201  -17.886 -12.395 1.00 45.61 ? 182  LYS A CD  1 
ATOM   1522 C CE  . LYS A 1 184 ? 22.377  -16.434 -12.036 1.00 42.97 ? 182  LYS A CE  1 
ATOM   1523 N NZ  . LYS A 1 184 ? 23.028  -16.205 -10.731 1.00 41.16 ? 182  LYS A NZ  1 
ATOM   1524 N N   . GLU A 1 185 ? 18.879  -21.970 -14.545 1.00 28.29 ? 183  GLU A N   1 
ATOM   1525 C CA  . GLU A 1 185 ? 18.781  -23.375 -14.835 1.00 32.53 ? 183  GLU A CA  1 
ATOM   1526 C C   . GLU A 1 185 ? 18.360  -23.665 -16.271 1.00 28.38 ? 183  GLU A C   1 
ATOM   1527 O O   . GLU A 1 185 ? 18.561  -24.756 -16.744 1.00 29.95 ? 183  GLU A O   1 
ATOM   1528 C CB  . GLU A 1 185 ? 17.847  -24.078 -13.891 1.00 31.65 ? 183  GLU A CB  1 
ATOM   1529 C CG  . GLU A 1 185 ? 18.343  -24.140 -12.473 1.00 44.74 ? 183  GLU A CG  1 
ATOM   1530 C CD  . GLU A 1 185 ? 17.297  -24.707 -11.528 1.00 49.89 ? 183  GLU A CD  1 
ATOM   1531 O OE1 . GLU A 1 185 ? 16.253  -25.173 -11.977 1.00 47.02 ? 183  GLU A OE1 1 
ATOM   1532 O OE2 . GLU A 1 185 ? 17.549  -24.690 -10.339 1.00 51.06 ? 183  GLU A OE2 1 
ATOM   1533 N N   . LEU A 1 186 ? 17.719  -22.708 -16.926 1.00 26.46 ? 184  LEU A N   1 
ATOM   1534 C CA  . LEU A 1 186 ? 17.374  -22.878 -18.346 1.00 25.89 ? 184  LEU A CA  1 
ATOM   1535 C C   . LEU A 1 186 ? 18.597  -22.994 -19.243 1.00 25.63 ? 184  LEU A C   1 
ATOM   1536 O O   . LEU A 1 186 ? 18.507  -23.489 -20.327 1.00 23.01 ? 184  LEU A O   1 
ATOM   1537 C CB  . LEU A 1 186 ? 16.506  -21.758 -18.859 1.00 25.14 ? 184  LEU A CB  1 
ATOM   1538 C CG  . LEU A 1 186 ? 15.084  -21.659 -18.329 1.00 29.55 ? 184  LEU A CG  1 
ATOM   1539 C CD1 . LEU A 1 186 ? 14.470  -20.365 -18.802 1.00 26.25 ? 184  LEU A CD1 1 
ATOM   1540 C CD2 . LEU A 1 186 ? 14.264  -22.827 -18.784 1.00 25.85 ? 184  LEU A CD2 1 
ATOM   1541 N N   . GLY A 1 187 ? 19.697  -22.428 -18.785 1.00 24.15 ? 185  GLY A N   1 
ATOM   1542 C CA  . GLY A 1 187 ? 20.864  -22.331 -19.642 1.00 28.16 ? 185  GLY A CA  1 
ATOM   1543 C C   . GLY A 1 187 ? 21.712  -23.579 -19.596 1.00 30.03 ? 185  GLY A C   1 
ATOM   1544 O O   . GLY A 1 187 ? 21.621  -24.360 -18.650 1.00 26.78 ? 185  GLY A O   1 
ATOM   1545 N N   . VAL A 1 188 ? 22.555  -23.728 -20.604 1.00 24.40 ? 186  VAL A N   1 
ATOM   1546 C CA  . VAL A 1 188 ? 23.498  -24.799 -20.653 1.00 26.04 ? 186  VAL A CA  1 
ATOM   1547 C C   . VAL A 1 188 ? 24.373  -24.690 -19.422 1.00 27.51 ? 186  VAL A C   1 
ATOM   1548 O O   . VAL A 1 188 ? 24.867  -23.659 -19.123 1.00 31.01 ? 186  VAL A O   1 
ATOM   1549 C CB  . VAL A 1 188 ? 24.358  -24.676 -21.915 1.00 23.52 ? 186  VAL A CB  1 
ATOM   1550 C CG1 . VAL A 1 188 ? 25.535  -25.608 -21.860 1.00 25.31 ? 186  VAL A CG1 1 
ATOM   1551 C CG2 . VAL A 1 188 ? 23.559  -25.021 -23.137 1.00 26.08 ? 186  VAL A CG2 1 
ATOM   1552 N N   . GLY A 1 189 ? 24.556  -25.792 -18.726 1.00 28.27 ? 187  GLY A N   1 
ATOM   1553 C CA  . GLY A 1 189 ? 25.398  -25.780 -17.557 1.00 35.87 ? 187  GLY A CA  1 
ATOM   1554 C C   . GLY A 1 189 ? 24.867  -24.903 -16.455 1.00 41.77 ? 187  GLY A C   1 
ATOM   1555 O O   . GLY A 1 189 ? 23.685  -24.620 -16.441 1.00 47.07 ? 187  GLY A O   1 
HETATM 1556 O O   . HOH B 2 .   ? 24.900  -12.361 -16.998 1.00 42.62 ? 2001 HOH A O   1 
HETATM 1557 O O   . HOH B 2 .   ? 24.524  -7.388  -20.010 1.00 51.67 ? 2002 HOH A O   1 
HETATM 1558 O O   . HOH B 2 .   ? 25.104  -13.733 -14.022 1.00 48.34 ? 2003 HOH A O   1 
HETATM 1559 O O   . HOH B 2 .   ? 25.577  -14.448 -18.189 1.00 48.33 ? 2004 HOH A O   1 
HETATM 1560 O O   . HOH B 2 .   ? 23.158  -6.288  -17.684 1.00 47.73 ? 2005 HOH A O   1 
HETATM 1561 O O   . HOH B 2 .   ? 25.931  -17.322 -21.803 1.00 43.23 ? 2006 HOH A O   1 
HETATM 1562 O O   . HOH B 2 .   ? 23.464  -15.295 -19.225 1.00 39.58 ? 2007 HOH A O   1 
HETATM 1563 O O   . HOH B 2 .   ? 22.436  -16.750 -21.824 1.00 39.74 ? 2008 HOH A O   1 
HETATM 1564 O O   . HOH B 2 .   ? 21.239  -4.704  -18.065 1.00 54.91 ? 2009 HOH A O   1 
HETATM 1565 O O   . HOH B 2 .   ? 15.871  -7.637  -24.954 1.00 58.43 ? 2010 HOH A O   1 
HETATM 1566 O O   . HOH B 2 .   ? 15.970  -8.133  -6.859  1.00 35.90 ? 2011 HOH A O   1 
HETATM 1567 O O   . HOH B 2 .   ? 19.721  -12.813 -6.760  1.00 40.74 ? 2012 HOH A O   1 
HETATM 1568 O O   . HOH B 2 .   ? 20.022  -18.871 -18.395 1.00 27.94 ? 2013 HOH A O   1 
HETATM 1569 O O   . HOH B 2 .   ? 23.015  -20.163 -16.960 1.00 31.50 ? 2014 HOH A O   1 
HETATM 1570 O O   . HOH B 2 .   ? 26.189  -16.477 -16.474 1.00 59.08 ? 2015 HOH A O   1 
HETATM 1571 O O   . HOH B 2 .   ? 18.062  -1.177  -15.308 1.00 51.90 ? 2016 HOH A O   1 
HETATM 1572 O O   . HOH B 2 .   ? 16.133  -5.976  -5.543  1.00 36.11 ? 2017 HOH A O   1 
HETATM 1573 O O   . HOH B 2 .   ? 16.044  1.488   -10.811 1.00 42.46 ? 2018 HOH A O   1 
HETATM 1574 O O   . HOH B 2 .   ? 19.252  -5.745  -5.273  1.00 41.60 ? 2019 HOH A O   1 
HETATM 1575 O O   . HOH B 2 .   ? 23.181  -12.612 -12.768 1.00 44.76 ? 2020 HOH A O   1 
HETATM 1576 O O   . HOH B 2 .   ? 13.207  -2.934  -1.864  1.00 33.23 ? 2021 HOH A O   1 
HETATM 1577 O O   . HOH B 2 .   ? 18.394  -5.709  -17.935 1.00 43.43 ? 2022 HOH A O   1 
HETATM 1578 O O   . HOH B 2 .   ? 18.119  -7.703  -22.570 1.00 51.31 ? 2023 HOH A O   1 
HETATM 1579 O O   . HOH B 2 .   ? 21.712  -8.117  -24.762 1.00 57.35 ? 2024 HOH A O   1 
HETATM 1580 O O   . HOH B 2 .   ? 13.639  4.743   -8.522  1.00 51.15 ? 2025 HOH A O   1 
HETATM 1581 O O   . HOH B 2 .   ? 6.180   5.847   -13.872 1.00 50.30 ? 2026 HOH A O   1 
HETATM 1582 O O   . HOH B 2 .   ? 11.518  -2.130  3.037   1.00 31.63 ? 2027 HOH A O   1 
HETATM 1583 O O   . HOH B 2 .   ? 7.843   9.686   -1.891  1.00 41.18 ? 2028 HOH A O   1 
HETATM 1584 O O   . HOH B 2 .   ? 17.428  -9.105  -8.865  1.00 30.03 ? 2029 HOH A O   1 
HETATM 1585 O O   . HOH B 2 .   ? 22.480  -12.859 -7.976  1.00 42.14 ? 2030 HOH A O   1 
HETATM 1586 O O   . HOH B 2 .   ? 5.946   9.845   4.161   1.00 31.03 ? 2031 HOH A O   1 
HETATM 1587 O O   . HOH B 2 .   ? 9.279   8.873   1.496   1.00 36.05 ? 2032 HOH A O   1 
HETATM 1588 O O   . HOH B 2 .   ? 16.518  -3.451  -16.515 1.00 43.26 ? 2033 HOH A O   1 
HETATM 1589 O O   . HOH B 2 .   ? 11.858  -4.277  -14.968 1.00 38.36 ? 2034 HOH A O   1 
HETATM 1590 O O   . HOH B 2 .   ? -7.428  17.558  2.779   1.00 48.09 ? 2035 HOH A O   1 
HETATM 1591 O O   . HOH B 2 .   ? -3.504  19.679  13.416  1.00 40.36 ? 2036 HOH A O   1 
HETATM 1592 O O   . HOH B 2 .   ? 15.570  -3.298  -6.339  1.00 28.86 ? 2037 HOH A O   1 
HETATM 1593 O O   . HOH B 2 .   ? 17.224  -1.007  -10.092 1.00 49.18 ? 2038 HOH A O   1 
HETATM 1594 O O   . HOH B 2 .   ? 19.566  -8.503  -7.072  1.00 38.16 ? 2039 HOH A O   1 
HETATM 1595 O O   . HOH B 2 .   ? -0.712  19.958  8.982   1.00 48.59 ? 2040 HOH A O   1 
HETATM 1596 O O   . HOH B 2 .   ? -3.917  24.031  12.648  1.00 53.34 ? 2041 HOH A O   1 
HETATM 1597 O O   . HOH B 2 .   ? 12.983  1.211   -11.042 1.00 39.65 ? 2042 HOH A O   1 
HETATM 1598 O O   . HOH B 2 .   ? -4.218  20.328  20.870  1.00 37.11 ? 2043 HOH A O   1 
HETATM 1599 O O   . HOH B 2 .   ? -3.865  18.826  16.226  1.00 35.28 ? 2044 HOH A O   1 
HETATM 1600 O O   . HOH B 2 .   ? 6.988   -2.533  -10.876 1.00 30.13 ? 2045 HOH A O   1 
HETATM 1601 O O   . HOH B 2 .   ? -13.434 21.877  22.984  1.00 50.38 ? 2046 HOH A O   1 
HETATM 1602 O O   . HOH B 2 .   ? 14.560  -1.768  -4.310  1.00 31.28 ? 2047 HOH A O   1 
HETATM 1603 O O   . HOH B 2 .   ? -15.827 25.470  8.475   1.00 49.83 ? 2048 HOH A O   1 
HETATM 1604 O O   . HOH B 2 .   ? -23.607 25.382  16.020  1.00 35.89 ? 2049 HOH A O   1 
HETATM 1605 O O   . HOH B 2 .   ? -23.228 23.764  11.944  1.00 44.44 ? 2050 HOH A O   1 
HETATM 1606 O O   . HOH B 2 .   ? 12.148  3.411   -10.052 1.00 41.98 ? 2051 HOH A O   1 
HETATM 1607 O O   . HOH B 2 .   ? 6.041   6.785   -11.023 1.00 49.32 ? 2052 HOH A O   1 
HETATM 1608 O O   . HOH B 2 .   ? -24.283 12.984  13.025  1.00 53.41 ? 2053 HOH A O   1 
HETATM 1609 O O   . HOH B 2 .   ? -25.828 22.242  19.222  1.00 36.81 ? 2054 HOH A O   1 
HETATM 1610 O O   . HOH B 2 .   ? -22.322 20.478  7.799   1.00 47.54 ? 2055 HOH A O   1 
HETATM 1611 O O   . HOH B 2 .   ? -21.468 18.636  -0.562  1.00 56.18 ? 2056 HOH A O   1 
HETATM 1612 O O   . HOH B 2 .   ? 13.600  -1.785  0.972   1.00 37.53 ? 2057 HOH A O   1 
HETATM 1613 O O   . HOH B 2 .   ? -14.847 5.824   7.314   1.00 36.13 ? 2058 HOH A O   1 
HETATM 1614 O O   . HOH B 2 .   ? -14.760 10.539  -1.925  1.00 49.56 ? 2059 HOH A O   1 
HETATM 1615 O O   . HOH B 2 .   ? 8.812   7.814   -4.001  1.00 36.46 ? 2060 HOH A O   1 
HETATM 1616 O O   . HOH B 2 .   ? 8.190   8.719   -11.907 1.00 58.99 ? 2061 HOH A O   1 
HETATM 1617 O O   . HOH B 2 .   ? -13.557 3.150   -5.029  1.00 36.70 ? 2062 HOH A O   1 
HETATM 1618 O O   . HOH B 2 .   ? -14.474 0.617   -0.938  1.00 45.14 ? 2063 HOH A O   1 
HETATM 1619 O O   . HOH B 2 .   ? 2.157   5.563   -5.386  1.00 35.24 ? 2064 HOH A O   1 
HETATM 1620 O O   . HOH B 2 .   ? -11.933 11.188  -4.138  1.00 44.98 ? 2065 HOH A O   1 
HETATM 1621 O O   . HOH B 2 .   ? -20.045 16.452  -0.840  1.00 55.70 ? 2066 HOH A O   1 
HETATM 1622 O O   . HOH B 2 .   ? 7.098   7.695   2.463   1.00 27.69 ? 2067 HOH A O   1 
HETATM 1623 O O   . HOH B 2 .   ? 1.806   5.958   -10.691 1.00 48.84 ? 2068 HOH A O   1 
HETATM 1624 O O   . HOH B 2 .   ? 1.313   4.633   -12.801 1.00 48.59 ? 2069 HOH A O   1 
HETATM 1625 O O   . HOH B 2 .   ? -0.722  -13.657 -15.441 1.00 45.24 ? 2070 HOH A O   1 
HETATM 1626 O O   . HOH B 2 .   ? 6.523   12.253  -4.295  1.00 57.59 ? 2071 HOH A O   1 
HETATM 1627 O O   . HOH B 2 .   ? 1.781   8.155   -6.554  1.00 51.67 ? 2072 HOH A O   1 
HETATM 1628 O O   . HOH B 2 .   ? 1.717   -14.686 -17.279 1.00 53.38 ? 2073 HOH A O   1 
HETATM 1629 O O   . HOH B 2 .   ? 2.159   -12.772 -19.220 1.00 51.88 ? 2074 HOH A O   1 
HETATM 1630 O O   . HOH B 2 .   ? 1.785   -15.572 -20.101 1.00 50.80 ? 2075 HOH A O   1 
HETATM 1631 O O   . HOH B 2 .   ? -1.609  14.724  -0.192  1.00 49.35 ? 2076 HOH A O   1 
HETATM 1632 O O   . HOH B 2 .   ? -0.306  13.392  -8.006  1.00 51.83 ? 2077 HOH A O   1 
HETATM 1633 O O   . HOH B 2 .   ? 1.860   13.743  -6.290  1.00 54.42 ? 2078 HOH A O   1 
HETATM 1634 O O   . HOH B 2 .   ? 13.167  -8.761  -24.605 1.00 48.29 ? 2079 HOH A O   1 
HETATM 1635 O O   . HOH B 2 .   ? 12.050  -4.613  -21.598 1.00 51.18 ? 2080 HOH A O   1 
HETATM 1636 O O   . HOH B 2 .   ? 6.423   14.391  6.437   1.00 49.01 ? 2081 HOH A O   1 
HETATM 1637 O O   . HOH B 2 .   ? 9.345   -13.258 -27.922 1.00 45.18 ? 2082 HOH A O   1 
HETATM 1638 O O   . HOH B 2 .   ? -1.619  17.912  5.031   1.00 40.90 ? 2083 HOH A O   1 
HETATM 1639 O O   . HOH B 2 .   ? 2.449   14.113  -1.317  1.00 50.80 ? 2084 HOH A O   1 
HETATM 1640 O O   . HOH B 2 .   ? 14.491  -15.738 -29.209 1.00 36.07 ? 2085 HOH A O   1 
HETATM 1641 O O   . HOH B 2 .   ? 3.958   -18.997 -24.791 1.00 49.10 ? 2086 HOH A O   1 
HETATM 1642 O O   . HOH B 2 .   ? 7.339   -18.470 -26.811 1.00 29.39 ? 2087 HOH A O   1 
HETATM 1643 O O   . HOH B 2 .   ? 8.022   -16.111 -28.397 1.00 41.87 ? 2088 HOH A O   1 
HETATM 1644 O O   . HOH B 2 .   ? 6.869   -15.942 -30.612 1.00 44.22 ? 2089 HOH A O   1 
HETATM 1645 O O   . HOH B 2 .   ? 4.173   -14.747 -30.265 1.00 49.90 ? 2090 HOH A O   1 
HETATM 1646 O O   . HOH B 2 .   ? -7.772  14.703  4.049   1.00 42.72 ? 2091 HOH A O   1 
HETATM 1647 O O   . HOH B 2 .   ? 10.546  -25.173 -17.404 1.00 56.02 ? 2092 HOH A O   1 
HETATM 1648 O O   . HOH B 2 .   ? 5.118   -18.713 -22.007 1.00 45.56 ? 2093 HOH A O   1 
HETATM 1649 O O   . HOH B 2 .   ? 12.951  -26.197 -19.137 1.00 45.71 ? 2094 HOH A O   1 
HETATM 1650 O O   . HOH B 2 .   ? -2.812  18.007  11.503  1.00 38.69 ? 2095 HOH A O   1 
HETATM 1651 O O   . HOH B 2 .   ? -2.617  19.416  6.709   1.00 42.89 ? 2096 HOH A O   1 
HETATM 1652 O O   . HOH B 2 .   ? -7.285  20.639  6.626   1.00 33.05 ? 2097 HOH A O   1 
HETATM 1653 O O   . HOH B 2 .   ? -4.092  21.938  2.440   1.00 56.90 ? 2098 HOH A O   1 
HETATM 1654 O O   . HOH B 2 .   ? -11.908 16.259  9.093   1.00 36.38 ? 2099 HOH A O   1 
HETATM 1655 O O   . HOH B 2 .   ? -9.229  -12.567 -6.416  1.00 50.32 ? 2100 HOH A O   1 
HETATM 1656 O O   . HOH B 2 .   ? -6.431  23.751  12.154  1.00 39.25 ? 2101 HOH A O   1 
HETATM 1657 O O   . HOH B 2 .   ? -4.540  -11.677 2.715   1.00 47.33 ? 2102 HOH A O   1 
HETATM 1658 O O   . HOH B 2 .   ? -7.495  -9.002  2.325   1.00 39.39 ? 2103 HOH A O   1 
HETATM 1659 O O   . HOH B 2 .   ? -8.243  22.660  7.756   1.00 39.38 ? 2104 HOH A O   1 
HETATM 1660 O O   . HOH B 2 .   ? -9.910  -8.142  0.834   1.00 39.98 ? 2105 HOH A O   1 
HETATM 1661 O O   . HOH B 2 .   ? -11.706 -3.957  0.943   1.00 37.81 ? 2106 HOH A O   1 
HETATM 1662 O O   . HOH B 2 .   ? -9.706  -4.880  -2.442  1.00 42.08 ? 2107 HOH A O   1 
HETATM 1663 O O   . HOH B 2 .   ? -2.978  20.464  18.139  1.00 40.72 ? 2108 HOH A O   1 
HETATM 1664 O O   . HOH B 2 .   ? -2.483  22.026  13.044  1.00 53.42 ? 2109 HOH A O   1 
HETATM 1665 O O   . HOH B 2 .   ? -11.301 27.779  13.900  1.00 41.81 ? 2110 HOH A O   1 
HETATM 1666 O O   . HOH B 2 .   ? -9.284  -0.066  17.641  1.00 61.53 ? 2111 HOH A O   1 
HETATM 1667 O O   . HOH B 2 .   ? -7.219  -2.450  14.279  1.00 58.58 ? 2112 HOH A O   1 
HETATM 1668 O O   . HOH B 2 .   ? -17.456 5.514   8.983   1.00 42.92 ? 2113 HOH A O   1 
HETATM 1669 O O   . HOH B 2 .   ? -11.424 1.568   18.208  1.00 50.23 ? 2114 HOH A O   1 
HETATM 1670 O O   . HOH B 2 .   ? -14.065 -2.017  18.035  1.00 60.20 ? 2115 HOH A O   1 
HETATM 1671 O O   . HOH B 2 .   ? -18.189 -4.554  6.364   1.00 58.09 ? 2116 HOH A O   1 
HETATM 1672 O O   . HOH B 2 .   ? -15.802 -4.533  3.503   1.00 50.33 ? 2117 HOH A O   1 
HETATM 1673 O O   . HOH B 2 .   ? -15.001 22.911  20.762  1.00 38.53 ? 2118 HOH A O   1 
HETATM 1674 O O   . HOH B 2 .   ? -6.323  25.941  13.525  1.00 51.99 ? 2119 HOH A O   1 
HETATM 1675 O O   . HOH B 2 .   ? -18.501 3.332   20.841  1.00 54.89 ? 2120 HOH A O   1 
HETATM 1676 O O   . HOH B 2 .   ? -20.226 29.344  12.322  1.00 50.38 ? 2121 HOH A O   1 
HETATM 1677 O O   . HOH B 2 .   ? -21.370 24.074  19.922  1.00 28.12 ? 2122 HOH A O   1 
HETATM 1678 O O   . HOH B 2 .   ? -16.746 21.513  19.586  1.00 39.35 ? 2123 HOH A O   1 
HETATM 1679 O O   . HOH B 2 .   ? -18.538 19.110  19.241  1.00 40.25 ? 2124 HOH A O   1 
HETATM 1680 O O   . HOH B 2 .   ? -14.431 25.816  10.780  1.00 52.96 ? 2125 HOH A O   1 
HETATM 1681 O O   . HOH B 2 .   ? -8.645  15.722  29.043  1.00 48.34 ? 2126 HOH A O   1 
HETATM 1682 O O   . HOH B 2 .   ? -2.178  16.517  19.241  1.00 38.66 ? 2127 HOH A O   1 
HETATM 1683 O O   . HOH B 2 .   ? -21.790 24.268  14.722  1.00 39.85 ? 2128 HOH A O   1 
HETATM 1684 O O   . HOH B 2 .   ? -1.752  16.051  14.685  1.00 42.15 ? 2129 HOH A O   1 
HETATM 1685 O O   . HOH B 2 .   ? -25.862 25.125  14.472  1.00 46.00 ? 2130 HOH A O   1 
HETATM 1686 O O   . HOH B 2 .   ? -21.983 18.657  19.433  1.00 48.81 ? 2131 HOH A O   1 
HETATM 1687 O O   . HOH B 2 .   ? -23.165 16.961  20.890  1.00 52.44 ? 2132 HOH A O   1 
HETATM 1688 O O   . HOH B 2 .   ? -22.615 13.937  10.917  1.00 45.67 ? 2133 HOH A O   1 
HETATM 1689 O O   . HOH B 2 .   ? -24.414 19.392  19.758  1.00 49.12 ? 2134 HOH A O   1 
HETATM 1690 O O   . HOH B 2 .   ? -19.492 19.394  7.932   1.00 34.24 ? 2135 HOH A O   1 
HETATM 1691 O O   . HOH B 2 .   ? -13.860 16.987  10.640  1.00 32.77 ? 2136 HOH A O   1 
HETATM 1692 O O   . HOH B 2 .   ? 4.027   -1.680  13.092  1.00 36.51 ? 2137 HOH A O   1 
HETATM 1693 O O   . HOH B 2 .   ? -20.648 15.218  3.225   1.00 50.79 ? 2138 HOH A O   1 
HETATM 1694 O O   . HOH B 2 .   ? -19.532 18.406  5.496   1.00 45.80 ? 2139 HOH A O   1 
HETATM 1695 O O   . HOH B 2 .   ? -18.661 16.757  3.442   1.00 55.91 ? 2140 HOH A O   1 
HETATM 1696 O O   . HOH B 2 .   ? -23.799 17.025  1.291   1.00 58.06 ? 2141 HOH A O   1 
HETATM 1697 O O   . HOH B 2 .   ? 9.005   -7.356  6.628   1.00 34.20 ? 2142 HOH A O   1 
HETATM 1698 O O   . HOH B 2 .   ? 8.811   -9.657  7.880   1.00 52.69 ? 2143 HOH A O   1 
HETATM 1699 O O   . HOH B 2 .   ? 13.314  -5.499  1.620   1.00 34.18 ? 2144 HOH A O   1 
HETATM 1700 O O   . HOH B 2 .   ? 7.495   -10.650 6.272   1.00 47.39 ? 2145 HOH A O   1 
HETATM 1701 O O   . HOH B 2 .   ? 15.722  -5.648  -2.711  1.00 43.75 ? 2146 HOH A O   1 
HETATM 1702 O O   . HOH B 2 .   ? 14.796  -7.994  2.302   1.00 42.76 ? 2147 HOH A O   1 
HETATM 1703 O O   . HOH B 2 .   ? -15.920 7.456   5.432   1.00 33.28 ? 2148 HOH A O   1 
HETATM 1704 O O   . HOH B 2 .   ? -26.077 9.263   9.030   1.00 53.76 ? 2149 HOH A O   1 
HETATM 1705 O O   . HOH B 2 .   ? -15.810 12.060  0.001   1.00 39.65 ? 2150 HOH A O   1 
HETATM 1706 O O   . HOH B 2 .   ? 20.253  -16.412 1.875   1.00 58.80 ? 2151 HOH A O   1 
HETATM 1707 O O   . HOH B 2 .   ? -9.142  13.615  2.523   1.00 37.85 ? 2152 HOH A O   1 
HETATM 1708 O O   . HOH B 2 .   ? 20.523  -15.810 -3.502  1.00 53.92 ? 2153 HOH A O   1 
HETATM 1709 O O   . HOH B 2 .   ? -14.176 5.437   3.989   1.00 39.59 ? 2154 HOH A O   1 
HETATM 1710 O O   . HOH B 2 .   ? -14.344 3.109   -2.166  1.00 51.08 ? 2155 HOH A O   1 
HETATM 1711 O O   . HOH B 2 .   ? -9.730  10.307  -3.179  1.00 34.82 ? 2156 HOH A O   1 
HETATM 1712 O O   . HOH B 2 .   ? -17.513 15.632  -1.016  1.00 58.48 ? 2157 HOH A O   1 
HETATM 1713 O O   . HOH B 2 .   ? 26.286  -19.365 -20.408 1.00 47.98 ? 2158 HOH A O   1 
HETATM 1714 O O   . HOH B 2 .   ? 22.399  -23.005 -12.569 1.00 53.09 ? 2159 HOH A O   1 
HETATM 1715 O O   . HOH B 2 .   ? -18.543 4.606   -3.584  1.00 60.22 ? 2160 HOH A O   1 
HETATM 1716 O O   . HOH B 2 .   ? -10.697 4.637   -6.063  1.00 37.67 ? 2161 HOH A O   1 
HETATM 1717 O O   . HOH B 2 .   ? -8.657  9.141   -5.509  1.00 39.51 ? 2162 HOH A O   1 
HETATM 1718 O O   . HOH B 2 .   ? -6.117  3.184   -10.803 1.00 46.33 ? 2163 HOH A O   1 
HETATM 1719 O O   . HOH B 2 .   ? 0.794   4.249   -7.056  1.00 30.17 ? 2164 HOH A O   1 
HETATM 1720 O O   . HOH B 2 .   ? -11.879 -0.070  -8.188  1.00 46.32 ? 2165 HOH A O   1 
HETATM 1721 O O   . HOH B 2 .   ? 0.519   1.994   -13.194 1.00 33.66 ? 2166 HOH A O   1 
HETATM 1722 O O   . HOH B 2 .   ? 4.857   -1.725  -9.520  1.00 30.19 ? 2167 HOH A O   1 
HETATM 1723 O O   . HOH B 2 .   ? -2.418  2.028   -19.628 1.00 51.06 ? 2168 HOH A O   1 
HETATM 1724 O O   . HOH B 2 .   ? -5.568  0.417   -17.001 1.00 44.98 ? 2169 HOH A O   1 
HETATM 1725 O O   . HOH B 2 .   ? 2.442   -10.477 -15.753 1.00 33.72 ? 2170 HOH A O   1 
HETATM 1726 O O   . HOH B 2 .   ? -0.147  -12.451 -12.952 1.00 33.62 ? 2171 HOH A O   1 
HETATM 1727 O O   . HOH B 2 .   ? -3.173  -9.966  -10.880 1.00 34.98 ? 2172 HOH A O   1 
HETATM 1728 O O   . HOH B 2 .   ? -0.037  -10.706 -15.444 1.00 40.02 ? 2173 HOH A O   1 
HETATM 1729 O O   . HOH B 2 .   ? -3.918  -11.318 -16.125 1.00 43.12 ? 2174 HOH A O   1 
HETATM 1730 O O   . HOH B 2 .   ? 4.509   -5.347  -20.569 1.00 34.62 ? 2175 HOH A O   1 
HETATM 1731 O O   . HOH B 2 .   ? 1.480   1.592   -15.682 1.00 46.86 ? 2176 HOH A O   1 
HETATM 1732 O O   . HOH B 2 .   ? 0.065   1.480   -19.677 1.00 51.25 ? 2177 HOH A O   1 
HETATM 1733 O O   . HOH B 2 .   ? 0.340   -6.506  -18.079 1.00 32.21 ? 2178 HOH A O   1 
HETATM 1734 O O   . HOH B 2 .   ? -0.979  -2.650  -18.458 1.00 36.20 ? 2179 HOH A O   1 
HETATM 1735 O O   . HOH B 2 .   ? 10.734  -5.539  -16.669 1.00 32.33 ? 2180 HOH A O   1 
HETATM 1736 O O   . HOH B 2 .   ? 3.554   -12.176 -17.229 1.00 46.75 ? 2181 HOH A O   1 
HETATM 1737 O O   . HOH B 2 .   ? 5.498   -6.913  -22.455 1.00 50.36 ? 2182 HOH A O   1 
HETATM 1738 O O   . HOH B 2 .   ? 2.730   -13.932 -21.762 1.00 49.13 ? 2183 HOH A O   1 
HETATM 1739 O O   . HOH B 2 .   ? 4.412   -9.301  -26.779 1.00 59.74 ? 2184 HOH A O   1 
HETATM 1740 O O   . HOH B 2 .   ? 11.393  -7.803  -22.571 1.00 34.79 ? 2185 HOH A O   1 
HETATM 1741 O O   . HOH B 2 .   ? 10.352  -0.993  -17.899 1.00 51.75 ? 2186 HOH A O   1 
HETATM 1742 O O   . HOH B 2 .   ? 9.497   -17.082 -20.524 1.00 29.76 ? 2187 HOH A O   1 
HETATM 1743 O O   . HOH B 2 .   ? 11.588  -12.858 -26.501 1.00 32.54 ? 2188 HOH A O   1 
HETATM 1744 O O   . HOH B 2 .   ? 19.946  -9.531  -26.055 1.00 55.66 ? 2189 HOH A O   1 
HETATM 1745 O O   . HOH B 2 .   ? 12.406  -15.010 -28.019 1.00 39.76 ? 2190 HOH A O   1 
HETATM 1746 O O   . HOH B 2 .   ? 5.176   -17.260 -26.133 1.00 45.39 ? 2191 HOH A O   1 
HETATM 1747 O O   . HOH B 2 .   ? 5.027   -15.582 -27.981 1.00 54.54 ? 2192 HOH A O   1 
HETATM 1748 O O   . HOH B 2 .   ? 17.117  -9.141  -26.720 1.00 48.16 ? 2193 HOH A O   1 
HETATM 1749 O O   . HOH B 2 .   ? 15.146  -24.059 -22.531 1.00 37.64 ? 2194 HOH A O   1 
HETATM 1750 O O   . HOH B 2 .   ? 8.779   -19.368 -24.379 1.00 28.45 ? 2195 HOH A O   1 
HETATM 1751 O O   . HOH B 2 .   ? 12.912  -24.880 -24.069 1.00 33.43 ? 2196 HOH A O   1 
HETATM 1752 O O   . HOH B 2 .   ? 9.831   -25.626 -21.826 1.00 44.91 ? 2197 HOH A O   1 
HETATM 1753 O O   . HOH B 2 .   ? 8.404   -25.920 -18.488 1.00 48.12 ? 2198 HOH A O   1 
HETATM 1754 O O   . HOH B 2 .   ? 7.558   -18.953 -22.073 1.00 38.12 ? 2199 HOH A O   1 
HETATM 1755 O O   . HOH B 2 .   ? 10.779  -22.487 -16.693 1.00 30.90 ? 2200 HOH A O   1 
HETATM 1756 O O   . HOH B 2 .   ? 11.818  -24.413 -20.795 1.00 35.55 ? 2201 HOH A O   1 
HETATM 1757 O O   . HOH B 2 .   ? 7.241   -22.491 -10.323 1.00 41.92 ? 2202 HOH A O   1 
HETATM 1758 O O   . HOH B 2 .   ? 13.124  -27.945 -12.086 1.00 57.31 ? 2203 HOH A O   1 
HETATM 1759 O O   . HOH B 2 .   ? 12.770  -23.462 -15.145 1.00 45.02 ? 2204 HOH A O   1 
HETATM 1760 O O   . HOH B 2 .   ? 3.878   -14.982 -15.614 1.00 32.85 ? 2205 HOH A O   1 
HETATM 1761 O O   . HOH B 2 .   ? 2.928   -12.602 -13.880 1.00 30.81 ? 2206 HOH A O   1 
HETATM 1762 O O   . HOH B 2 .   ? -0.735  -13.609 -10.656 1.00 25.97 ? 2207 HOH A O   1 
HETATM 1763 O O   . HOH B 2 .   ? 1.167   -16.196 -4.010  1.00 34.44 ? 2208 HOH A O   1 
HETATM 1764 O O   . HOH B 2 .   ? 6.217   -21.609 -8.086  1.00 49.55 ? 2209 HOH A O   1 
HETATM 1765 O O   . HOH B 2 .   ? 6.118   -10.992 -4.274  1.00 26.22 ? 2210 HOH A O   1 
HETATM 1766 O O   . HOH B 2 .   ? -2.681  -12.297 -9.359  1.00 29.43 ? 2211 HOH A O   1 
HETATM 1767 O O   . HOH B 2 .   ? -6.299  -13.154 -7.355  1.00 47.84 ? 2212 HOH A O   1 
HETATM 1768 O O   . HOH B 2 .   ? -3.003  -15.151 -2.216  1.00 33.70 ? 2213 HOH A O   1 
HETATM 1769 O O   . HOH B 2 .   ? -5.969  -12.294 -3.984  1.00 43.51 ? 2214 HOH A O   1 
HETATM 1770 O O   . HOH B 2 .   ? 3.675   -9.952  -0.120  1.00 39.85 ? 2215 HOH A O   1 
HETATM 1771 O O   . HOH B 2 .   ? -0.142  -15.391 -2.118  1.00 42.34 ? 2216 HOH A O   1 
HETATM 1772 O O   . HOH B 2 .   ? 3.440   -12.272 0.770   1.00 50.24 ? 2217 HOH A O   1 
HETATM 1773 O O   . HOH B 2 .   ? 3.258   -17.985 -2.898  1.00 42.42 ? 2218 HOH A O   1 
HETATM 1774 O O   . HOH B 2 .   ? -8.614  -12.061 -9.738  1.00 47.43 ? 2219 HOH A O   1 
HETATM 1775 O O   . HOH B 2 .   ? -8.957  -8.076  -8.063  1.00 47.70 ? 2220 HOH A O   1 
HETATM 1776 O O   . HOH B 2 .   ? -5.575  -10.308 1.085   1.00 31.03 ? 2221 HOH A O   1 
HETATM 1777 O O   . HOH B 2 .   ? -2.183  -15.742 2.174   1.00 55.25 ? 2222 HOH A O   1 
HETATM 1778 O O   . HOH B 2 .   ? -1.658  -11.194 3.073   1.00 42.21 ? 2223 HOH A O   1 
HETATM 1779 O O   . HOH B 2 .   ? -9.612  -5.309  0.214   1.00 33.16 ? 2224 HOH A O   1 
HETATM 1780 O O   . HOH B 2 .   ? -7.026  -11.657 -1.284  1.00 47.96 ? 2225 HOH A O   1 
HETATM 1781 O O   . HOH B 2 .   ? -9.286  -11.695 -4.066  1.00 54.80 ? 2226 HOH A O   1 
HETATM 1782 O O   . HOH B 2 .   ? -6.550  -5.729  -5.137  1.00 41.65 ? 2227 HOH A O   1 
HETATM 1783 O O   . HOH B 2 .   ? -0.237  -9.582  6.381   1.00 44.90 ? 2228 HOH A O   1 
HETATM 1784 O O   . HOH B 2 .   ? -14.075 3.619   6.015   1.00 28.68 ? 2229 HOH A O   1 
HETATM 1785 O O   . HOH B 2 .   ? -16.253 2.568   5.016   1.00 44.77 ? 2230 HOH A O   1 
HETATM 1786 O O   . HOH B 2 .   ? -8.324  -0.228  14.629  1.00 41.54 ? 2231 HOH A O   1 
HETATM 1787 O O   . HOH B 2 .   ? -12.505 -2.766  13.339  1.00 46.72 ? 2232 HOH A O   1 
HETATM 1788 O O   . HOH B 2 .   ? -8.590  2.934   14.077  1.00 37.49 ? 2233 HOH A O   1 
HETATM 1789 O O   . HOH B 2 .   ? -17.783 4.791   11.467  1.00 31.77 ? 2234 HOH A O   1 
HETATM 1790 O O   . HOH B 2 .   ? -14.721 -2.422  6.817   1.00 47.93 ? 2235 HOH A O   1 
HETATM 1791 O O   . HOH B 2 .   ? -16.000 -2.531  10.276  1.00 55.11 ? 2236 HOH A O   1 
HETATM 1792 O O   . HOH B 2 .   ? -13.590 2.773   17.571  1.00 35.66 ? 2237 HOH A O   1 
HETATM 1793 O O   . HOH B 2 .   ? -11.751 4.240   18.403  1.00 50.70 ? 2238 HOH A O   1 
HETATM 1794 O O   . HOH B 2 .   ? -16.189 -0.746  15.430  1.00 51.65 ? 2239 HOH A O   1 
HETATM 1795 O O   . HOH B 2 .   ? -18.936 -2.566  12.765  1.00 62.62 ? 2240 HOH A O   1 
HETATM 1796 O O   . HOH B 2 .   ? -9.812  8.900   16.590  1.00 35.62 ? 2241 HOH A O   1 
HETATM 1797 O O   . HOH B 2 .   ? -19.432 5.807   18.490  1.00 33.91 ? 2242 HOH A O   1 
HETATM 1798 O O   . HOH B 2 .   ? -14.462 3.600   19.768  1.00 45.67 ? 2243 HOH A O   1 
HETATM 1799 O O   . HOH B 2 .   ? -20.986 12.393  18.617  1.00 33.86 ? 2244 HOH A O   1 
HETATM 1800 O O   . HOH B 2 .   ? -26.295 8.545   16.371  1.00 60.03 ? 2245 HOH A O   1 
HETATM 1801 O O   . HOH B 2 .   ? -16.386 16.797  23.383  1.00 39.56 ? 2246 HOH A O   1 
HETATM 1802 O O   . HOH B 2 .   ? -21.284 6.927   19.985  1.00 44.92 ? 2247 HOH A O   1 
HETATM 1803 O O   . HOH B 2 .   ? -18.561 7.518   25.950  1.00 40.21 ? 2248 HOH A O   1 
HETATM 1804 O O   . HOH B 2 .   ? -14.587 19.082  22.379  1.00 46.33 ? 2249 HOH A O   1 
HETATM 1805 O O   . HOH B 2 .   ? -11.013 16.226  28.125  1.00 38.44 ? 2250 HOH A O   1 
HETATM 1806 O O   . HOH B 2 .   ? -8.636  21.293  24.957  1.00 42.71 ? 2251 HOH A O   1 
HETATM 1807 O O   . HOH B 2 .   ? -7.433  22.995  23.552  1.00 41.79 ? 2252 HOH A O   1 
HETATM 1808 O O   . HOH B 2 .   ? -6.281  21.721  21.568  1.00 38.38 ? 2253 HOH A O   1 
HETATM 1809 O O   . HOH B 2 .   ? -3.696  17.606  21.461  1.00 33.33 ? 2254 HOH A O   1 
HETATM 1810 O O   . HOH B 2 .   ? -5.134  21.437  27.074  1.00 39.69 ? 2255 HOH A O   1 
HETATM 1811 O O   . HOH B 2 .   ? -1.388  16.899  23.413  1.00 48.54 ? 2256 HOH A O   1 
HETATM 1812 O O   . HOH B 2 .   ? -0.523  19.253  24.394  1.00 56.77 ? 2257 HOH A O   1 
HETATM 1813 O O   . HOH B 2 .   ? -6.328  11.419  24.275  1.00 40.93 ? 2258 HOH A O   1 
HETATM 1814 O O   . HOH B 2 .   ? -3.209  15.942  16.727  1.00 31.54 ? 2259 HOH A O   1 
HETATM 1815 O O   . HOH B 2 .   ? -0.932  11.594  19.851  1.00 43.17 ? 2260 HOH A O   1 
HETATM 1816 O O   . HOH B 2 .   ? 2.519   12.288  25.010  1.00 62.35 ? 2261 HOH A O   1 
HETATM 1817 O O   . HOH B 2 .   ? 4.564   13.876  17.711  1.00 46.60 ? 2262 HOH A O   1 
HETATM 1818 O O   . HOH B 2 .   ? 0.599   17.588  16.206  1.00 47.18 ? 2263 HOH A O   1 
HETATM 1819 O O   . HOH B 2 .   ? -0.069  5.627   17.613  1.00 35.63 ? 2264 HOH A O   1 
HETATM 1820 O O   . HOH B 2 .   ? -4.559  5.124   19.625  1.00 50.94 ? 2265 HOH A O   1 
HETATM 1821 O O   . HOH B 2 .   ? -6.204  3.199   14.202  1.00 38.32 ? 2266 HOH A O   1 
HETATM 1822 O O   . HOH B 2 .   ? 5.270   7.033   10.781  1.00 27.39 ? 2267 HOH A O   1 
HETATM 1823 O O   . HOH B 2 .   ? 4.901   8.300   15.418  1.00 44.91 ? 2268 HOH A O   1 
HETATM 1824 O O   . HOH B 2 .   ? -0.741  -0.403  13.178  1.00 32.22 ? 2269 HOH A O   1 
HETATM 1825 O O   . HOH B 2 .   ? 4.983   -0.348  10.953  1.00 27.06 ? 2270 HOH A O   1 
HETATM 1826 O O   . HOH B 2 .   ? 4.697   -1.566  15.499  1.00 48.23 ? 2271 HOH A O   1 
HETATM 1827 O O   . HOH B 2 .   ? 0.709   0.150   15.562  1.00 42.97 ? 2272 HOH A O   1 
HETATM 1828 O O   . HOH B 2 .   ? -2.610  -1.153  6.584   1.00 37.36 ? 2273 HOH A O   1 
HETATM 1829 O O   . HOH B 2 .   ? 6.783   -5.965  7.890   1.00 33.17 ? 2274 HOH A O   1 
HETATM 1830 O O   . HOH B 2 .   ? 1.051   -2.168  12.359  1.00 38.00 ? 2275 HOH A O   1 
HETATM 1831 O O   . HOH B 2 .   ? 0.820   -8.443  11.114  1.00 54.56 ? 2276 HOH A O   1 
HETATM 1832 O O   . HOH B 2 .   ? 11.328  -4.875  3.287   1.00 27.62 ? 2277 HOH A O   1 
HETATM 1833 O O   . HOH B 2 .   ? 7.373   -10.809 3.746   1.00 35.54 ? 2278 HOH A O   1 
HETATM 1834 O O   . HOH B 2 .   ? 2.416   -11.062 7.951   1.00 52.33 ? 2279 HOH A O   1 
HETATM 1835 O O   . HOH B 2 .   ? 5.403   -9.313  -2.367  1.00 23.49 ? 2280 HOH A O   1 
HETATM 1836 O O   . HOH B 2 .   ? 13.176  -5.560  -1.336  1.00 33.08 ? 2281 HOH A O   1 
HETATM 1837 O O   . HOH B 2 .   ? 14.053  -10.556 1.162   1.00 31.04 ? 2282 HOH A O   1 
HETATM 1838 O O   . HOH B 2 .   ? 9.107   -12.793 3.577   1.00 49.25 ? 2283 HOH A O   1 
HETATM 1839 O O   . HOH B 2 .   ? 16.367  -10.448 -5.050  1.00 29.56 ? 2284 HOH A O   1 
HETATM 1840 O O   . HOH B 2 .   ? 14.960  -16.764 -1.887  1.00 36.91 ? 2285 HOH A O   1 
HETATM 1841 O O   . HOH B 2 .   ? 14.586  -14.643 3.042   1.00 53.45 ? 2286 HOH A O   1 
HETATM 1842 O O   . HOH B 2 .   ? 17.606  -11.643 -7.386  1.00 39.43 ? 2287 HOH A O   1 
HETATM 1843 O O   . HOH B 2 .   ? 19.252  -16.202 -7.250  1.00 36.04 ? 2288 HOH A O   1 
HETATM 1844 O O   . HOH B 2 .   ? 16.201  -14.468 0.513   1.00 50.73 ? 2289 HOH A O   1 
HETATM 1845 O O   . HOH B 2 .   ? 15.886  -12.015 0.067   1.00 44.95 ? 2290 HOH A O   1 
HETATM 1846 O O   . HOH B 2 .   ? 14.451  -21.433 -7.757  1.00 35.23 ? 2291 HOH A O   1 
HETATM 1847 O O   . HOH B 2 .   ? 19.405  -18.223 -4.894  1.00 46.50 ? 2292 HOH A O   1 
HETATM 1848 O O   . HOH B 2 .   ? 18.349  -24.976 -3.155  1.00 55.33 ? 2293 HOH A O   1 
HETATM 1849 O O   . HOH B 2 .   ? 14.994  -23.818 -15.085 1.00 42.94 ? 2294 HOH A O   1 
HETATM 1850 O O   . HOH B 2 .   ? 20.781  -26.325 -16.195 1.00 46.31 ? 2295 HOH A O   1 
HETATM 1851 O O   . HOH B 2 .   ? 15.471  -23.536 -8.746  1.00 45.11 ? 2296 HOH A O   1 
HETATM 1852 O O   . HOH B 2 .   ? 16.052  -25.713 -20.893 1.00 36.91 ? 2297 HOH A O   1 
HETATM 1853 O O   . HOH B 2 .   ? 24.259  -20.828 -19.559 1.00 37.90 ? 2298 HOH A O   1 
HETATM 1854 O O   . HOH B 2 .   ? 22.539  -24.899 -13.676 1.00 54.02 ? 2299 HOH A O   1 
HETATM 1855 O O   . HOH B 2 .   ? 27.399  -27.472 -18.354 1.00 43.20 ? 2300 HOH A O   1 
HETATM 1856 O O   . HOH B 2 .   ? 1.463   -4.735  -29.523 1.00 60.96 ? 2301 HOH A O   1 
HETATM 1857 O O   . HOH B 2 .   ? -12.603 -2.202  -2.616  1.00 49.57 ? 2302 HOH A O   1 
# 
